data_7EI6
# 
_entry.id   7EI6 
# 
_audit_conform.dict_name       mmcif_pdbx.dic 
_audit_conform.dict_version    5.380 
_audit_conform.dict_location   http://mmcif.pdb.org/dictionaries/ascii/mmcif_pdbx.dic 
# 
loop_
_database_2.database_id 
_database_2.database_code 
_database_2.pdbx_database_accession 
_database_2.pdbx_DOI 
PDB   7EI6         pdb_00007ei6 10.2210/pdb7ei6/pdb 
WWPDB D_1300021442 ?            ?                   
# 
_pdbx_database_status.status_code                     REL 
_pdbx_database_status.status_code_sf                  REL 
_pdbx_database_status.status_code_mr                  ? 
_pdbx_database_status.entry_id                        7EI6 
_pdbx_database_status.recvd_initial_deposition_date   2021-03-30 
_pdbx_database_status.SG_entry                        N 
_pdbx_database_status.deposit_site                    PDBJ 
_pdbx_database_status.process_site                    PDBJ 
_pdbx_database_status.status_code_cs                  ? 
_pdbx_database_status.status_code_nmr_data            ? 
_pdbx_database_status.methods_development_category    ? 
_pdbx_database_status.pdb_format_compatible           Y 
# 
loop_
_audit_author.name 
_audit_author.pdbx_ordinal 
_audit_author.identifier_ORCID 
'Kondo, J.'    1 0000-0002-5682-3685 
'Hayasaka, A.' 2 ?                   
# 
_citation.abstract                  ? 
_citation.abstract_id_CAS           ? 
_citation.book_id_ISBN              ? 
_citation.book_publisher            ? 
_citation.book_publisher_city       ? 
_citation.book_title                ? 
_citation.coordinate_linkage        ? 
_citation.country                   ? 
_citation.database_id_Medline       ? 
_citation.details                   ? 
_citation.id                        primary 
_citation.journal_abbrev            'To Be Published' 
_citation.journal_id_ASTM           ? 
_citation.journal_id_CSD            0353 
_citation.journal_id_ISSN           ? 
_citation.journal_full              ? 
_citation.journal_issue             ? 
_citation.journal_volume            ? 
_citation.language                  ? 
_citation.page_first                ? 
_citation.page_last                 ? 
_citation.title                     'RNA GNRA tetraloop and tetraloop receptor motifs' 
_citation.year                      ? 
_citation.database_id_CSD           ? 
_citation.pdbx_database_id_DOI      ? 
_citation.pdbx_database_id_PubMed   ? 
_citation.pdbx_database_id_patent   ? 
_citation.unpublished_flag          ? 
# 
loop_
_citation_author.citation_id 
_citation_author.name 
_citation_author.ordinal 
_citation_author.identifier_ORCID 
primary 'Kondo, J.'    1 0000-0002-5682-3685 
primary 'Hayasaka, A.' 2 ?                   
# 
_cell.angle_alpha                  90.000 
_cell.angle_alpha_esd              ? 
_cell.angle_beta                   90.000 
_cell.angle_beta_esd               ? 
_cell.angle_gamma                  120.000 
_cell.angle_gamma_esd              ? 
_cell.entry_id                     7EI6 
_cell.details                      ? 
_cell.formula_units_Z              ? 
_cell.length_a                     82.928 
_cell.length_a_esd                 ? 
_cell.length_b                     82.928 
_cell.length_b_esd                 ? 
_cell.length_c                     71.245 
_cell.length_c_esd                 ? 
_cell.volume                       ? 
_cell.volume_esd                   ? 
_cell.Z_PDB                        9 
_cell.reciprocal_angle_alpha       ? 
_cell.reciprocal_angle_beta        ? 
_cell.reciprocal_angle_gamma       ? 
_cell.reciprocal_angle_alpha_esd   ? 
_cell.reciprocal_angle_beta_esd    ? 
_cell.reciprocal_angle_gamma_esd   ? 
_cell.reciprocal_length_a          ? 
_cell.reciprocal_length_b          ? 
_cell.reciprocal_length_c          ? 
_cell.reciprocal_length_a_esd      ? 
_cell.reciprocal_length_b_esd      ? 
_cell.reciprocal_length_c_esd      ? 
_cell.pdbx_unique_axis             ? 
# 
_symmetry.entry_id                         7EI6 
_symmetry.cell_setting                     ? 
_symmetry.Int_Tables_number                146 
_symmetry.space_group_name_Hall            ? 
_symmetry.space_group_name_H-M             'H 3' 
_symmetry.pdbx_full_space_group_name_H-M   ? 
# 
loop_
_entity.id 
_entity.type 
_entity.src_method 
_entity.pdbx_description 
_entity.formula_weight 
_entity.pdbx_number_of_molecules 
_entity.pdbx_ec 
_entity.pdbx_mutation 
_entity.pdbx_fragment 
_entity.details 
1 polymer     syn 'DNA/RNA (35-MER)'  11129.910 1 ? ? ? ? 
2 non-polymer syn 'IRIDIUM (III) ION' 192.217   3 ? ? ? ? 
3 water       nat water               18.015    2 ? ? ? ? 
# 
_entity_poly.entity_id                      1 
_entity_poly.type                           'polydeoxyribonucleotide/polyribonucleotide hybrid' 
_entity_poly.nstd_linkage                   no 
_entity_poly.nstd_monomer                   no 
_entity_poly.pdbx_seq_one_letter_code       'CAGCAGGCUAAGGCAUGAAA(DG)(DT)(DG)(DC)(DT)(DA)(DT)(DG)(DC)(DC)(DT)(DG)(DC)(DT)(DG)' 
_entity_poly.pdbx_seq_one_letter_code_can   CAGCAGGCUAAGGCAUGAAAGTGCTATGCCTGCTG 
_entity_poly.pdbx_strand_id                 A 
_entity_poly.pdbx_target_identifier         ? 
# 
loop_
_entity_poly_seq.entity_id 
_entity_poly_seq.num 
_entity_poly_seq.mon_id 
_entity_poly_seq.hetero 
1 1  C  n 
1 2  A  n 
1 3  G  n 
1 4  C  n 
1 5  A  n 
1 6  G  n 
1 7  G  n 
1 8  C  n 
1 9  U  n 
1 10 A  n 
1 11 A  n 
1 12 G  n 
1 13 G  n 
1 14 C  n 
1 15 A  n 
1 16 U  n 
1 17 G  n 
1 18 A  n 
1 19 A  n 
1 20 A  n 
1 21 DG n 
1 22 DT n 
1 23 DG n 
1 24 DC n 
1 25 DT n 
1 26 DA n 
1 27 DT n 
1 28 DG n 
1 29 DC n 
1 30 DC n 
1 31 DT n 
1 32 DG n 
1 33 DC n 
1 34 DT n 
1 35 DG n 
# 
_pdbx_entity_src_syn.entity_id              1 
_pdbx_entity_src_syn.pdbx_src_id            1 
_pdbx_entity_src_syn.pdbx_alt_source_flag   sample 
_pdbx_entity_src_syn.pdbx_beg_seq_num       1 
_pdbx_entity_src_syn.pdbx_end_seq_num       35 
_pdbx_entity_src_syn.organism_scientific    'synthetic construct' 
_pdbx_entity_src_syn.organism_common_name   ? 
_pdbx_entity_src_syn.ncbi_taxonomy_id       32630 
_pdbx_entity_src_syn.details                ? 
# 
_struct_ref.id                         1 
_struct_ref.db_name                    PDB 
_struct_ref.db_code                    7EI6 
_struct_ref.pdbx_db_accession          7EI6 
_struct_ref.pdbx_db_isoform            ? 
_struct_ref.entity_id                  1 
_struct_ref.pdbx_seq_one_letter_code   ? 
_struct_ref.pdbx_align_begin           1 
# 
_struct_ref_seq.align_id                      1 
_struct_ref_seq.ref_id                        1 
_struct_ref_seq.pdbx_PDB_id_code              7EI6 
_struct_ref_seq.pdbx_strand_id                A 
_struct_ref_seq.seq_align_beg                 1 
_struct_ref_seq.pdbx_seq_align_beg_ins_code   ? 
_struct_ref_seq.seq_align_end                 35 
_struct_ref_seq.pdbx_seq_align_end_ins_code   ? 
_struct_ref_seq.pdbx_db_accession             7EI6 
_struct_ref_seq.db_align_beg                  1 
_struct_ref_seq.pdbx_db_align_beg_ins_code    ? 
_struct_ref_seq.db_align_end                  35 
_struct_ref_seq.pdbx_db_align_end_ins_code    ? 
_struct_ref_seq.pdbx_auth_seq_align_beg       1 
_struct_ref_seq.pdbx_auth_seq_align_end       35 
# 
loop_
_chem_comp.id 
_chem_comp.type 
_chem_comp.mon_nstd_flag 
_chem_comp.name 
_chem_comp.pdbx_synonyms 
_chem_comp.formula 
_chem_comp.formula_weight 
A   'RNA linking' y "ADENOSINE-5'-MONOPHOSPHATE"         ? 'C10 H14 N5 O7 P' 347.221 
C   'RNA linking' y "CYTIDINE-5'-MONOPHOSPHATE"          ? 'C9 H14 N3 O8 P'  323.197 
DA  'DNA linking' y "2'-DEOXYADENOSINE-5'-MONOPHOSPHATE" ? 'C10 H14 N5 O6 P' 331.222 
DC  'DNA linking' y "2'-DEOXYCYTIDINE-5'-MONOPHOSPHATE"  ? 'C9 H14 N3 O7 P'  307.197 
DG  'DNA linking' y "2'-DEOXYGUANOSINE-5'-MONOPHOSPHATE" ? 'C10 H14 N5 O7 P' 347.221 
DT  'DNA linking' y "THYMIDINE-5'-MONOPHOSPHATE"         ? 'C10 H15 N2 O8 P' 322.208 
G   'RNA linking' y "GUANOSINE-5'-MONOPHOSPHATE"         ? 'C10 H14 N5 O8 P' 363.221 
HOH non-polymer   . WATER                                ? 'H2 O'            18.015  
IR3 non-polymer   . 'IRIDIUM (III) ION'                  ? 'Ir 3'            192.217 
U   'RNA linking' y "URIDINE-5'-MONOPHOSPHATE"           ? 'C9 H13 N2 O9 P'  324.181 
# 
_exptl.absorpt_coefficient_mu     ? 
_exptl.absorpt_correction_T_max   ? 
_exptl.absorpt_correction_T_min   ? 
_exptl.absorpt_correction_type    ? 
_exptl.absorpt_process_details    ? 
_exptl.entry_id                   7EI6 
_exptl.crystals_number            1 
_exptl.details                    ? 
_exptl.method                     'X-RAY DIFFRACTION' 
_exptl.method_details             ? 
# 
_exptl_crystal.colour                      ? 
_exptl_crystal.density_diffrn              ? 
_exptl_crystal.density_Matthews            4.18 
_exptl_crystal.density_method              ? 
_exptl_crystal.density_percent_sol         70.55 
_exptl_crystal.description                 ? 
_exptl_crystal.F_000                       ? 
_exptl_crystal.id                          1 
_exptl_crystal.preparation                 ? 
_exptl_crystal.size_max                    ? 
_exptl_crystal.size_mid                    ? 
_exptl_crystal.size_min                    ? 
_exptl_crystal.size_rad                    ? 
_exptl_crystal.colour_lustre               ? 
_exptl_crystal.colour_modifier             ? 
_exptl_crystal.colour_primary              ? 
_exptl_crystal.density_meas                ? 
_exptl_crystal.density_meas_esd            ? 
_exptl_crystal.density_meas_gt             ? 
_exptl_crystal.density_meas_lt             ? 
_exptl_crystal.density_meas_temp           ? 
_exptl_crystal.density_meas_temp_esd       ? 
_exptl_crystal.density_meas_temp_gt        ? 
_exptl_crystal.density_meas_temp_lt        ? 
_exptl_crystal.pdbx_crystal_image_url      ? 
_exptl_crystal.pdbx_crystal_image_format   ? 
_exptl_crystal.pdbx_mosaicity              ? 
_exptl_crystal.pdbx_mosaicity_esd          ? 
# 
_exptl_crystal_grow.apparatus       ? 
_exptl_crystal_grow.atmosphere      ? 
_exptl_crystal_grow.crystal_id      1 
_exptl_crystal_grow.details         ? 
_exptl_crystal_grow.method          'VAPOR DIFFUSION, HANGING DROP' 
_exptl_crystal_grow.method_ref      ? 
_exptl_crystal_grow.pH              ? 
_exptl_crystal_grow.pressure        ? 
_exptl_crystal_grow.pressure_esd    ? 
_exptl_crystal_grow.seeding         ? 
_exptl_crystal_grow.seeding_ref     ? 
_exptl_crystal_grow.temp            293 
_exptl_crystal_grow.temp_details    ? 
_exptl_crystal_grow.temp_esd        ? 
_exptl_crystal_grow.time            ? 
_exptl_crystal_grow.pdbx_details    'Sodium malonate pH7.0, HEPES pH7.0, Jeffamine ED-2001 pH7.0' 
_exptl_crystal_grow.pdbx_pH_range   ? 
# 
_diffrn.ambient_environment              ? 
_diffrn.ambient_temp                     100 
_diffrn.ambient_temp_details             ? 
_diffrn.ambient_temp_esd                 ? 
_diffrn.crystal_id                       1 
_diffrn.crystal_support                  ? 
_diffrn.crystal_treatment                ? 
_diffrn.details                          ? 
_diffrn.id                               1 
_diffrn.ambient_pressure                 ? 
_diffrn.ambient_pressure_esd             ? 
_diffrn.ambient_pressure_gt              ? 
_diffrn.ambient_pressure_lt              ? 
_diffrn.ambient_temp_gt                  ? 
_diffrn.ambient_temp_lt                  ? 
_diffrn.pdbx_serial_crystal_experiment   N 
# 
_diffrn_detector.details                      ? 
_diffrn_detector.detector                     PIXEL 
_diffrn_detector.diffrn_id                    1 
_diffrn_detector.type                         'DECTRIS EIGER X 16M' 
_diffrn_detector.area_resol_mean              ? 
_diffrn_detector.dtime                        ? 
_diffrn_detector.pdbx_frames_total            ? 
_diffrn_detector.pdbx_collection_time_total   ? 
_diffrn_detector.pdbx_collection_date         2019-03-01 
_diffrn_detector.pdbx_frequency               ? 
# 
_diffrn_radiation.collimation                      ? 
_diffrn_radiation.diffrn_id                        1 
_diffrn_radiation.filter_edge                      ? 
_diffrn_radiation.inhomogeneity                    ? 
_diffrn_radiation.monochromator                    ? 
_diffrn_radiation.polarisn_norm                    ? 
_diffrn_radiation.polarisn_ratio                   ? 
_diffrn_radiation.probe                            ? 
_diffrn_radiation.type                             ? 
_diffrn_radiation.xray_symbol                      ? 
_diffrn_radiation.wavelength_id                    1 
_diffrn_radiation.pdbx_monochromatic_or_laue_m_l   M 
_diffrn_radiation.pdbx_wavelength_list             ? 
_diffrn_radiation.pdbx_wavelength                  ? 
_diffrn_radiation.pdbx_diffrn_protocol             'SINGLE WAVELENGTH' 
_diffrn_radiation.pdbx_analyzer                    ? 
_diffrn_radiation.pdbx_scattering_type             x-ray 
# 
_diffrn_radiation_wavelength.id           1 
_diffrn_radiation_wavelength.wavelength   1.10611 
_diffrn_radiation_wavelength.wt           1.0 
# 
_diffrn_source.current                     ? 
_diffrn_source.details                     ? 
_diffrn_source.diffrn_id                   1 
_diffrn_source.power                       ? 
_diffrn_source.size                        ? 
_diffrn_source.source                      SYNCHROTRON 
_diffrn_source.target                      ? 
_diffrn_source.type                        'PHOTON FACTORY BEAMLINE BL-17A' 
_diffrn_source.voltage                     ? 
_diffrn_source.take-off_angle              ? 
_diffrn_source.pdbx_wavelength_list        1.10611 
_diffrn_source.pdbx_wavelength             ? 
_diffrn_source.pdbx_synchrotron_beamline   BL-17A 
_diffrn_source.pdbx_synchrotron_site       'Photon Factory' 
# 
_reflns.B_iso_Wilson_estimate                          42.802 
_reflns.entry_id                                       7EI6 
_reflns.data_reduction_details                         ? 
_reflns.data_reduction_method                          ? 
_reflns.d_resolution_high                              2.900 
_reflns.d_resolution_low                               31.910 
_reflns.details                                        ? 
_reflns.limit_h_max                                    ? 
_reflns.limit_h_min                                    ? 
_reflns.limit_k_max                                    ? 
_reflns.limit_k_min                                    ? 
_reflns.limit_l_max                                    ? 
_reflns.limit_l_min                                    ? 
_reflns.number_all                                     ? 
_reflns.number_obs                                     7926 
_reflns.observed_criterion                             ? 
_reflns.observed_criterion_F_max                       ? 
_reflns.observed_criterion_F_min                       ? 
_reflns.observed_criterion_I_max                       ? 
_reflns.observed_criterion_I_min                       ? 
_reflns.observed_criterion_sigma_F                     ? 
_reflns.observed_criterion_sigma_I                     ? 
_reflns.percent_possible_obs                           97.800 
_reflns.R_free_details                                 ? 
_reflns.Rmerge_F_all                                   ? 
_reflns.Rmerge_F_obs                                   ? 
_reflns.Friedel_coverage                               ? 
_reflns.number_gt                                      ? 
_reflns.threshold_expression                           ? 
_reflns.pdbx_redundancy                                2.634 
_reflns.pdbx_Rmerge_I_obs                              0.068 
_reflns.pdbx_Rmerge_I_all                              ? 
_reflns.pdbx_Rsym_value                                ? 
_reflns.pdbx_netI_over_av_sigmaI                       ? 
_reflns.pdbx_netI_over_sigmaI                          11.100 
_reflns.pdbx_res_netI_over_av_sigmaI_2                 ? 
_reflns.pdbx_res_netI_over_sigmaI_2                    ? 
_reflns.pdbx_chi_squared                               1.635 
_reflns.pdbx_scaling_rejects                           ? 
_reflns.pdbx_d_res_high_opt                            ? 
_reflns.pdbx_d_res_low_opt                             ? 
_reflns.pdbx_d_res_opt_method                          ? 
_reflns.phase_calculation_details                      ? 
_reflns.pdbx_Rrim_I_all                                0.086 
_reflns.pdbx_Rpim_I_all                                ? 
_reflns.pdbx_d_opt                                     ? 
_reflns.pdbx_number_measured_all                       20875 
_reflns.pdbx_diffrn_id                                 1 
_reflns.pdbx_ordinal                                   1 
_reflns.pdbx_CC_half                                   0.995 
_reflns.pdbx_CC_star                                   ? 
_reflns.pdbx_R_split                                   ? 
_reflns.pdbx_aniso_diffraction_limit_axis_1_ortho[1]   ? 
_reflns.pdbx_aniso_diffraction_limit_axis_1_ortho[2]   ? 
_reflns.pdbx_aniso_diffraction_limit_axis_1_ortho[3]   ? 
_reflns.pdbx_aniso_diffraction_limit_axis_2_ortho[1]   ? 
_reflns.pdbx_aniso_diffraction_limit_axis_2_ortho[2]   ? 
_reflns.pdbx_aniso_diffraction_limit_axis_2_ortho[3]   ? 
_reflns.pdbx_aniso_diffraction_limit_axis_3_ortho[1]   ? 
_reflns.pdbx_aniso_diffraction_limit_axis_3_ortho[2]   ? 
_reflns.pdbx_aniso_diffraction_limit_axis_3_ortho[3]   ? 
_reflns.pdbx_aniso_diffraction_limit_1                 ? 
_reflns.pdbx_aniso_diffraction_limit_2                 ? 
_reflns.pdbx_aniso_diffraction_limit_3                 ? 
_reflns.pdbx_aniso_B_tensor_eigenvector_1_ortho[1]     ? 
_reflns.pdbx_aniso_B_tensor_eigenvector_1_ortho[2]     ? 
_reflns.pdbx_aniso_B_tensor_eigenvector_1_ortho[3]     ? 
_reflns.pdbx_aniso_B_tensor_eigenvector_2_ortho[1]     ? 
_reflns.pdbx_aniso_B_tensor_eigenvector_2_ortho[2]     ? 
_reflns.pdbx_aniso_B_tensor_eigenvector_2_ortho[3]     ? 
_reflns.pdbx_aniso_B_tensor_eigenvector_3_ortho[1]     ? 
_reflns.pdbx_aniso_B_tensor_eigenvector_3_ortho[2]     ? 
_reflns.pdbx_aniso_B_tensor_eigenvector_3_ortho[3]     ? 
_reflns.pdbx_aniso_B_tensor_eigenvalue_1               ? 
_reflns.pdbx_aniso_B_tensor_eigenvalue_2               ? 
_reflns.pdbx_aniso_B_tensor_eigenvalue_3               ? 
_reflns.pdbx_orthogonalization_convention              ? 
_reflns.pdbx_percent_possible_ellipsoidal              ? 
_reflns.pdbx_percent_possible_spherical                ? 
_reflns.pdbx_percent_possible_ellipsoidal_anomalous    ? 
_reflns.pdbx_percent_possible_spherical_anomalous      ? 
_reflns.pdbx_redundancy_anomalous                      ? 
_reflns.pdbx_CC_half_anomalous                         ? 
_reflns.pdbx_absDiff_over_sigma_anomalous              ? 
_reflns.pdbx_percent_possible_anomalous                ? 
_reflns.pdbx_observed_signal_threshold                 ? 
_reflns.pdbx_signal_type                               ? 
_reflns.pdbx_signal_details                            ? 
_reflns.pdbx_signal_software_id                        ? 
# 
loop_
_reflns_shell.d_res_high 
_reflns_shell.d_res_low 
_reflns_shell.meanI_over_sigI_all 
_reflns_shell.meanI_over_sigI_obs 
_reflns_shell.number_measured_all 
_reflns_shell.number_measured_obs 
_reflns_shell.number_possible 
_reflns_shell.number_unique_all 
_reflns_shell.number_unique_obs 
_reflns_shell.percent_possible_all 
_reflns_shell.percent_possible_obs 
_reflns_shell.Rmerge_F_all 
_reflns_shell.Rmerge_F_obs 
_reflns_shell.Rmerge_I_all 
_reflns_shell.Rmerge_I_obs 
_reflns_shell.meanI_over_sigI_gt 
_reflns_shell.meanI_over_uI_all 
_reflns_shell.meanI_over_uI_gt 
_reflns_shell.number_measured_gt 
_reflns_shell.number_unique_gt 
_reflns_shell.percent_possible_gt 
_reflns_shell.Rmerge_F_gt 
_reflns_shell.Rmerge_I_gt 
_reflns_shell.pdbx_redundancy 
_reflns_shell.pdbx_Rsym_value 
_reflns_shell.pdbx_chi_squared 
_reflns_shell.pdbx_netI_over_sigmaI_all 
_reflns_shell.pdbx_netI_over_sigmaI_obs 
_reflns_shell.pdbx_Rrim_I_all 
_reflns_shell.pdbx_Rpim_I_all 
_reflns_shell.pdbx_rejects 
_reflns_shell.pdbx_ordinal 
_reflns_shell.pdbx_diffrn_id 
_reflns_shell.pdbx_CC_half 
_reflns_shell.pdbx_CC_star 
_reflns_shell.pdbx_R_split 
_reflns_shell.pdbx_percent_possible_ellipsoidal 
_reflns_shell.pdbx_percent_possible_spherical 
_reflns_shell.pdbx_percent_possible_ellipsoidal_anomalous 
_reflns_shell.pdbx_percent_possible_spherical_anomalous 
_reflns_shell.pdbx_redundancy_anomalous 
_reflns_shell.pdbx_CC_half_anomalous 
_reflns_shell.pdbx_absDiff_over_sigma_anomalous 
_reflns_shell.pdbx_percent_possible_anomalous 
2.900  2.980  ? 4.120  ? 1634 622 ? 619 99.500 ? ? ? ? 0.273 ? ? ? ? ? ? ? ? 2.640 ? ? ? ? 0.341 ? ? 1  1 0.956 ? ? ? ? ? ? ? ? ? 
? 
2.980  3.060  ? 5.290  ? 1547 580 ? 575 99.100 ? ? ? ? 0.176 ? ? ? ? ? ? ? ? 2.690 ? ? ? ? 0.219 ? ? 2  1 0.984 ? ? ? ? ? ? ? ? ? 
? 
3.060  3.150  ? 6.430  ? 1504 568 ? 564 99.300 ? ? ? ? 0.148 ? ? ? ? ? ? ? ? 2.667 ? ? ? ? 0.183 ? ? 3  1 0.983 ? ? ? ? ? ? ? ? ? 
? 
3.150  3.250  ? 8.400  ? 1339 516 ? 510 98.800 ? ? ? ? 0.081 ? ? ? ? ? ? ? ? 2.625 ? ? ? ? 0.101 ? ? 4  1 0.994 ? ? ? ? ? ? ? ? ? 
? 
3.250  3.350  ? 8.390  ? 1412 560 ? 552 98.600 ? ? ? ? 0.077 ? ? ? ? ? ? ? ? 2.558 ? ? ? ? 0.096 ? ? 5  1 0.996 ? ? ? ? ? ? ? ? ? 
? 
3.350  3.470  ? 9.000  ? 1179 504 ? 486 96.400 ? ? ? ? 0.075 ? ? ? ? ? ? ? ? 2.426 ? ? ? ? 0.094 ? ? 6  1 0.996 ? ? ? ? ? ? ? ? ? 
? 
3.470  3.600  ? 9.100  ? 1296 526 ? 516 98.100 ? ? ? ? 0.092 ? ? ? ? ? ? ? ? 2.512 ? ? ? ? 0.116 ? ? 7  1 0.991 ? ? ? ? ? ? ? ? ? 
? 
3.600  3.750  ? 10.760 ? 1263 486 ? 477 98.100 ? ? ? ? 0.072 ? ? ? ? ? ? ? ? 2.648 ? ? ? ? 0.091 ? ? 8  1 0.992 ? ? ? ? ? ? ? ? ? 
? 
3.750  3.910  ? 11.820 ? 1176 428 ? 421 98.400 ? ? ? ? 0.072 ? ? ? ? ? ? ? ? 2.793 ? ? ? ? 0.088 ? ? 9  1 0.996 ? ? ? ? ? ? ? ? ? 
? 
3.910  4.110  ? 12.980 ? 1278 464 ? 458 98.700 ? ? ? ? 0.066 ? ? ? ? ? ? ? ? 2.790 ? ? ? ? 0.082 ? ? 10 1 0.994 ? ? ? ? ? ? ? ? ? 
? 
4.110  4.330  ? 14.420 ? 1045 380 ? 374 98.400 ? ? ? ? 0.063 ? ? ? ? ? ? ? ? 2.794 ? ? ? ? 0.077 ? ? 11 1 0.992 ? ? ? ? ? ? ? ? ? 
? 
4.330  4.590  ? 15.160 ? 1171 430 ? 425 98.800 ? ? ? ? 0.064 ? ? ? ? ? ? ? ? 2.755 ? ? ? ? 0.080 ? ? 12 1 0.989 ? ? ? ? ? ? ? ? ? 
? 
4.590  4.910  ? 15.530 ? 972  362 ? 357 98.600 ? ? ? ? 0.061 ? ? ? ? ? ? ? ? 2.723 ? ? ? ? 0.076 ? ? 13 1 0.991 ? ? ? ? ? ? ? ? ? 
? 
4.910  5.300  ? 16.750 ? 880  342 ? 329 96.200 ? ? ? ? 0.058 ? ? ? ? ? ? ? ? 2.675 ? ? ? ? 0.072 ? ? 14 1 0.990 ? ? ? ? ? ? ? ? ? 
? 
5.300  5.810  ? 16.750 ? 805  328 ? 315 96.000 ? ? ? ? 0.051 ? ? ? ? ? ? ? ? 2.556 ? ? ? ? 0.064 ? ? 15 1 0.994 ? ? ? ? ? ? ? ? ? 
? 
5.810  6.490  ? 16.180 ? 584  278 ? 252 90.600 ? ? ? ? 0.051 ? ? ? ? ? ? ? ? 2.317 ? ? ? ? 0.066 ? ? 16 1 0.991 ? ? ? ? ? ? ? ? ? 
? 
6.490  7.490  ? 16.810 ? 660  278 ? 268 96.400 ? ? ? ? 0.053 ? ? ? ? ? ? ? ? 2.463 ? ? ? ? 0.068 ? ? 17 1 0.990 ? ? ? ? ? ? ? ? ? 
? 
7.490  9.180  ? 18.310 ? 524  202 ? 194 96.000 ? ? ? ? 0.047 ? ? ? ? ? ? ? ? 2.701 ? ? ? ? 0.059 ? ? 18 1 0.992 ? ? ? ? ? ? ? ? ? 
? 
9.180  12.980 ? 18.770 ? 389  158 ? 151 95.600 ? ? ? ? 0.057 ? ? ? ? ? ? ? ? 2.576 ? ? ? ? 0.072 ? ? 19 1 0.987 ? ? ? ? ? ? ? ? ? 
? 
12.980 31.910 ? 19.070 ? 217  94  ? 83  88.300 ? ? ? ? 0.035 ? ? ? ? ? ? ? ? 2.614 ? ? ? ? 0.045 ? ? 20 1 0.998 ? ? ? ? ? ? ? ? ? 
? 
# 
_refine.aniso_B[1][1]                            ? 
_refine.aniso_B[1][2]                            ? 
_refine.aniso_B[1][3]                            ? 
_refine.aniso_B[2][2]                            ? 
_refine.aniso_B[2][3]                            ? 
_refine.aniso_B[3][3]                            ? 
_refine.B_iso_max                                276.640 
_refine.B_iso_mean                               42.1098 
_refine.B_iso_min                                17.680 
_refine.correlation_coeff_Fo_to_Fc               ? 
_refine.correlation_coeff_Fo_to_Fc_free          ? 
_refine.details                                  ? 
_refine.diff_density_max                         ? 
_refine.diff_density_max_esd                     ? 
_refine.diff_density_min                         ? 
_refine.diff_density_min_esd                     ? 
_refine.diff_density_rms                         ? 
_refine.diff_density_rms_esd                     ? 
_refine.entry_id                                 7EI6 
_refine.pdbx_refine_id                           'X-RAY DIFFRACTION' 
_refine.ls_abs_structure_details                 ? 
_refine.ls_abs_structure_Flack                   ? 
_refine.ls_abs_structure_Flack_esd               ? 
_refine.ls_abs_structure_Rogers                  ? 
_refine.ls_abs_structure_Rogers_esd              ? 
_refine.ls_d_res_high                            2.9000 
_refine.ls_d_res_low                             31.9100 
_refine.ls_extinction_coef                       ? 
_refine.ls_extinction_coef_esd                   ? 
_refine.ls_extinction_expression                 ? 
_refine.ls_extinction_method                     ? 
_refine.ls_goodness_of_fit_all                   ? 
_refine.ls_goodness_of_fit_all_esd               ? 
_refine.ls_goodness_of_fit_obs                   ? 
_refine.ls_goodness_of_fit_obs_esd               ? 
_refine.ls_hydrogen_treatment                    ? 
_refine.ls_matrix_type                           ? 
_refine.ls_number_constraints                    ? 
_refine.ls_number_parameters                     ? 
_refine.ls_number_reflns_all                     ? 
_refine.ls_number_reflns_obs                     7871 
_refine.ls_number_reflns_R_free                  805 
_refine.ls_number_reflns_R_work                  7066 
_refine.ls_number_restraints                     ? 
_refine.ls_percent_reflns_obs                    96.9800 
_refine.ls_percent_reflns_R_free                 10.2300 
_refine.ls_R_factor_all                          ? 
_refine.ls_R_factor_obs                          0.1686 
_refine.ls_R_factor_R_free                       0.2010 
_refine.ls_R_factor_R_free_error                 ? 
_refine.ls_R_factor_R_free_error_details         ? 
_refine.ls_R_factor_R_work                       0.1646 
_refine.ls_R_Fsqd_factor_obs                     ? 
_refine.ls_R_I_factor_obs                        ? 
_refine.ls_redundancy_reflns_all                 ? 
_refine.ls_redundancy_reflns_obs                 ? 
_refine.ls_restrained_S_all                      ? 
_refine.ls_restrained_S_obs                      ? 
_refine.ls_shift_over_esd_max                    ? 
_refine.ls_shift_over_esd_mean                   ? 
_refine.ls_structure_factor_coef                 ? 
_refine.ls_weighting_details                     ? 
_refine.ls_weighting_scheme                      ? 
_refine.ls_wR_factor_all                         ? 
_refine.ls_wR_factor_obs                         ? 
_refine.ls_wR_factor_R_free                      ? 
_refine.ls_wR_factor_R_work                      ? 
_refine.occupancy_max                            ? 
_refine.occupancy_min                            ? 
_refine.solvent_model_details                    'FLAT BULK SOLVENT MODEL' 
_refine.solvent_model_param_bsol                 ? 
_refine.solvent_model_param_ksol                 ? 
_refine.pdbx_R_complete                          ? 
_refine.ls_R_factor_gt                           ? 
_refine.ls_goodness_of_fit_gt                    ? 
_refine.ls_goodness_of_fit_ref                   ? 
_refine.ls_shift_over_su_max                     ? 
_refine.ls_shift_over_su_max_lt                  ? 
_refine.ls_shift_over_su_mean                    ? 
_refine.ls_shift_over_su_mean_lt                 ? 
_refine.pdbx_ls_sigma_I                          ? 
_refine.pdbx_ls_sigma_F                          1.950 
_refine.pdbx_ls_sigma_Fsqd                       ? 
_refine.pdbx_data_cutoff_high_absF               ? 
_refine.pdbx_data_cutoff_high_rms_absF           ? 
_refine.pdbx_data_cutoff_low_absF                ? 
_refine.pdbx_isotropic_thermal_model             ? 
_refine.pdbx_ls_cross_valid_method               THROUGHOUT 
_refine.pdbx_method_to_determine_struct          'MOLECULAR REPLACEMENT' 
_refine.pdbx_starting_model                      4FNJ 
_refine.pdbx_stereochemistry_target_values       ML 
_refine.pdbx_R_Free_selection_details            ? 
_refine.pdbx_stereochem_target_val_spec_case     ? 
_refine.pdbx_overall_ESU_R                       ? 
_refine.pdbx_overall_ESU_R_Free                  ? 
_refine.pdbx_solvent_vdw_probe_radii             1.1100 
_refine.pdbx_solvent_ion_probe_radii             ? 
_refine.pdbx_solvent_shrinkage_radii             0.9000 
_refine.pdbx_real_space_R                        ? 
_refine.pdbx_density_correlation                 ? 
_refine.pdbx_pd_number_of_powder_patterns        ? 
_refine.pdbx_pd_number_of_points                 ? 
_refine.pdbx_pd_meas_number_of_points            ? 
_refine.pdbx_pd_proc_ls_prof_R_factor            ? 
_refine.pdbx_pd_proc_ls_prof_wR_factor           ? 
_refine.pdbx_pd_Marquardt_correlation_coeff      ? 
_refine.pdbx_pd_Fsqrd_R_factor                   ? 
_refine.pdbx_pd_ls_matrix_band_width             ? 
_refine.pdbx_overall_phase_error                 24.8600 
_refine.pdbx_overall_SU_R_free_Cruickshank_DPI   ? 
_refine.pdbx_overall_SU_R_free_Blow_DPI          ? 
_refine.pdbx_overall_SU_R_Blow_DPI               ? 
_refine.pdbx_TLS_residual_ADP_flag               ? 
_refine.pdbx_diffrn_id                           1 
_refine.overall_SU_B                             ? 
_refine.overall_SU_ML                            0.3300 
_refine.overall_SU_R_Cruickshank_DPI             ? 
_refine.overall_SU_R_free                        ? 
_refine.overall_FOM_free_R_set                   ? 
_refine.overall_FOM_work_R_set                   ? 
_refine.pdbx_average_fsc_overall                 ? 
_refine.pdbx_average_fsc_work                    ? 
_refine.pdbx_average_fsc_free                    ? 
# 
_refine_hist.pdbx_refine_id                   'X-RAY DIFFRACTION' 
_refine_hist.cycle_id                         final 
_refine_hist.details                          ? 
_refine_hist.d_res_high                       2.9000 
_refine_hist.d_res_low                        31.9100 
_refine_hist.number_atoms_solvent             2 
_refine_hist.number_atoms_total               743 
_refine_hist.number_reflns_all                ? 
_refine_hist.number_reflns_obs                ? 
_refine_hist.number_reflns_R_free             ? 
_refine_hist.number_reflns_R_work             ? 
_refine_hist.R_factor_all                     ? 
_refine_hist.R_factor_obs                     ? 
_refine_hist.R_factor_R_free                  ? 
_refine_hist.R_factor_R_work                  ? 
_refine_hist.pdbx_number_residues_total       35 
_refine_hist.pdbx_B_iso_mean_ligand           225.52 
_refine_hist.pdbx_B_iso_mean_solvent          32.28 
_refine_hist.pdbx_number_atoms_protein        0 
_refine_hist.pdbx_number_atoms_nucleic_acid   738 
_refine_hist.pdbx_number_atoms_ligand         3 
_refine_hist.pdbx_number_atoms_lipid          ? 
_refine_hist.pdbx_number_atoms_carb           ? 
_refine_hist.pdbx_pseudo_atom_details         ? 
# 
loop_
_refine_ls_shell.pdbx_refine_id 
_refine_ls_shell.d_res_high 
_refine_ls_shell.d_res_low 
_refine_ls_shell.number_reflns_all 
_refine_ls_shell.number_reflns_obs 
_refine_ls_shell.number_reflns_R_free 
_refine_ls_shell.number_reflns_R_work 
_refine_ls_shell.percent_reflns_obs 
_refine_ls_shell.percent_reflns_R_free 
_refine_ls_shell.R_factor_all 
_refine_ls_shell.R_factor_obs 
_refine_ls_shell.R_factor_R_free 
_refine_ls_shell.R_factor_R_free_error 
_refine_ls_shell.R_factor_R_work 
_refine_ls_shell.redundancy_reflns_all 
_refine_ls_shell.redundancy_reflns_obs 
_refine_ls_shell.wR_factor_all 
_refine_ls_shell.wR_factor_obs 
_refine_ls_shell.wR_factor_R_free 
_refine_ls_shell.wR_factor_R_work 
_refine_ls_shell.pdbx_R_complete 
_refine_ls_shell.pdbx_total_number_of_bins_used 
_refine_ls_shell.pdbx_phase_error 
_refine_ls_shell.pdbx_fsc_work 
_refine_ls_shell.pdbx_fsc_free 
'X-RAY DIFFRACTION' 2.9000 3.0800  1346 . 135 1211 98.0000 . . . 0.2919 0.0000 0.2564 . . . . . . . 6 . . . 
'X-RAY DIFFRACTION' 3.0800 3.3200  1332 . 131 1201 98.0000 . . . 0.2014 0.0000 0.1741 . . . . . . . 6 . . . 
'X-RAY DIFFRACTION' 3.3200 3.6500  1272 . 135 1137 96.0000 . . . 0.1728 0.0000 0.1725 . . . . . . . 6 . . . 
'X-RAY DIFFRACTION' 3.6600 4.1800  1316 . 130 1186 98.0000 . . . 0.1939 0.0000 0.1510 . . . . . . . 6 . . . 
'X-RAY DIFFRACTION' 4.1800 5.2700  1318 . 136 1182 98.0000 . . . 0.1975 0.0000 0.1465 . . . . . . . 6 . . . 
'X-RAY DIFFRACTION' 5.2800 31.9100 1287 . 138 1149 95.0000 . . . 0.1986 0.0000 0.1542 . . . . . . . 6 . . . 
# 
_struct.entry_id                     7EI6 
_struct.title                        'GNRA tetraloop receptor motif composed of RNA and DNA' 
_struct.pdbx_model_details           ? 
_struct.pdbx_formula_weight          ? 
_struct.pdbx_formula_weight_method   ? 
_struct.pdbx_model_type_details      ? 
_struct.pdbx_CASP_flag               N 
# 
_struct_keywords.entry_id        7EI6 
_struct_keywords.text            'GNRA tetraloop, tetraloop receptor, DNA-RNA HYBRID' 
_struct_keywords.pdbx_keywords   'DNA-RNA HYBRID' 
# 
loop_
_struct_asym.id 
_struct_asym.pdbx_blank_PDB_chainid_flag 
_struct_asym.pdbx_modified 
_struct_asym.entity_id 
_struct_asym.details 
A N N 1 ? 
B N N 2 ? 
C N N 2 ? 
D N N 2 ? 
E N N 3 ? 
# 
loop_
_struct_conn.id 
_struct_conn.conn_type_id 
_struct_conn.pdbx_leaving_atom_flag 
_struct_conn.pdbx_PDB_id 
_struct_conn.ptnr1_label_asym_id 
_struct_conn.ptnr1_label_comp_id 
_struct_conn.ptnr1_label_seq_id 
_struct_conn.ptnr1_label_atom_id 
_struct_conn.pdbx_ptnr1_label_alt_id 
_struct_conn.pdbx_ptnr1_PDB_ins_code 
_struct_conn.pdbx_ptnr1_standard_comp_id 
_struct_conn.ptnr1_symmetry 
_struct_conn.ptnr2_label_asym_id 
_struct_conn.ptnr2_label_comp_id 
_struct_conn.ptnr2_label_seq_id 
_struct_conn.ptnr2_label_atom_id 
_struct_conn.pdbx_ptnr2_label_alt_id 
_struct_conn.pdbx_ptnr2_PDB_ins_code 
_struct_conn.ptnr1_auth_asym_id 
_struct_conn.ptnr1_auth_comp_id 
_struct_conn.ptnr1_auth_seq_id 
_struct_conn.ptnr2_auth_asym_id 
_struct_conn.ptnr2_auth_comp_id 
_struct_conn.ptnr2_auth_seq_id 
_struct_conn.ptnr2_symmetry 
_struct_conn.pdbx_ptnr3_label_atom_id 
_struct_conn.pdbx_ptnr3_label_seq_id 
_struct_conn.pdbx_ptnr3_label_comp_id 
_struct_conn.pdbx_ptnr3_label_asym_id 
_struct_conn.pdbx_ptnr3_label_alt_id 
_struct_conn.pdbx_ptnr3_PDB_ins_code 
_struct_conn.details 
_struct_conn.pdbx_dist_value 
_struct_conn.pdbx_value_order 
_struct_conn.pdbx_role 
hydrog1  hydrog ? ? A C 1  N3 ? ? ? 1_555 A DG 35 N1 ? ? A C 1  A DG 35 1_555 ? ? ? ? ? ? WATSON-CRICK         ? ? ? 
hydrog2  hydrog ? ? A C 1  N4 ? ? ? 1_555 A DG 35 O6 ? ? A C 1  A DG 35 1_555 ? ? ? ? ? ? WATSON-CRICK         ? ? ? 
hydrog3  hydrog ? ? A C 1  O2 ? ? ? 1_555 A DG 35 N2 ? ? A C 1  A DG 35 1_555 ? ? ? ? ? ? WATSON-CRICK         ? ? ? 
hydrog4  hydrog ? ? A A 2  N1 ? ? ? 1_555 A DT 34 N3 ? ? A A 2  A DT 34 1_555 ? ? ? ? ? ? WATSON-CRICK         ? ? ? 
hydrog5  hydrog ? ? A A 2  N6 ? ? ? 1_555 A DT 34 O4 ? ? A A 2  A DT 34 1_555 ? ? ? ? ? ? WATSON-CRICK         ? ? ? 
hydrog6  hydrog ? ? A G 3  N1 ? ? ? 1_555 A DC 33 N3 ? ? A G 3  A DC 33 1_555 ? ? ? ? ? ? WATSON-CRICK         ? ? ? 
hydrog7  hydrog ? ? A G 3  N2 ? ? ? 1_555 A DC 33 O2 ? ? A G 3  A DC 33 1_555 ? ? ? ? ? ? WATSON-CRICK         ? ? ? 
hydrog8  hydrog ? ? A G 3  O6 ? ? ? 1_555 A DC 33 N4 ? ? A G 3  A DC 33 1_555 ? ? ? ? ? ? WATSON-CRICK         ? ? ? 
hydrog9  hydrog ? ? A C 4  N3 ? ? ? 1_555 A DG 32 N1 ? ? A C 4  A DG 32 1_555 ? ? ? ? ? ? WATSON-CRICK         ? ? ? 
hydrog10 hydrog ? ? A C 4  N4 ? ? ? 1_555 A DG 32 O6 ? ? A C 4  A DG 32 1_555 ? ? ? ? ? ? WATSON-CRICK         ? ? ? 
hydrog11 hydrog ? ? A C 4  O2 ? ? ? 1_555 A DG 32 N2 ? ? A C 4  A DG 32 1_555 ? ? ? ? ? ? WATSON-CRICK         ? ? ? 
hydrog12 hydrog ? ? A A 5  N1 ? ? ? 1_555 A DT 31 N3 ? ? A A 5  A DT 31 1_555 ? ? ? ? ? ? WATSON-CRICK         ? ? ? 
hydrog13 hydrog ? ? A A 5  N6 ? ? ? 1_555 A DT 31 O4 ? ? A A 5  A DT 31 1_555 ? ? ? ? ? ? WATSON-CRICK         ? ? ? 
hydrog14 hydrog ? ? A G 6  N1 ? ? ? 1_555 A DC 30 N3 ? ? A G 6  A DC 30 1_555 ? ? ? ? ? ? WATSON-CRICK         ? ? ? 
hydrog15 hydrog ? ? A G 6  N2 ? ? ? 1_555 A DC 30 O2 ? ? A G 6  A DC 30 1_555 ? ? ? ? ? ? WATSON-CRICK         ? ? ? 
hydrog16 hydrog ? ? A G 6  O6 ? ? ? 1_555 A DC 30 N4 ? ? A G 6  A DC 30 1_555 ? ? ? ? ? ? WATSON-CRICK         ? ? ? 
hydrog17 hydrog ? ? A G 7  N1 ? ? ? 1_555 A DC 29 N3 ? ? A G 7  A DC 29 1_555 ? ? ? ? ? ? WATSON-CRICK         ? ? ? 
hydrog18 hydrog ? ? A G 7  N2 ? ? ? 1_555 A DC 29 O2 ? ? A G 7  A DC 29 1_555 ? ? ? ? ? ? WATSON-CRICK         ? ? ? 
hydrog19 hydrog ? ? A G 7  O6 ? ? ? 1_555 A DC 29 N4 ? ? A G 7  A DC 29 1_555 ? ? ? ? ? ? WATSON-CRICK         ? ? ? 
hydrog20 hydrog ? ? A C 8  N3 ? ? ? 1_555 A DG 28 N1 ? ? A C 8  A DG 28 1_555 ? ? ? ? ? ? WATSON-CRICK         ? ? ? 
hydrog21 hydrog ? ? A C 8  N4 ? ? ? 1_555 A DG 28 O6 ? ? A C 8  A DG 28 1_555 ? ? ? ? ? ? WATSON-CRICK         ? ? ? 
hydrog22 hydrog ? ? A C 8  O2 ? ? ? 1_555 A DG 28 N2 ? ? A C 8  A DG 28 1_555 ? ? ? ? ? ? WATSON-CRICK         ? ? ? 
hydrog23 hydrog ? ? A U 9  N3 ? ? ? 1_555 A DA 26 N7 ? ? A U 9  A DA 26 1_555 ? ? ? ? ? ? 'REVERSED HOOGSTEEN' ? ? ? 
hydrog24 hydrog ? ? A U 9  O2 ? ? ? 1_555 A DA 26 N6 ? ? A U 9  A DA 26 1_555 ? ? ? ? ? ? 'REVERSED HOOGSTEEN' ? ? ? 
hydrog25 hydrog ? ? A A 11 N1 ? ? ? 1_555 A DT 27 N3 ? ? A A 11 A DT 27 1_555 ? ? ? ? ? ? WATSON-CRICK         ? ? ? 
hydrog26 hydrog ? ? A A 11 N6 ? ? ? 1_555 A DT 27 O4 ? ? A A 11 A DT 27 1_555 ? ? ? ? ? ? WATSON-CRICK         ? ? ? 
hydrog27 hydrog ? ? A G 12 N1 ? ? ? 1_555 A DT 25 O2 ? ? A G 12 A DT 25 1_555 ? ? ? ? ? ? TYPE_28_PAIR         ? ? ? 
hydrog28 hydrog ? ? A G 12 O6 ? ? ? 1_555 A DT 25 N3 ? ? A G 12 A DT 25 1_555 ? ? ? ? ? ? TYPE_28_PAIR         ? ? ? 
hydrog29 hydrog ? ? A G 12 N2 ? ? ? 1_555 A DT 27 O4 ? ? A G 12 A DT 27 1_555 ? ? ? ? ? ? 'G-DT MISPAIR'       ? ? ? 
hydrog30 hydrog ? ? A G 13 N1 ? ? ? 1_555 A DC 24 N3 ? ? A G 13 A DC 24 1_555 ? ? ? ? ? ? WATSON-CRICK         ? ? ? 
hydrog31 hydrog ? ? A G 13 N2 ? ? ? 1_555 A DC 24 O2 ? ? A G 13 A DC 24 1_555 ? ? ? ? ? ? WATSON-CRICK         ? ? ? 
hydrog32 hydrog ? ? A G 13 O6 ? ? ? 1_555 A DC 24 N4 ? ? A G 13 A DC 24 1_555 ? ? ? ? ? ? WATSON-CRICK         ? ? ? 
hydrog33 hydrog ? ? A C 14 N3 ? ? ? 1_555 A DG 23 N1 ? ? A C 14 A DG 23 1_555 ? ? ? ? ? ? WATSON-CRICK         ? ? ? 
hydrog34 hydrog ? ? A C 14 N4 ? ? ? 1_555 A DG 23 O6 ? ? A C 14 A DG 23 1_555 ? ? ? ? ? ? WATSON-CRICK         ? ? ? 
hydrog35 hydrog ? ? A C 14 O2 ? ? ? 1_555 A DG 23 N2 ? ? A C 14 A DG 23 1_555 ? ? ? ? ? ? WATSON-CRICK         ? ? ? 
hydrog36 hydrog ? ? A A 15 N1 ? ? ? 1_555 A DT 22 N3 ? ? A A 15 A DT 22 1_555 ? ? ? ? ? ? WATSON-CRICK         ? ? ? 
hydrog37 hydrog ? ? A A 15 N6 ? ? ? 1_555 A DT 22 O4 ? ? A A 15 A DT 22 1_555 ? ? ? ? ? ? WATSON-CRICK         ? ? ? 
hydrog38 hydrog ? ? A U 16 N3 ? ? ? 1_555 A DG 21 O6 ? ? A U 16 A DG 21 1_555 ? ? ? ? ? ? TYPE_28_PAIR         ? ? ? 
hydrog39 hydrog ? ? A U 16 O2 ? ? ? 1_555 A DG 21 N1 ? ? A U 16 A DG 21 1_555 ? ? ? ? ? ? TYPE_28_PAIR         ? ? ? 
hydrog40 hydrog ? ? A G 17 N2 ? ? ? 1_555 A A  20 N7 ? ? A G 17 A A  20 1_555 ? ? ? ? ? ? 'G-A MISPAIR'        ? ? ? 
# 
_struct_conn_type.id          hydrog 
_struct_conn_type.criteria    ? 
_struct_conn_type.reference   ? 
# 
_atom_sites.entry_id                    7EI6 
_atom_sites.Cartn_transf_matrix[1][1]   ? 
_atom_sites.Cartn_transf_matrix[1][2]   ? 
_atom_sites.Cartn_transf_matrix[1][3]   ? 
_atom_sites.Cartn_transf_matrix[2][1]   ? 
_atom_sites.Cartn_transf_matrix[2][2]   ? 
_atom_sites.Cartn_transf_matrix[2][3]   ? 
_atom_sites.Cartn_transf_matrix[3][1]   ? 
_atom_sites.Cartn_transf_matrix[3][2]   ? 
_atom_sites.Cartn_transf_matrix[3][3]   ? 
_atom_sites.Cartn_transf_vector[1]      ? 
_atom_sites.Cartn_transf_vector[2]      ? 
_atom_sites.Cartn_transf_vector[3]      ? 
_atom_sites.fract_transf_matrix[1][1]   -0.00658187 
_atom_sites.fract_transf_matrix[1][2]   -0.00793072 
_atom_sites.fract_transf_matrix[1][3]   0.00936331 
_atom_sites.fract_transf_matrix[2][1]   -0.00890485 
_atom_sites.fract_transf_matrix[2][2]   0.00579376 
_atom_sites.fract_transf_matrix[2][3]   0.00900077 
_atom_sites.fract_transf_matrix[3][1]   -0.01050185 
_atom_sites.fract_transf_matrix[3][2]   -0.00201767 
_atom_sites.fract_transf_matrix[3][3]   -0.00909117 
_atom_sites.fract_transf_vector[1]      -0.337825 
_atom_sites.fract_transf_vector[2]      -0.175326 
_atom_sites.fract_transf_vector[3]      0.314773 
_atom_sites.solution_primary            ? 
_atom_sites.solution_secondary          ? 
_atom_sites.solution_hydrogens          ? 
_atom_sites.special_details             ? 
# 
loop_
_atom_type.symbol 
C  
IR 
N  
O  
P  
# 
loop_
_atom_site.group_PDB 
_atom_site.id 
_atom_site.type_symbol 
_atom_site.label_atom_id 
_atom_site.label_alt_id 
_atom_site.label_comp_id 
_atom_site.label_asym_id 
_atom_site.label_entity_id 
_atom_site.label_seq_id 
_atom_site.pdbx_PDB_ins_code 
_atom_site.Cartn_x 
_atom_site.Cartn_y 
_atom_site.Cartn_z 
_atom_site.occupancy 
_atom_site.B_iso_or_equiv 
_atom_site.pdbx_formal_charge 
_atom_site.auth_seq_id 
_atom_site.auth_comp_id 
_atom_site.auth_asym_id 
_atom_site.auth_atom_id 
_atom_site.pdbx_PDB_model_num 
ATOM   1   O  "O5'" . C   A 1 1  ? -15.898 -17.725 -0.901  1.00 59.79  ? 1   C   A "O5'" 1 
ATOM   2   C  "C5'" . C   A 1 1  ? -15.075 -18.024 0.214   1.00 49.26  ? 1   C   A "C5'" 1 
ATOM   3   C  "C4'" . C   A 1 1  ? -13.888 -18.856 -0.192  1.00 47.56  ? 1   C   A "C4'" 1 
ATOM   4   O  "O4'" . C   A 1 1  ? -14.169 -19.519 -1.453  1.00 51.29  ? 1   C   A "O4'" 1 
ATOM   5   C  "C3'" . C   A 1 1  ? -12.609 -18.081 -0.444  1.00 49.59  ? 1   C   A "C3'" 1 
ATOM   6   O  "O3'" . C   A 1 1  ? -11.883 -17.819 0.748   1.00 45.51  ? 1   C   A "O3'" 1 
ATOM   7   C  "C2'" . C   A 1 1  ? -11.861 -18.953 -1.451  1.00 49.39  ? 1   C   A "C2'" 1 
ATOM   8   O  "O2'" . C   A 1 1  ? -11.168 -20.013 -0.803  1.00 52.58  ? 1   C   A "O2'" 1 
ATOM   9   C  "C1'" . C   A 1 1  ? -13.011 -19.550 -2.258  1.00 48.44  ? 1   C   A "C1'" 1 
ATOM   10  N  N1    . C   A 1 1  ? -13.297 -18.815 -3.515  1.00 44.45  ? 1   C   A N1    1 
ATOM   11  C  C2    . C   A 1 1  ? -12.467 -18.987 -4.629  1.00 39.51  ? 1   C   A C2    1 
ATOM   12  O  O2    . C   A 1 1  ? -11.486 -19.734 -4.545  1.00 45.84  ? 1   C   A O2    1 
ATOM   13  N  N3    . C   A 1 1  ? -12.743 -18.342 -5.779  1.00 35.30  ? 1   C   A N3    1 
ATOM   14  C  C4    . C   A 1 1  ? -13.806 -17.547 -5.842  1.00 38.70  ? 1   C   A C4    1 
ATOM   15  N  N4    . C   A 1 1  ? -14.046 -16.925 -6.998  1.00 39.92  ? 1   C   A N4    1 
ATOM   16  C  C5    . C   A 1 1  ? -14.673 -17.355 -4.731  1.00 32.83  ? 1   C   A C5    1 
ATOM   17  C  C6    . C   A 1 1  ? -14.393 -18.011 -3.604  1.00 37.21  ? 1   C   A C6    1 
ATOM   18  P  P     . A   A 1 2  ? -11.068 -16.441 0.878   1.00 54.54  ? 2   A   A P     1 
ATOM   19  O  OP1   . A   A 1 2  ? -9.908  -16.600 1.795   1.00 68.08  ? 2   A   A OP1   1 
ATOM   20  O  OP2   . A   A 1 2  ? -12.112 -15.393 1.076   1.00 44.82  ? 2   A   A OP2   1 
ATOM   21  O  "O5'" . A   A 1 2  ? -10.482 -16.242 -0.581  1.00 46.11  ? 2   A   A "O5'" 1 
ATOM   22  C  "C5'" . A   A 1 2  ? -9.194  -15.732 -0.815  1.00 36.85  ? 2   A   A "C5'" 1 
ATOM   23  C  "C4'" . A   A 1 2  ? -8.546  -16.469 -1.955  1.00 48.47  ? 2   A   A "C4'" 1 
ATOM   24  O  "O4'" . A   A 1 2  ? -9.544  -17.027 -2.852  1.00 49.41  ? 2   A   A "O4'" 1 
ATOM   25  C  "C3'" . A   A 1 2  ? -7.671  -15.639 -2.865  1.00 46.51  ? 2   A   A "C3'" 1 
ATOM   26  O  "O3'" . A   A 1 2  ? -6.407  -15.392 -2.288  1.00 59.47  ? 2   A   A "O3'" 1 
ATOM   27  C  "C2'" . A   A 1 2  ? -7.615  -16.484 -4.131  1.00 47.66  ? 2   A   A "C2'" 1 
ATOM   28  O  "O2'" . A   A 1 2  ? -6.693  -17.552 -3.966  1.00 45.20  ? 2   A   A "O2'" 1 
ATOM   29  C  "C1'" . A   A 1 2  ? -9.028  -17.073 -4.166  1.00 42.49  ? 2   A   A "C1'" 1 
ATOM   30  N  N9    . A   A 1 2  ? -9.946  -16.343 -5.066  1.00 40.61  ? 2   A   A N9    1 
ATOM   31  C  C8    . A   A 1 2  ? -11.123 -15.740 -4.717  1.00 39.46  ? 2   A   A C8    1 
ATOM   32  N  N7    . A   A 1 2  ? -11.764 -15.189 -5.717  1.00 35.61  ? 2   A   A N7    1 
ATOM   33  C  C5    . A   A 1 2  ? -10.957 -15.459 -6.805  1.00 35.53  ? 2   A   A C5    1 
ATOM   34  C  C6    . A   A 1 2  ? -11.094 -15.136 -8.161  1.00 36.39  ? 2   A   A C6    1 
ATOM   35  N  N6    . A   A 1 2  ? -12.139 -14.450 -8.631  1.00 29.58  ? 2   A   A N6    1 
ATOM   36  N  N1    . A   A 1 2  ? -10.126 -15.539 -9.015  1.00 36.10  ? 2   A   A N1    1 
ATOM   37  C  C2    . A   A 1 2  ? -9.097  -16.231 -8.511  1.00 39.36  ? 2   A   A C2    1 
ATOM   38  N  N3    . A   A 1 2  ? -8.853  -16.595 -7.246  1.00 43.65  ? 2   A   A N3    1 
ATOM   39  C  C4    . A   A 1 2  ? -9.839  -16.174 -6.429  1.00 39.61  ? 2   A   A C4    1 
ATOM   40  P  P     . G   A 1 3  ? -5.746  -13.937 -2.396  1.00 61.13  ? 3   G   A P     1 
ATOM   41  O  OP1   . G   A 1 3  ? -4.635  -13.921 -1.412  1.00 49.46  ? 3   G   A OP1   1 
ATOM   42  O  OP2   . G   A 1 3  ? -6.830  -12.905 -2.363  1.00 36.42  ? 3   G   A OP2   1 
ATOM   43  O  "O5'" . G   A 1 3  ? -5.069  -13.968 -3.834  1.00 48.74  ? 3   G   A "O5'" 1 
ATOM   44  C  "C5'" . G   A 1 3  ? -4.180  -15.018 -4.176  1.00 39.44  ? 3   G   A "C5'" 1 
ATOM   45  C  "C4'" . G   A 1 3  ? -4.037  -15.153 -5.668  1.00 43.22  ? 3   G   A "C4'" 1 
ATOM   46  O  "O4'" . G   A 1 3  ? -5.331  -15.399 -6.258  1.00 50.74  ? 3   G   A "O4'" 1 
ATOM   47  C  "C3'" . G   A 1 3  ? -3.534  -13.929 -6.400  1.00 48.85  ? 3   G   A "C3'" 1 
ATOM   48  O  "O3'" . G   A 1 3  ? -2.128  -13.807 -6.319  1.00 58.28  ? 3   G   A "O3'" 1 
ATOM   49  C  "C2'" . G   A 1 3  ? -4.046  -14.154 -7.820  1.00 49.39  ? 3   G   A "C2'" 1 
ATOM   50  O  "O2'" . G   A 1 3  ? -3.193  -15.054 -8.510  1.00 46.17  ? 3   G   A "O2'" 1 
ATOM   51  C  "C1'" . G   A 1 3  ? -5.366  -14.872 -7.565  1.00 41.95  ? 3   G   A "C1'" 1 
ATOM   52  N  N9    . G   A 1 3  ? -6.572  -14.036 -7.687  1.00 40.86  ? 3   G   A N9    1 
ATOM   53  C  C8    . G   A 1 3  ? -7.349  -13.639 -6.627  1.00 43.83  ? 3   G   A C8    1 
ATOM   54  N  N7    . G   A 1 3  ? -8.408  -12.965 -6.995  1.00 44.21  ? 3   G   A N7    1 
ATOM   55  C  C5    . G   A 1 3  ? -8.338  -12.942 -8.377  1.00 33.90  ? 3   G   A C5    1 
ATOM   56  C  C6    . G   A 1 3  ? -9.215  -12.351 -9.306  1.00 35.10  ? 3   G   A C6    1 
ATOM   57  O  O6    . G   A 1 3  ? -10.247 -11.718 -9.067  1.00 33.60  ? 3   G   A O6    1 
ATOM   58  N  N1    . G   A 1 3  ? -8.786  -12.547 -10.615 1.00 33.85  ? 3   G   A N1    1 
ATOM   59  C  C2    . G   A 1 3  ? -7.652  -13.230 -10.971 1.00 36.41  ? 3   G   A C2    1 
ATOM   60  N  N2    . G   A 1 3  ? -7.405  -13.307 -12.283 1.00 37.70  ? 3   G   A N2    1 
ATOM   61  N  N3    . G   A 1 3  ? -6.815  -13.792 -10.106 1.00 41.65  ? 3   G   A N3    1 
ATOM   62  C  C4    . G   A 1 3  ? -7.218  -13.609 -8.830  1.00 38.35  ? 3   G   A C4    1 
ATOM   63  P  P     . C   A 1 4  ? -1.426  -12.370 -6.453  1.00 56.79  ? 4   C   A P     1 
ATOM   64  O  OP1   . C   A 1 4  ? 0.035   -12.613 -6.333  1.00 49.78  ? 4   C   A OP1   1 
ATOM   65  O  OP2   . C   A 1 4  ? -2.107  -11.416 -5.539  1.00 50.07  ? 4   C   A OP2   1 
ATOM   66  O  "O5'" . C   A 1 4  ? -1.715  -11.956 -7.964  1.00 41.52  ? 4   C   A "O5'" 1 
ATOM   67  C  "C5'" . C   A 1 4  ? -1.090  -12.672 -9.014  1.00 46.60  ? 4   C   A "C5'" 1 
ATOM   68  C  "C4'" . C   A 1 4  ? -1.556  -12.204 -10.364 1.00 46.54  ? 4   C   A "C4'" 1 
ATOM   69  O  "O4'" . C   A 1 4  ? -2.956  -12.518 -10.540 1.00 47.88  ? 4   C   A "O4'" 1 
ATOM   70  C  "C3'" . C   A 1 4  ? -1.492  -10.711 -10.612 1.00 48.83  ? 4   C   A "C3'" 1 
ATOM   71  O  "O3'" . C   A 1 4  ? -0.194  -10.263 -10.940 1.00 54.83  ? 4   C   A "O3'" 1 
ATOM   72  C  "C2'" . C   A 1 4  ? -2.488  -10.531 -11.742 1.00 44.59  ? 4   C   A "C2'" 1 
ATOM   73  O  "O2'" . C   A 1 4  ? -1.908  -10.981 -12.956 1.00 51.51  ? 4   C   A "O2'" 1 
ATOM   74  C  "C1'" . C   A 1 4  ? -3.567  -11.532 -11.343 1.00 40.87  ? 4   C   A "C1'" 1 
ATOM   75  N  N1    . C   A 1 4  ? -4.672  -10.929 -10.566 1.00 36.97  ? 4   C   A N1    1 
ATOM   76  C  C2    . C   A 1 4  ? -5.743  -10.330 -11.237 1.00 40.99  ? 4   C   A C2    1 
ATOM   77  O  O2    . C   A 1 4  ? -5.712  -10.287 -12.474 1.00 45.79  ? 4   C   A O2    1 
ATOM   78  N  N3    . C   A 1 4  ? -6.773  -9.810  -10.527 1.00 35.66  ? 4   C   A N3    1 
ATOM   79  C  C4    . C   A 1 4  ? -6.747  -9.889  -9.193  1.00 36.81  ? 4   C   A C4    1 
ATOM   80  N  N4    . C   A 1 4  ? -7.762  -9.372  -8.507  1.00 37.02  ? 4   C   A N4    1 
ATOM   81  C  C5    . C   A 1 4  ? -5.677  -10.500 -8.487  1.00 35.08  ? 4   C   A C5    1 
ATOM   82  C  C6    . C   A 1 4  ? -4.672  -11.006 -9.205  1.00 36.76  ? 4   C   A C6    1 
ATOM   83  P  P     . A   A 1 5  ? 0.212   -8.744  -10.642 1.00 52.21  ? 5   A   A P     1 
ATOM   84  O  OP1   . A   A 1 5  ? 1.593   -8.554  -11.154 1.00 44.47  ? 5   A   A OP1   1 
ATOM   85  O  OP2   . A   A 1 5  ? -0.162  -8.489  -9.222  1.00 35.25  ? 5   A   A OP2   1 
ATOM   86  O  "O5'" . A   A 1 5  ? -0.681  -7.898  -11.656 1.00 48.31  ? 5   A   A "O5'" 1 
ATOM   87  C  "C5'" . A   A 1 5  ? -0.360  -7.903  -13.041 1.00 45.29  ? 5   A   A "C5'" 1 
ATOM   88  C  "C4'" . A   A 1 5  ? -1.314  -7.070  -13.851 1.00 38.30  ? 5   A   A "C4'" 1 
ATOM   89  O  "O4'" . A   A 1 5  ? -2.646  -7.628  -13.754 1.00 46.45  ? 5   A   A "O4'" 1 
ATOM   90  C  "C3'" . A   A 1 5  ? -1.484  -5.628  -13.409 1.00 47.93  ? 5   A   A "C3'" 1 
ATOM   91  O  "O3'" . A   A 1 5  ? -0.447  -4.783  -13.884 1.00 57.20  ? 5   A   A "O3'" 1 
ATOM   92  C  "C2'" . A   A 1 5  ? -2.854  -5.274  -13.963 1.00 43.47  ? 5   A   A "C2'" 1 
ATOM   93  O  "O2'" . A   A 1 5  ? -2.757  -5.000  -15.351 1.00 50.24  ? 5   A   A "O2'" 1 
ATOM   94  C  "C1'" . A   A 1 5  ? -3.605  -6.597  -13.782 1.00 39.66  ? 5   A   A "C1'" 1 
ATOM   95  N  N9    . A   A 1 5  ? -4.364  -6.647  -12.520 1.00 37.88  ? 5   A   A N9    1 
ATOM   96  C  C8    . A   A 1 5  ? -3.976  -7.209  -11.326 1.00 41.24  ? 5   A   A C8    1 
ATOM   97  N  N7    . A   A 1 5  ? -4.868  -7.089  -10.370 1.00 37.35  ? 5   A   A N7    1 
ATOM   98  C  C5    . A   A 1 5  ? -5.909  -6.403  -10.978 1.00 33.93  ? 5   A   A C5    1 
ATOM   99  C  C6    . A   A 1 5  ? -7.155  -5.958  -10.502 1.00 36.85  ? 5   A   A C6    1 
ATOM   100 N  N6    . A   A 1 5  ? -7.587  -6.156  -9.253  1.00 31.86  ? 5   A   A N6    1 
ATOM   101 N  N1    . A   A 1 5  ? -7.958  -5.296  -11.368 1.00 37.96  ? 5   A   A N1    1 
ATOM   102 C  C2    . A   A 1 5  ? -7.523  -5.100  -12.618 1.00 35.73  ? 5   A   A C2    1 
ATOM   103 N  N3    . A   A 1 5  ? -6.372  -5.466  -13.181 1.00 32.15  ? 5   A   A N3    1 
ATOM   104 C  C4    . A   A 1 5  ? -5.610  -6.124  -12.298 1.00 34.10  ? 5   A   A C4    1 
ATOM   105 P  P     . G   A 1 6  ? 0.092   -3.560  -12.989 1.00 61.86  ? 6   G   A P     1 
ATOM   106 O  OP1   . G   A 1 6  ? 1.270   -3.011  -13.700 1.00 63.24  ? 6   G   A OP1   1 
ATOM   107 O  OP2   . G   A 1 6  ? 0.240   -3.991  -11.571 1.00 41.93  ? 6   G   A OP2   1 
ATOM   108 O  "O5'" . G   A 1 6  ? -1.090  -2.490  -13.052 1.00 50.27  ? 6   G   A "O5'" 1 
ATOM   109 C  "C5'" . G   A 1 6  ? -1.311  -1.714  -14.218 1.00 44.05  ? 6   G   A "C5'" 1 
ATOM   110 C  "C4'" . G   A 1 6  ? -2.702  -1.133  -14.246 1.00 44.25  ? 6   G   A "C4'" 1 
ATOM   111 O  "O4'" . G   A 1 6  ? -3.668  -2.185  -14.000 1.00 45.70  ? 6   G   A "O4'" 1 
ATOM   112 C  "C3'" . G   A 1 6  ? -3.046  -0.097  -13.186 1.00 46.09  ? 6   G   A "C3'" 1 
ATOM   113 O  "O3'" . G   A 1 6  ? -2.502  1.193   -13.420 1.00 53.67  ? 6   G   A "O3'" 1 
ATOM   114 C  "C2'" . G   A 1 6  ? -4.568  -0.147  -13.183 1.00 45.98  ? 6   G   A "C2'" 1 
ATOM   115 O  "O2'" . G   A 1 6  ? -5.109  0.510   -14.320 1.00 47.16  ? 6   G   A "O2'" 1 
ATOM   116 C  "C1'" . G   A 1 6  ? -4.807  -1.646  -13.350 1.00 42.62  ? 6   G   A "C1'" 1 
ATOM   117 N  N9    . G   A 1 6  ? -4.978  -2.290  -12.037 1.00 34.58  ? 6   G   A N9    1 
ATOM   118 C  C8    . G   A 1 6  ? -4.129  -3.127  -11.372 1.00 32.54  ? 6   G   A C8    1 
ATOM   119 N  N7    . G   A 1 6  ? -4.593  -3.486  -10.206 1.00 34.19  ? 6   G   A N7    1 
ATOM   120 C  C5    . G   A 1 6  ? -5.817  -2.850  -10.100 1.00 32.82  ? 6   G   A C5    1 
ATOM   121 C  C6    . G   A 1 6  ? -6.780  -2.858  -9.056  1.00 36.10  ? 6   G   A C6    1 
ATOM   122 O  O6    . G   A 1 6  ? -6.743  -3.456  -7.970  1.00 33.37  ? 6   G   A O6    1 
ATOM   123 N  N1    . G   A 1 6  ? -7.877  -2.063  -9.372  1.00 34.91  ? 6   G   A N1    1 
ATOM   124 C  C2    . G   A 1 6  ? -8.040  -1.349  -10.536 1.00 41.21  ? 6   G   A C2    1 
ATOM   125 N  N2    . G   A 1 6  ? -9.184  -0.644  -10.659 1.00 38.19  ? 6   G   A N2    1 
ATOM   126 N  N3    . G   A 1 6  ? -7.142  -1.334  -11.511 1.00 43.13  ? 6   G   A N3    1 
ATOM   127 C  C4    . G   A 1 6  ? -6.066  -2.102  -11.224 1.00 37.47  ? 6   G   A C4    1 
ATOM   128 P  P     . G   A 1 7  ? -1.889  2.037   -12.188 1.00 56.74  ? 7   G   A P     1 
ATOM   129 O  OP1   . G   A 1 7  ? -1.056  3.151   -12.695 1.00 51.77  ? 7   G   A OP1   1 
ATOM   130 O  OP2   . G   A 1 7  ? -1.202  1.082   -11.293 1.00 42.30  ? 7   G   A OP2   1 
ATOM   131 O  "O5'" . G   A 1 7  ? -3.179  2.654   -11.472 1.00 49.96  ? 7   G   A "O5'" 1 
ATOM   132 C  "C5'" . G   A 1 7  ? -4.044  3.543   -12.171 1.00 39.00  ? 7   G   A "C5'" 1 
ATOM   133 C  "C4'" . G   A 1 7  ? -5.359  3.771   -11.456 1.00 38.64  ? 7   G   A "C4'" 1 
ATOM   134 O  "O4'" . G   A 1 7  ? -6.104  2.527   -11.365 1.00 41.77  ? 7   G   A "O4'" 1 
ATOM   135 C  "C3'" . G   A 1 7  ? -5.296  4.256   -10.014 1.00 42.80  ? 7   G   A "C3'" 1 
ATOM   136 O  "O3'" . G   A 1 7  ? -5.025  5.640   -9.882  1.00 40.90  ? 7   G   A "O3'" 1 
ATOM   137 C  "C2'" . G   A 1 7  ? -6.665  3.857   -9.484  1.00 41.64  ? 7   G   A "C2'" 1 
ATOM   138 O  "O2'" . G   A 1 7  ? -7.656  4.761   -9.946  1.00 43.57  ? 7   G   A "O2'" 1 
ATOM   139 C  "C1'" . G   A 1 7  ? -6.866  2.508   -10.174 1.00 34.23  ? 7   G   A "C1'" 1 
ATOM   140 N  N9    . G   A 1 7  ? -6.368  1.423   -9.316  1.00 32.89  ? 7   G   A N9    1 
ATOM   141 C  C8    . G   A 1 7  ? -5.236  0.669   -9.474  1.00 38.55  ? 7   G   A C8    1 
ATOM   142 N  N7    . G   A 1 7  ? -5.050  -0.187  -8.508  1.00 33.46  ? 7   G   A N7    1 
ATOM   143 C  C5    . G   A 1 7  ? -6.123  0.026   -7.663  1.00 31.27  ? 7   G   A C5    1 
ATOM   144 C  C6    . G   A 1 7  ? -6.464  -0.605  -6.444  1.00 34.59  ? 7   G   A C6    1 
ATOM   145 O  O6    . G   A 1 7  ? -5.860  -1.509  -5.859  1.00 37.86  ? 7   G   A O6    1 
ATOM   146 N  N1    . G   A 1 7  ? -7.629  -0.082  -5.902  1.00 30.46  ? 7   G   A N1    1 
ATOM   147 C  C2    . G   A 1 7  ? -8.369  0.921   -6.472  1.00 34.43  ? 7   G   A C2    1 
ATOM   148 N  N2    . G   A 1 7  ? -9.469  1.293   -5.811  1.00 39.14  ? 7   G   A N2    1 
ATOM   149 N  N3    . G   A 1 7  ? -8.063  1.520   -7.607  1.00 35.48  ? 7   G   A N3    1 
ATOM   150 C  C4    . G   A 1 7  ? -6.936  1.018   -8.143  1.00 32.44  ? 7   G   A C4    1 
ATOM   151 P  P     . C   A 1 8  ? -4.037  6.159   -8.719  1.00 56.69  ? 8   C   A P     1 
ATOM   152 O  OP1   . C   A 1 8  ? -3.568  7.535   -9.030  1.00 45.17  ? 8   C   A OP1   1 
ATOM   153 O  OP2   . C   A 1 8  ? -3.027  5.095   -8.473  1.00 45.60  ? 8   C   A OP2   1 
ATOM   154 O  "O5'" . C   A 1 8  ? -4.972  6.240   -7.434  1.00 45.87  ? 8   C   A "O5'" 1 
ATOM   155 C  "C5'" . C   A 1 8  ? -6.270  6.804   -7.500  1.00 31.15  ? 8   C   A "C5'" 1 
ATOM   156 C  "C4'" . C   A 1 8  ? -7.051  6.507   -6.246  1.00 34.47  ? 8   C   A "C4'" 1 
ATOM   157 O  "O4'" . C   A 1 8  ? -7.482  5.119   -6.237  1.00 45.40  ? 8   C   A "O4'" 1 
ATOM   158 C  "C3'" . C   A 1 8  ? -6.294  6.653   -4.938  1.00 32.51  ? 8   C   A "C3'" 1 
ATOM   159 O  "O3'" . C   A 1 8  ? -6.162  7.996   -4.522  1.00 39.06  ? 8   C   A "O3'" 1 
ATOM   160 C  "C2'" . C   A 1 8  ? -7.127  5.800   -3.995  1.00 35.30  ? 8   C   A "C2'" 1 
ATOM   161 O  "O2'" . C   A 1 8  ? -8.328  6.471   -3.647  1.00 44.78  ? 8   C   A "O2'" 1 
ATOM   162 C  "C1'" . C   A 1 8  ? -7.496  4.634   -4.908  1.00 40.46  ? 8   C   A "C1'" 1 
ATOM   163 N  N1    . C   A 1 8  ? -6.535  3.510   -4.780  1.00 32.66  ? 8   C   A N1    1 
ATOM   164 C  C2    . C   A 1 8  ? -6.589  2.696   -3.639  1.00 35.05  ? 8   C   A C2    1 
ATOM   165 O  O2    . C   A 1 8  ? -7.433  2.926   -2.762  1.00 38.18  ? 8   C   A O2    1 
ATOM   166 N  N3    . C   A 1 8  ? -5.726  1.672   -3.500  1.00 29.94  ? 8   C   A N3    1 
ATOM   167 C  C4    . C   A 1 8  ? -4.837  1.448   -4.456  1.00 29.19  ? 8   C   A C4    1 
ATOM   168 N  N4    . C   A 1 8  ? -4.004  0.427   -4.284  1.00 31.70  ? 8   C   A N4    1 
ATOM   169 C  C5    . C   A 1 8  ? -4.749  2.250   -5.626  1.00 27.16  ? 8   C   A C5    1 
ATOM   170 C  C6    . C   A 1 8  ? -5.606  3.262   -5.745  1.00 30.70  ? 8   C   A C6    1 
ATOM   171 P  P     . U   A 1 9  ? -4.845  8.502   -3.755  1.00 42.64  ? 9   U   A P     1 
ATOM   172 O  OP1   . U   A 1 9  ? -5.017  9.969   -3.617  1.00 47.64  ? 9   U   A OP1   1 
ATOM   173 O  OP2   . U   A 1 9  ? -3.621  7.994   -4.433  1.00 39.55  ? 9   U   A OP2   1 
ATOM   174 O  "O5'" . U   A 1 9  ? -4.986  7.861   -2.303  1.00 28.33  ? 9   U   A "O5'" 1 
ATOM   175 C  "C5'" . U   A 1 9  ? -6.124  8.153   -1.517  1.00 32.55  ? 9   U   A "C5'" 1 
ATOM   176 C  "C4'" . U   A 1 9  ? -6.217  7.270   -0.303  1.00 35.01  ? 9   U   A "C4'" 1 
ATOM   177 O  "O4'" . U   A 1 9  ? -6.401  5.887   -0.689  1.00 41.86  ? 9   U   A "O4'" 1 
ATOM   178 C  "C3'" . U   A 1 9  ? -5.000  7.241   0.593   1.00 30.36  ? 9   U   A "C3'" 1 
ATOM   179 O  "O3'" . U   A 1 9  ? -4.947  8.356   1.458   1.00 42.98  ? 9   U   A "O3'" 1 
ATOM   180 C  "C2'" . U   A 1 9  ? -5.166  5.921   1.332   1.00 34.35  ? 9   U   A "C2'" 1 
ATOM   181 O  "O2'" . U   A 1 9  ? -6.102  6.055   2.393   1.00 35.08  ? 9   U   A "O2'" 1 
ATOM   182 C  "C1'" . U   A 1 9  ? -5.767  5.039   0.246   1.00 31.97  ? 9   U   A "C1'" 1 
ATOM   183 N  N1    . U   A 1 9  ? -4.733  4.251   -0.461  1.00 30.79  ? 9   U   A N1    1 
ATOM   184 C  C2    . U   A 1 9  ? -4.335  3.078   0.124   1.00 30.32  ? 9   U   A C2    1 
ATOM   185 O  O2    . U   A 1 9  ? -4.800  2.706   1.179   1.00 33.59  ? 9   U   A O2    1 
ATOM   186 N  N3    . U   A 1 9  ? -3.395  2.362   -0.561  1.00 26.43  ? 9   U   A N3    1 
ATOM   187 C  C4    . U   A 1 9  ? -2.832  2.712   -1.762  1.00 27.00  ? 9   U   A C4    1 
ATOM   188 O  O4    . U   A 1 9  ? -1.990  1.977   -2.271  1.00 31.08  ? 9   U   A O4    1 
ATOM   189 C  C5    . U   A 1 9  ? -3.304  3.937   -2.315  1.00 22.59  ? 9   U   A C5    1 
ATOM   190 C  C6    . U   A 1 9  ? -4.214  4.652   -1.666  1.00 26.41  ? 9   U   A C6    1 
ATOM   191 P  P     . A   A 1 10 ? -3.558  8.781   2.137   1.00 43.30  ? 10  A   A P     1 
ATOM   192 O  OP1   . A   A 1 10 ? -3.891  9.699   3.260   1.00 39.99  ? 10  A   A OP1   1 
ATOM   193 O  OP2   . A   A 1 10 ? -2.672  9.154   0.995   1.00 31.72  ? 10  A   A OP2   1 
ATOM   194 O  "O5'" . A   A 1 10 ? -3.025  7.427   2.793   1.00 48.04  ? 10  A   A "O5'" 1 
ATOM   195 C  "C5'" . A   A 1 10 ? -1.923  7.381   3.692   1.00 38.89  ? 10  A   A "C5'" 1 
ATOM   196 C  "C4'" . A   A 1 10 ? -2.018  6.164   4.584   1.00 40.10  ? 10  A   A "C4'" 1 
ATOM   197 O  "O4'" . A   A 1 10 ? -2.258  4.987   3.759   1.00 36.62  ? 10  A   A "O4'" 1 
ATOM   198 C  "C3'" . A   A 1 10 ? -0.775  5.876   5.410   1.00 38.21  ? 10  A   A "C3'" 1 
ATOM   199 O  "O3'" . A   A 1 10 ? -1.130  5.386   6.708   1.00 40.41  ? 10  A   A "O3'" 1 
ATOM   200 C  "C2'" . A   A 1 10 ? -0.051  4.806   4.589   1.00 44.51  ? 10  A   A "C2'" 1 
ATOM   201 O  "O2'" . A   A 1 10 ? 0.784   3.933   5.332   1.00 50.67  ? 10  A   A "O2'" 1 
ATOM   202 C  "C1'" . A   A 1 10 ? -1.198  4.063   3.894   1.00 35.94  ? 10  A   A "C1'" 1 
ATOM   203 N  N9    . A   A 1 10 ? -0.813  3.619   2.546   1.00 33.86  ? 10  A   A N9    1 
ATOM   204 C  C8    . A   A 1 10 ? -0.940  4.288   1.352   1.00 33.89  ? 10  A   A C8    1 
ATOM   205 N  N7    . A   A 1 10 ? -0.454  3.646   0.310   1.00 30.13  ? 10  A   A N7    1 
ATOM   206 C  C5    . A   A 1 10 ? 0.028   2.473   0.858   1.00 25.79  ? 10  A   A C5    1 
ATOM   207 C  C6    . A   A 1 10 ? 0.655   1.359   0.295   1.00 35.01  ? 10  A   A C6    1 
ATOM   208 N  N6    . A   A 1 10 ? 0.920   1.221   -1.003  1.00 40.33  ? 10  A   A N6    1 
ATOM   209 N  N1    . A   A 1 10 ? 1.013   0.353   1.110   1.00 35.94  ? 10  A   A N1    1 
ATOM   210 C  C2    . A   A 1 10 ? 0.748   0.464   2.409   1.00 33.46  ? 10  A   A C2    1 
ATOM   211 N  N3    . A   A 1 10 ? 0.160   1.456   3.059   1.00 37.74  ? 10  A   A N3    1 
ATOM   212 C  C4    . A   A 1 10 ? -0.185  2.440   2.217   1.00 31.40  ? 10  A   A C4    1 
ATOM   213 P  P     . A   A 1 11 ? -0.911  6.308   8.022   1.00 50.62  ? 11  A   A P     1 
ATOM   214 O  OP1   . A   A 1 11 ? -1.287  7.718   7.750   1.00 44.04  ? 11  A   A OP1   1 
ATOM   215 O  OP2   . A   A 1 11 ? 0.458   6.109   8.542   1.00 49.37  ? 11  A   A OP2   1 
ATOM   216 O  "O5'" . A   A 1 11 ? -1.995  5.724   9.032   1.00 48.18  ? 11  A   A "O5'" 1 
ATOM   217 C  "C5'" . A   A 1 11 ? -1.723  5.524   10.409  1.00 45.54  ? 11  A   A "C5'" 1 
ATOM   218 C  "C4'" . A   A 1 11 ? -2.399  4.272   10.906  1.00 37.22  ? 11  A   A "C4'" 1 
ATOM   219 O  "O4'" . A   A 1 11 ? -3.194  3.697   9.839   1.00 40.94  ? 11  A   A "O4'" 1 
ATOM   220 C  "C3'" . A   A 1 11 ? -1.459  3.158   11.319  1.00 38.36  ? 11  A   A "C3'" 1 
ATOM   221 O  "O3'" . A   A 1 11 ? -1.019  3.307   12.650  1.00 47.20  ? 11  A   A "O3'" 1 
ATOM   222 C  "C2'" . A   A 1 11 ? -2.278  1.895   11.070  1.00 40.45  ? 11  A   A "C2'" 1 
ATOM   223 O  "O2'" . A   A 1 11 ? -3.198  1.648   12.121  1.00 43.54  ? 11  A   A "O2'" 1 
ATOM   224 C  "C1'" . A   A 1 11 ? -3.066  2.292   9.829   1.00 39.74  ? 11  A   A "C1'" 1 
ATOM   225 N  N9    . A   A 1 11 ? -2.361  1.915   8.593   1.00 35.68  ? 11  A   A N9    1 
ATOM   226 C  C8    . A   A 1 11 ? -1.953  2.765   7.596   1.00 36.70  ? 11  A   A C8    1 
ATOM   227 N  N7    . A   A 1 11 ? -1.338  2.163   6.607   1.00 38.83  ? 11  A   A N7    1 
ATOM   228 C  C5    . A   A 1 11 ? -1.339  0.829   6.995   1.00 34.73  ? 11  A   A C5    1 
ATOM   229 C  C6    . A   A 1 11 ? -0.827  -0.314  6.382   1.00 37.71  ? 11  A   A C6    1 
ATOM   230 N  N6    . A   A 1 11 ? -0.206  -0.268  5.206   1.00 38.93  ? 11  A   A N6    1 
ATOM   231 N  N1    . A   A 1 11 ? -0.980  -1.501  7.015   1.00 38.56  ? 11  A   A N1    1 
ATOM   232 C  C2    . A   A 1 11 ? -1.600  -1.507  8.199   1.00 38.51  ? 11  A   A C2    1 
ATOM   233 N  N3    . A   A 1 11 ? -2.124  -0.493  8.885   1.00 34.14  ? 11  A   A N3    1 
ATOM   234 C  C4    . A   A 1 11 ? -1.966  0.658   8.214   1.00 32.25  ? 11  A   A C4    1 
ATOM   235 P  P     . G   A 1 12 ? 0.541   3.520   12.956  1.00 57.79  ? 12  G   A P     1 
ATOM   236 O  OP1   . G   A 1 12 ? 0.632   3.773   14.420  1.00 52.66  ? 12  G   A OP1   1 
ATOM   237 O  OP2   . G   A 1 12 ? 1.104   4.521   12.002  1.00 35.09  ? 12  G   A OP2   1 
ATOM   238 O  "O5'" . G   A 1 12 ? 1.144   2.076   12.677  1.00 42.87  ? 12  G   A "O5'" 1 
ATOM   239 C  "C5'" . G   A 1 12 ? 0.566   0.948   13.315  1.00 46.01  ? 12  G   A "C5'" 1 
ATOM   240 C  "C4'" . G   A 1 12 ? 0.990   -0.340  12.662  1.00 42.59  ? 12  G   A "C4'" 1 
ATOM   241 O  "O4'" . G   A 1 12 ? 0.314   -0.483  11.388  1.00 42.42  ? 12  G   A "O4'" 1 
ATOM   242 C  "C3'" . G   A 1 12 ? 2.463   -0.446  12.306  1.00 47.57  ? 12  G   A "C3'" 1 
ATOM   243 O  "O3'" . G   A 1 12 ? 3.283   -0.793  13.404  1.00 49.17  ? 12  G   A "O3'" 1 
ATOM   244 C  "C2'" . G   A 1 12 ? 2.446   -1.488  11.205  1.00 49.89  ? 12  G   A "C2'" 1 
ATOM   245 O  "O2'" . G   A 1 12 ? 2.242   -2.773  11.765  1.00 49.24  ? 12  G   A "O2'" 1 
ATOM   246 C  "C1'" . G   A 1 12 ? 1.180   -1.090  10.453  1.00 42.44  ? 12  G   A "C1'" 1 
ATOM   247 N  N9    . G   A 1 12 ? 1.458   -0.106  9.392   1.00 37.11  ? 12  G   A N9    1 
ATOM   248 C  C8    . G   A 1 12 ? 1.151   1.230   9.421   1.00 34.70  ? 12  G   A C8    1 
ATOM   249 N  N7    . G   A 1 12 ? 1.511   1.863   8.343   1.00 32.15  ? 12  G   A N7    1 
ATOM   250 C  C5    . G   A 1 12 ? 2.087   0.882   7.548   1.00 34.00  ? 12  G   A C5    1 
ATOM   251 C  C6    . G   A 1 12 ? 2.669   0.972   6.254   1.00 35.59  ? 12  G   A C6    1 
ATOM   252 O  O6    . G   A 1 12 ? 2.786   1.964   5.518   1.00 38.92  ? 12  G   A O6    1 
ATOM   253 N  N1    . G   A 1 12 ? 3.155   -0.256  5.837   1.00 29.55  ? 12  G   A N1    1 
ATOM   254 C  C2    . G   A 1 12 ? 3.075   -1.417  6.562   1.00 33.63  ? 12  G   A C2    1 
ATOM   255 N  N2    . G   A 1 12 ? 3.581   -2.504  5.974   1.00 40.55  ? 12  G   A N2    1 
ATOM   256 N  N3    . G   A 1 12 ? 2.543   -1.520  7.765   1.00 31.46  ? 12  G   A N3    1 
ATOM   257 C  C4    . G   A 1 12 ? 2.071   -0.336  8.191   1.00 34.24  ? 12  G   A C4    1 
ATOM   258 P  P     . G   A 1 13 ? 4.760   -0.170  13.546  1.00 52.72  ? 13  G   A P     1 
ATOM   259 O  OP1   . G   A 1 13 ? 5.341   -0.885  14.714  1.00 60.97  ? 13  G   A OP1   1 
ATOM   260 O  OP2   . G   A 1 13 ? 4.725   1.322   13.543  1.00 30.36  ? 13  G   A OP2   1 
ATOM   261 O  "O5'" . G   A 1 13 ? 5.520   -0.660  12.230  1.00 43.13  ? 13  G   A "O5'" 1 
ATOM   262 C  "C5'" . G   A 1 13 ? 5.846   -2.030  12.062  1.00 41.86  ? 13  G   A "C5'" 1 
ATOM   263 C  "C4'" . G   A 1 13 ? 6.471   -2.310  10.719  1.00 43.74  ? 13  G   A "C4'" 1 
ATOM   264 O  "O4'" . G   A 1 13 ? 5.584   -1.909  9.641   1.00 45.13  ? 13  G   A "O4'" 1 
ATOM   265 C  "C3'" . G   A 1 13 ? 7.771   -1.591  10.411  1.00 44.80  ? 13  G   A "C3'" 1 
ATOM   266 O  "O3'" . G   A 1 13 ? 8.878   -2.224  11.030  1.00 41.64  ? 13  G   A "O3'" 1 
ATOM   267 C  "C2'" . G   A 1 13 ? 7.821   -1.650  8.887   1.00 48.37  ? 13  G   A "C2'" 1 
ATOM   268 O  "O2'" . G   A 1 13 ? 8.256   -2.933  8.459   1.00 43.61  ? 13  G   A "O2'" 1 
ATOM   269 C  "C1'" . G   A 1 13 ? 6.339   -1.502  8.522   1.00 35.60  ? 13  G   A "C1'" 1 
ATOM   270 N  N9    . G   A 1 13 ? 5.960   -0.115  8.170   1.00 35.98  ? 13  G   A N9    1 
ATOM   271 C  C8    . G   A 1 13 ? 5.256   0.772   8.948   1.00 34.58  ? 13  G   A C8    1 
ATOM   272 N  N7    . G   A 1 13 ? 5.052   1.933   8.370   1.00 30.93  ? 13  G   A N7    1 
ATOM   273 C  C5    . G   A 1 13 ? 5.647   1.802   7.130   1.00 25.82  ? 13  G   A C5    1 
ATOM   274 C  C6    . G   A 1 13 ? 5.742   2.730   6.073   1.00 28.66  ? 13  G   A C6    1 
ATOM   275 O  O6    . G   A 1 13 ? 5.301   3.877   6.022   1.00 28.57  ? 13  G   A O6    1 
ATOM   276 N  N1    . G   A 1 13 ? 6.431   2.212   4.989   1.00 31.60  ? 13  G   A N1    1 
ATOM   277 C  C2    . G   A 1 13 ? 6.956   0.948   4.929   1.00 34.61  ? 13  G   A C2    1 
ATOM   278 N  N2    . G   A 1 13 ? 7.577   0.625   3.786   1.00 33.02  ? 13  G   A N2    1 
ATOM   279 N  N3    . G   A 1 13 ? 6.874   0.065   5.911   1.00 34.06  ? 13  G   A N3    1 
ATOM   280 C  C4    . G   A 1 13 ? 6.210   0.554   6.983   1.00 33.08  ? 13  G   A C4    1 
ATOM   281 P  P     . C   A 1 14 ? 10.205  -1.404  11.431  1.00 53.35  ? 14  C   A P     1 
ATOM   282 O  OP1   . C   A 1 14 ? 11.006  -2.361  12.242  1.00 44.37  ? 14  C   A OP1   1 
ATOM   283 O  OP2   . C   A 1 14 ? 9.869   -0.055  11.964  1.00 36.63  ? 14  C   A OP2   1 
ATOM   284 O  "O5'" . C   A 1 14 ? 10.960  -1.162  10.052  1.00 44.05  ? 14  C   A "O5'" 1 
ATOM   285 C  "C5'" . C   A 1 14 ? 11.574  -2.230  9.351   1.00 39.17  ? 14  C   A "C5'" 1 
ATOM   286 C  "C4'" . C   A 1 14 ? 12.020  -1.799  7.974   1.00 39.67  ? 14  C   A "C4'" 1 
ATOM   287 O  "O4'" . C   A 1 14 ? 10.869  -1.413  7.165   1.00 44.46  ? 14  C   A "O4'" 1 
ATOM   288 C  "C3'" . C   A 1 14 ? 12.923  -0.580  7.909   1.00 39.34  ? 14  C   A "C3'" 1 
ATOM   289 O  "O3'" . C   A 1 14 ? 14.262  -0.843  8.262   1.00 44.07  ? 14  C   A "O3'" 1 
ATOM   290 C  "C2'" . C   A 1 14 ? 12.745  -0.133  6.463   1.00 47.19  ? 14  C   A "C2'" 1 
ATOM   291 O  "O2'" . C   A 1 14 ? 13.477  -0.973  5.581   1.00 47.68  ? 14  C   A "O2'" 1 
ATOM   292 C  "C1'" . C   A 1 14 ? 11.249  -0.394  6.256   1.00 38.62  ? 14  C   A "C1'" 1 
ATOM   293 N  N1    . C   A 1 14 ? 10.468  0.829   6.535   1.00 28.83  ? 14  C   A N1    1 
ATOM   294 C  C2    . C   A 1 14 ? 10.402  1.808   5.531   1.00 36.90  ? 14  C   A C2    1 
ATOM   295 O  O2    . C   A 1 14 ? 10.959  1.597   4.439   1.00 35.24  ? 14  C   A O2    1 
ATOM   296 N  N3    . C   A 1 14 ? 9.715   2.958   5.758   1.00 32.83  ? 14  C   A N3    1 
ATOM   297 C  C4    . C   A 1 14 ? 9.129   3.125   6.942   1.00 30.60  ? 14  C   A C4    1 
ATOM   298 N  N4    . C   A 1 14 ? 8.468   4.255   7.133   1.00 30.69  ? 14  C   A N4    1 
ATOM   299 C  C5    . C   A 1 14 ? 9.191   2.155   7.989   1.00 30.21  ? 14  C   A C5    1 
ATOM   300 C  C6    . C   A 1 14 ? 9.871   1.029   7.746   1.00 29.52  ? 14  C   A C6    1 
ATOM   301 P  P     . A   A 1 15 ? 15.053  0.164   9.237   1.00 54.76  ? 15  A   A P     1 
ATOM   302 O  OP1   . A   A 1 15 ? 16.345  -0.476  9.594   1.00 48.08  ? 15  A   A OP1   1 
ATOM   303 O  OP2   . A   A 1 15 ? 14.099  0.582   10.300  1.00 49.24  ? 15  A   A OP2   1 
ATOM   304 O  "O5'" . A   A 1 15 ? 15.401  1.411   8.315   1.00 38.05  ? 15  A   A "O5'" 1 
ATOM   305 C  "C5'" . A   A 1 15 ? 16.053  1.210   7.078   1.00 39.18  ? 15  A   A "C5'" 1 
ATOM   306 C  "C4'" . A   A 1 15 ? 15.891  2.389   6.155   1.00 43.46  ? 15  A   A "C4'" 1 
ATOM   307 O  "O4'" . A   A 1 15 ? 14.492  2.588   5.818   1.00 44.92  ? 15  A   A "O4'" 1 
ATOM   308 C  "C3'" . A   A 1 15 ? 16.313  3.741   6.694   1.00 44.20  ? 15  A   A "C3'" 1 
ATOM   309 O  "O3'" . A   A 1 15 ? 17.718  3.917   6.747   1.00 49.28  ? 15  A   A "O3'" 1 
ATOM   310 C  "C2'" . A   A 1 15 ? 15.596  4.687   5.739   1.00 45.67  ? 15  A   A "C2'" 1 
ATOM   311 O  "O2'" . A   A 1 15 ? 16.242  4.693   4.476   1.00 46.61  ? 15  A   A "O2'" 1 
ATOM   312 C  "C1'" . A   A 1 15 ? 14.259  3.964   5.573   1.00 40.41  ? 15  A   A "C1'" 1 
ATOM   313 N  N9    . A   A 1 15 ? 13.244  4.470   6.517   1.00 35.14  ? 15  A   A N9    1 
ATOM   314 C  C8    . A   A 1 15 ? 12.782  3.906   7.683   1.00 39.17  ? 15  A   A C8    1 
ATOM   315 N  N7    . A   A 1 15 ? 11.874  4.632   8.304   1.00 34.72  ? 15  A   A N7    1 
ATOM   316 C  C5    . A   A 1 15 ? 11.731  5.747   7.487   1.00 31.72  ? 15  A   A C5    1 
ATOM   317 C  C6    . A   A 1 15 ? 10.916  6.892   7.570   1.00 32.62  ? 15  A   A C6    1 
ATOM   318 N  N6    . A   A 1 15 ? 10.050  7.123   8.560   1.00 26.53  ? 15  A   A N6    1 
ATOM   319 N  N1    . A   A 1 15 ? 11.013  7.811   6.585   1.00 32.14  ? 15  A   A N1    1 
ATOM   320 C  C2    . A   A 1 15 ? 11.872  7.576   5.592   1.00 34.04  ? 15  A   A C2    1 
ATOM   321 N  N3    . A   A 1 15 ? 12.693  6.544   5.406   1.00 37.36  ? 15  A   A N3    1 
ATOM   322 C  C4    . A   A 1 15 ? 12.570  5.655   6.395   1.00 32.90  ? 15  A   A C4    1 
ATOM   323 P  P     . U   A 1 16 ? 18.414  4.504   8.078   1.00 48.32  ? 16  U   A P     1 
ATOM   324 O  OP1   . U   A 1 16 ? 19.873  4.280   7.944   1.00 54.25  ? 16  U   A OP1   1 
ATOM   325 O  OP2   . U   A 1 16 ? 17.726  4.009   9.296   1.00 41.96  ? 16  U   A OP2   1 
ATOM   326 O  "O5'" . U   A 1 16 ? 18.164  6.067   7.969   1.00 37.55  ? 16  U   A "O5'" 1 
ATOM   327 C  "C5'" . U   A 1 16 ? 18.586  6.768   6.818   1.00 34.74  ? 16  U   A "C5'" 1 
ATOM   328 C  "C4'" . U   A 1 16 ? 17.884  8.093   6.708   1.00 43.09  ? 16  U   A "C4'" 1 
ATOM   329 O  "O4'" . U   A 1 16 ? 16.457  7.900   6.497   1.00 51.74  ? 16  U   A "O4'" 1 
ATOM   330 C  "C3'" . U   A 1 16 ? 17.936  8.972   7.935   1.00 46.16  ? 16  U   A "C3'" 1 
ATOM   331 O  "O3'" . U   A 1 16 ? 19.195  9.600   8.117   1.00 49.49  ? 16  U   A "O3'" 1 
ATOM   332 C  "C2'" . U   A 1 16 ? 16.778  9.928   7.675   1.00 44.51  ? 16  U   A "C2'" 1 
ATOM   333 O  "O2'" . U   A 1 16 ? 17.134  10.855  6.660   1.00 41.29  ? 16  U   A "O2'" 1 
ATOM   334 C  "C1'" . U   A 1 16 ? 15.743  8.971   7.085   1.00 39.71  ? 16  U   A "C1'" 1 
ATOM   335 N  N1    . U   A 1 16 ? 14.821  8.443   8.121   1.00 37.63  ? 16  U   A N1    1 
ATOM   336 C  C2    . U   A 1 16 ? 13.737  9.220   8.491   1.00 38.93  ? 16  U   A C2    1 
ATOM   337 O  O2    . U   A 1 16 ? 13.489  10.303  8.000   1.00 42.16  ? 16  U   A O2    1 
ATOM   338 N  N3    . U   A 1 16 ? 12.930  8.697   9.468   1.00 35.25  ? 16  U   A N3    1 
ATOM   339 C  C4    . U   A 1 16 ? 13.088  7.492   10.109  1.00 37.69  ? 16  U   A C4    1 
ATOM   340 O  O4    . U   A 1 16 ? 12.266  7.150   10.962  1.00 43.60  ? 16  U   A O4    1 
ATOM   341 C  C5    . U   A 1 16 ? 14.224  6.739   9.677   1.00 40.11  ? 16  U   A C5    1 
ATOM   342 C  C6    . U   A 1 16 ? 15.029  7.229   8.726   1.00 41.43  ? 16  U   A C6    1 
ATOM   343 P  P     . G   A 1 17 ? 19.853  9.708   9.583   1.00 52.73  ? 17  G   A P     1 
ATOM   344 O  OP1   . G   A 1 17 ? 21.232  10.200  9.333   1.00 60.22  ? 17  G   A OP1   1 
ATOM   345 O  OP2   . G   A 1 17 ? 19.639  8.490   10.407  1.00 42.48  ? 17  G   A OP2   1 
ATOM   346 O  "O5'" . G   A 1 17 ? 19.014  10.856  10.293  1.00 44.56  ? 17  G   A "O5'" 1 
ATOM   347 C  "C5'" . G   A 1 17 ? 18.973  12.158  9.736   1.00 36.58  ? 17  G   A "C5'" 1 
ATOM   348 C  "C4'" . G   A 1 17 ? 17.930  13.007  10.409  1.00 47.84  ? 17  G   A "C4'" 1 
ATOM   349 O  "O4'" . G   A 1 17 ? 16.594  12.592  9.994   1.00 50.07  ? 17  G   A "O4'" 1 
ATOM   350 C  "C3'" . G   A 1 17 ? 17.867  12.939  11.928  1.00 49.51  ? 17  G   A "C3'" 1 
ATOM   351 O  "O3'" . G   A 1 17 ? 18.919  13.645  12.585  1.00 49.09  ? 17  G   A "O3'" 1 
ATOM   352 C  "C2'" . G   A 1 17 ? 16.467  13.482  12.190  1.00 47.31  ? 17  G   A "C2'" 1 
ATOM   353 O  "O2'" . G   A 1 17 ? 16.428  14.886  11.989  1.00 57.53  ? 17  G   A "O2'" 1 
ATOM   354 C  "C1'" . G   A 1 17 ? 15.682  12.815  11.051  1.00 46.56  ? 17  G   A "C1'" 1 
ATOM   355 N  N9    . G   A 1 17 ? 15.165  11.525  11.529  1.00 43.58  ? 17  G   A N9    1 
ATOM   356 C  C8    . G   A 1 17 ? 15.801  10.314  11.473  1.00 45.70  ? 17  G   A C8    1 
ATOM   357 N  N7    . G   A 1 17 ? 15.119  9.368   12.057  1.00 51.05  ? 17  G   A N7    1 
ATOM   358 C  C5    . G   A 1 17 ? 13.992  9.999   12.548  1.00 40.35  ? 17  G   A C5    1 
ATOM   359 C  C6    . G   A 1 17 ? 12.907  9.475   13.277  1.00 43.26  ? 17  G   A C6    1 
ATOM   360 O  O6    . G   A 1 17 ? 12.717  8.308   13.634  1.00 63.07  ? 17  G   A O6    1 
ATOM   361 N  N1    . G   A 1 17 ? 11.970  10.448  13.579  1.00 39.87  ? 17  G   A N1    1 
ATOM   362 C  C2    . G   A 1 17 ? 12.059  11.760  13.219  1.00 39.55  ? 17  G   A C2    1 
ATOM   363 N  N2    . G   A 1 17 ? 11.037  12.527  13.621  1.00 39.86  ? 17  G   A N2    1 
ATOM   364 N  N3    . G   A 1 17 ? 13.068  12.267  12.533  1.00 41.49  ? 17  G   A N3    1 
ATOM   365 C  C4    . G   A 1 17 ? 14.001  11.335  12.240  1.00 42.57  ? 17  G   A C4    1 
ATOM   366 P  P     . A   A 1 18 ? 19.592  13.100  13.960  1.00 56.44  ? 18  A   A P     1 
ATOM   367 O  OP1   . A   A 1 18 ? 20.493  14.168  14.476  1.00 52.21  ? 18  A   A OP1   1 
ATOM   368 O  OP2   . A   A 1 18 ? 20.180  11.755  13.779  1.00 46.94  ? 18  A   A OP2   1 
ATOM   369 O  "O5'" . A   A 1 18 ? 18.368  12.992  14.975  1.00 47.07  ? 18  A   A "O5'" 1 
ATOM   370 C  "C5'" . A   A 1 18 ? 18.537  12.504  16.296  1.00 31.42  ? 18  A   A "C5'" 1 
ATOM   371 C  "C4'" . A   A 1 18 ? 17.739  13.326  17.272  1.00 35.34  ? 18  A   A "C4'" 1 
ATOM   372 O  "O4'" . A   A 1 18 ? 18.261  14.674  17.277  1.00 46.37  ? 18  A   A "O4'" 1 
ATOM   373 C  "C3'" . A   A 1 18 ? 16.267  13.486  16.933  1.00 45.10  ? 18  A   A "C3'" 1 
ATOM   374 O  "O3'" . A   A 1 18 ? 15.472  12.428  17.442  1.00 48.12  ? 18  A   A "O3'" 1 
ATOM   375 C  "C2'" . A   A 1 18 ? 15.904  14.844  17.520  1.00 42.37  ? 18  A   A "C2'" 1 
ATOM   376 O  "O2'" . A   A 1 18 ? 15.588  14.717  18.896  1.00 46.81  ? 18  A   A "O2'" 1 
ATOM   377 C  "C1'" . A   A 1 18 ? 17.217  15.608  17.393  1.00 42.52  ? 18  A   A "C1'" 1 
ATOM   378 N  N9    . A   A 1 18 ? 17.289  16.527  16.236  1.00 45.21  ? 18  A   A N9    1 
ATOM   379 C  C8    . A   A 1 18 ? 18.146  16.442  15.168  1.00 41.88  ? 18  A   A C8    1 
ATOM   380 N  N7    . A   A 1 18 ? 18.032  17.426  14.311  1.00 40.52  ? 18  A   A N7    1 
ATOM   381 C  C5    . A   A 1 18 ? 17.049  18.228  14.856  1.00 34.25  ? 18  A   A C5    1 
ATOM   382 C  C6    . A   A 1 18 ? 16.483  19.437  14.434  1.00 35.16  ? 18  A   A C6    1 
ATOM   383 N  N6    . A   A 1 18 ? 16.827  20.082  13.320  1.00 33.39  ? 18  A   A N6    1 
ATOM   384 N  N1    . A   A 1 18 ? 15.525  19.976  15.210  1.00 35.55  ? 18  A   A N1    1 
ATOM   385 C  C2    . A   A 1 18 ? 15.185  19.346  16.342  1.00 37.03  ? 18  A   A C2    1 
ATOM   386 N  N3    . A   A 1 18 ? 15.647  18.207  16.851  1.00 38.80  ? 18  A   A N3    1 
ATOM   387 C  C4    . A   A 1 18 ? 16.589  17.693  16.046  1.00 38.24  ? 18  A   A C4    1 
ATOM   388 P  P     . A   A 1 19 ? 14.261  11.846  16.562  1.00 54.81  ? 19  A   A P     1 
ATOM   389 O  OP1   . A   A 1 19 ? 13.742  10.637  17.263  1.00 54.05  ? 19  A   A OP1   1 
ATOM   390 O  OP2   . A   A 1 19 ? 14.709  11.846  15.136  1.00 40.65  ? 19  A   A OP2   1 
ATOM   391 O  "O5'" . A   A 1 19 ? 13.122  12.945  16.678  1.00 42.07  ? 19  A   A "O5'" 1 
ATOM   392 C  "C5'" . A   A 1 19 ? 12.472  13.200  17.914  1.00 45.74  ? 19  A   A "C5'" 1 
ATOM   393 C  "C4'" . A   A 1 19 ? 11.807  14.549  17.883  1.00 47.26  ? 19  A   A "C4'" 1 
ATOM   394 O  "O4'" . A   A 1 19 ? 12.787  15.533  17.484  1.00 49.31  ? 19  A   A "O4'" 1 
ATOM   395 C  "C3'" . A   A 1 19 ? 10.681  14.689  16.869  1.00 45.66  ? 19  A   A "C3'" 1 
ATOM   396 O  "O3'" . A   A 1 19 ? 9.444   14.310  17.436  1.00 51.17  ? 19  A   A "O3'" 1 
ATOM   397 C  "C2'" . A   A 1 19 ? 10.728  16.163  16.482  1.00 42.34  ? 19  A   A "C2'" 1 
ATOM   398 O  "O2'" . A   A 1 19 ? 10.024  16.945  17.435  1.00 41.62  ? 19  A   A "O2'" 1 
ATOM   399 C  "C1'" . A   A 1 19 ? 12.211  16.484  16.624  1.00 36.25  ? 19  A   A "C1'" 1 
ATOM   400 N  N9    . A   A 1 19 ? 12.981  16.474  15.374  1.00 33.88  ? 19  A   A N9    1 
ATOM   401 C  C8    . A   A 1 19 ? 13.783  15.471  14.904  1.00 38.54  ? 19  A   A C8    1 
ATOM   402 N  N7    . A   A 1 19 ? 14.399  15.768  13.787  1.00 38.12  ? 19  A   A N7    1 
ATOM   403 C  C5    . A   A 1 19 ? 13.993  17.058  13.527  1.00 34.47  ? 19  A   A C5    1 
ATOM   404 C  C6    . A   A 1 19 ? 14.294  17.939  12.490  1.00 33.86  ? 19  A   A C6    1 
ATOM   405 N  N6    . A   A 1 19 ? 15.120  17.641  11.493  1.00 29.89  ? 19  A   A N6    1 
ATOM   406 N  N1    . A   A 1 19 ? 13.705  19.156  12.515  1.00 34.39  ? 19  A   A N1    1 
ATOM   407 C  C2    . A   A 1 19 ? 12.879  19.461  13.522  1.00 29.24  ? 19  A   A C2    1 
ATOM   408 N  N3    . A   A 1 19 ? 12.523  18.715  14.559  1.00 32.41  ? 19  A   A N3    1 
ATOM   409 C  C4    . A   A 1 19 ? 13.124  17.514  14.499  1.00 38.47  ? 19  A   A C4    1 
ATOM   410 P  P     . A   A 1 20 ? 8.278   13.679  16.539  1.00 57.48  ? 20  A   A P     1 
ATOM   411 O  OP1   . A   A 1 20 ? 7.216   13.364  17.534  1.00 50.30  ? 20  A   A OP1   1 
ATOM   412 O  OP2   . A   A 1 20 ? 8.858   12.623  15.663  1.00 46.62  ? 20  A   A OP2   1 
ATOM   413 O  "O5'" . A   A 1 20 ? 7.799   14.871  15.589  1.00 43.11  ? 20  A   A "O5'" 1 
ATOM   414 C  "C5'" . A   A 1 20 ? 7.065   15.978  16.097  1.00 41.26  ? 20  A   A "C5'" 1 
ATOM   415 C  "C4'" . A   A 1 20 ? 6.995   17.095  15.083  1.00 44.88  ? 20  A   A "C4'" 1 
ATOM   416 O  "O4'" . A   A 1 20 ? 8.331   17.587  14.801  1.00 44.01  ? 20  A   A "O4'" 1 
ATOM   417 C  "C3'" . A   A 1 20 ? 6.448   16.722  13.713  1.00 44.91  ? 20  A   A "C3'" 1 
ATOM   418 O  "O3'" . A   A 1 20 ? 5.029   16.694  13.677  1.00 47.91  ? 20  A   A "O3'" 1 
ATOM   419 C  "C2'" . A   A 1 20 ? 7.052   17.795  12.817  1.00 40.86  ? 20  A   A "C2'" 1 
ATOM   420 O  "O2'" . A   A 1 20 ? 6.331   19.011  12.957  1.00 49.08  ? 20  A   A "O2'" 1 
ATOM   421 C  "C1'" . A   A 1 20 ? 8.430   17.973  13.449  1.00 34.30  ? 20  A   A "C1'" 1 
ATOM   422 N  N9    . A   A 1 20 ? 9.453   17.133  12.798  1.00 36.27  ? 20  A   A N9    1 
ATOM   423 C  C8    . A   A 1 20 ? 9.754   15.825  13.070  1.00 43.28  ? 20  A   A C8    1 
ATOM   424 N  N7    . A   A 1 20 ? 10.717  15.330  12.322  1.00 40.90  ? 20  A   A N7    1 
ATOM   425 C  C5    . A   A 1 20 ? 11.081  16.380  11.507  1.00 30.03  ? 20  A   A C5    1 
ATOM   426 C  C6    . A   A 1 20 ? 12.036  16.489  10.493  1.00 32.25  ? 20  A   A C6    1 
ATOM   427 N  N6    . A   A 1 20 ? 12.842  15.498  10.118  1.00 39.73  ? 20  A   A N6    1 
ATOM   428 N  N1    . A   A 1 20 ? 12.150  17.671  9.862   1.00 32.59  ? 20  A   A N1    1 
ATOM   429 C  C2    . A   A 1 20 ? 11.339  18.663  10.244  1.00 36.73  ? 20  A   A C2    1 
ATOM   430 N  N3    . A   A 1 20 ? 10.396  18.678  11.180  1.00 32.67  ? 20  A   A N3    1 
ATOM   431 C  C4    . A   A 1 20 ? 10.312  17.491  11.785  1.00 32.92  ? 20  A   A C4    1 
ATOM   432 P  P     . DG  A 1 21 ? 4.233   15.738  12.655  1.00 41.61  ? 21  DG  A P     1 
ATOM   433 O  OP1   . DG  A 1 21 ? 2.978   16.456  12.335  1.00 50.07  ? 21  DG  A OP1   1 
ATOM   434 O  OP2   . DG  A 1 21 ? 4.214   14.375  13.217  1.00 49.57  ? 21  DG  A OP2   1 
ATOM   435 O  "O5'" . DG  A 1 21 ? 5.166   15.631  11.354  1.00 44.05  ? 21  DG  A "O5'" 1 
ATOM   436 C  "C5'" . DG  A 1 21 ? 4.741   16.159  10.090  1.00 33.18  ? 21  DG  A "C5'" 1 
ATOM   437 C  "C4'" . DG  A 1 21 ? 5.952   16.518  9.253   1.00 37.81  ? 21  DG  A "C4'" 1 
ATOM   438 O  "O4'" . DG  A 1 21 ? 7.147   16.276  10.038  1.00 44.97  ? 21  DG  A "O4'" 1 
ATOM   439 C  "C3'" . DG  A 1 21 ? 6.154   15.691  7.998   1.00 38.73  ? 21  DG  A "C3'" 1 
ATOM   440 O  "O3'" . DG  A 1 21 ? 5.427   16.252  6.927   1.00 43.54  ? 21  DG  A "O3'" 1 
ATOM   441 C  "C2'" . DG  A 1 21 ? 7.658   15.823  7.768   1.00 37.32  ? 21  DG  A "C2'" 1 
ATOM   442 C  "C1'" . DG  A 1 21 ? 8.198   15.834  9.201   1.00 38.39  ? 21  DG  A "C1'" 1 
ATOM   443 N  N9    . DG  A 1 21 ? 8.643   14.528  9.670   1.00 32.38  ? 21  DG  A N9    1 
ATOM   444 C  C8    . DG  A 1 21 ? 8.108   13.783  10.688  1.00 36.51  ? 21  DG  A C8    1 
ATOM   445 N  N7    . DG  A 1 21 ? 8.729   12.648  10.881  1.00 35.89  ? 21  DG  A N7    1 
ATOM   446 C  C5    . DG  A 1 21 ? 9.730   12.646  9.923   1.00 31.45  ? 21  DG  A C5    1 
ATOM   447 C  C6    . DG  A 1 21 ? 10.726  11.681  9.648   1.00 39.23  ? 21  DG  A C6    1 
ATOM   448 O  O6    . DG  A 1 21 ? 10.920  10.586  10.211  1.00 40.66  ? 21  DG  A O6    1 
ATOM   449 N  N1    . DG  A 1 21 ? 11.549  12.088  8.601   1.00 32.79  ? 21  DG  A N1    1 
ATOM   450 C  C2    . DG  A 1 21 ? 11.419  13.273  7.915   1.00 28.72  ? 21  DG  A C2    1 
ATOM   451 N  N2    . DG  A 1 21 ? 12.291  13.493  6.924   1.00 28.30  ? 21  DG  A N2    1 
ATOM   452 N  N3    . DG  A 1 21 ? 10.496  14.174  8.167   1.00 27.09  ? 21  DG  A N3    1 
ATOM   453 C  C4    . DG  A 1 21 ? 9.693   13.799  9.179   1.00 29.65  ? 21  DG  A C4    1 
ATOM   454 P  P     . DT  A 1 22 ? 4.597   15.306  5.928   1.00 41.88  ? 22  DT  A P     1 
ATOM   455 O  OP1   . DT  A 1 22 ? 3.713   16.226  5.175   1.00 33.83  ? 22  DT  A OP1   1 
ATOM   456 O  OP2   . DT  A 1 22 ? 4.031   14.189  6.732   1.00 34.32  ? 22  DT  A OP2   1 
ATOM   457 O  "O5'" . DT  A 1 22 ? 5.707   14.704  4.943   1.00 31.12  ? 22  DT  A "O5'" 1 
ATOM   458 C  "C5'" . DT  A 1 22 ? 6.505   15.581  4.180   1.00 31.52  ? 22  DT  A "C5'" 1 
ATOM   459 C  "C4'" . DT  A 1 22 ? 7.829   14.939  3.796   1.00 38.00  ? 22  DT  A "C4'" 1 
ATOM   460 O  "O4'" . DT  A 1 22 ? 8.572   14.541  4.977   1.00 42.53  ? 22  DT  A "O4'" 1 
ATOM   461 C  "C3'" . DT  A 1 22 ? 7.727   13.659  3.012   1.00 36.09  ? 22  DT  A "C3'" 1 
ATOM   462 O  "O3'" . DT  A 1 22 ? 7.437   13.934  1.682   1.00 40.42  ? 22  DT  A "O3'" 1 
ATOM   463 C  "C2'" . DT  A 1 22 ? 9.140   13.106  3.177   1.00 36.31  ? 22  DT  A "C2'" 1 
ATOM   464 C  "C1'" . DT  A 1 22 ? 9.431   13.458  4.633   1.00 26.98  ? 22  DT  A "C1'" 1 
ATOM   465 N  N1    . DT  A 1 22 ? 9.183   12.335  5.577   1.00 25.15  ? 22  DT  A N1    1 
ATOM   466 C  C2    . DT  A 1 22 ? 10.035  11.248  5.569   1.00 29.57  ? 22  DT  A C2    1 
ATOM   467 O  O2    . DT  A 1 22 ? 10.985  11.144  4.810   1.00 35.33  ? 22  DT  A O2    1 
ATOM   468 N  N3    . DT  A 1 22 ? 9.737   10.282  6.483   1.00 24.91  ? 22  DT  A N3    1 
ATOM   469 C  C4    . DT  A 1 22 ? 8.695   10.283  7.382   1.00 31.39  ? 22  DT  A C4    1 
ATOM   470 O  O4    . DT  A 1 22 ? 8.504   9.360   8.160   1.00 32.54  ? 22  DT  A O4    1 
ATOM   471 C  C5    . DT  A 1 22 ? 7.840   11.446  7.342   1.00 30.43  ? 22  DT  A C5    1 
ATOM   472 C  C7    . DT  A 1 22 ? 6.681   11.549  8.285   1.00 24.66  ? 22  DT  A C7    1 
ATOM   473 C  C6    . DT  A 1 22 ? 8.120   12.407  6.449   1.00 24.90  ? 22  DT  A C6    1 
ATOM   474 P  P     . DG  A 1 23 ? 6.617   12.858  0.822   1.00 57.75  ? 23  DG  A P     1 
ATOM   475 O  OP1   . DG  A 1 23 ? 6.255   13.522  -0.461  1.00 30.70  ? 23  DG  A OP1   1 
ATOM   476 O  OP2   . DG  A 1 23 ? 5.528   12.341  1.694   1.00 34.02  ? 23  DG  A OP2   1 
ATOM   477 O  "O5'" . DG  A 1 23 ? 7.690   11.676  0.590   1.00 39.22  ? 23  DG  A "O5'" 1 
ATOM   478 C  "C5'" . DG  A 1 23 ? 8.735   11.849  -0.347  1.00 30.62  ? 23  DG  A "C5'" 1 
ATOM   479 C  "C4'" . DG  A 1 23 ? 9.527   10.564  -0.543  1.00 38.03  ? 23  DG  A "C4'" 1 
ATOM   480 O  "O4'" . DG  A 1 23 ? 10.204  10.199  0.679   1.00 43.88  ? 23  DG  A "O4'" 1 
ATOM   481 C  "C3'" . DG  A 1 23 ? 8.727   9.335   -0.896  1.00 40.28  ? 23  DG  A "C3'" 1 
ATOM   482 O  "O3'" . DG  A 1 23 ? 8.449   9.323   -2.280  1.00 42.71  ? 23  DG  A "O3'" 1 
ATOM   483 C  "C2'" . DG  A 1 23 ? 9.714   8.232   -0.524  1.00 42.27  ? 23  DG  A "C2'" 1 
ATOM   484 C  "C1'" . DG  A 1 23 ? 10.325  8.784   0.757   1.00 36.74  ? 23  DG  A "C1'" 1 
ATOM   485 N  N9    . DG  A 1 23 ? 9.629   8.360   1.961   1.00 34.75  ? 23  DG  A N9    1 
ATOM   486 C  C8    . DG  A 1 23 ? 8.663   9.069   2.623   1.00 27.25  ? 23  DG  A C8    1 
ATOM   487 N  N7    . DG  A 1 23 ? 8.216   8.471   3.684   1.00 27.98  ? 23  DG  A N7    1 
ATOM   488 C  C5    . DG  A 1 23 ? 8.930   7.288   3.738   1.00 27.31  ? 23  DG  A C5    1 
ATOM   489 C  C6    . DG  A 1 23 ? 8.862   6.246   4.678   1.00 29.98  ? 23  DG  A C6    1 
ATOM   490 O  O6    . DG  A 1 23 ? 8.126   6.169   5.668   1.00 33.57  ? 23  DG  A O6    1 
ATOM   491 N  N1    . DG  A 1 23 ? 9.753   5.223   4.391   1.00 27.60  ? 23  DG  A N1    1 
ATOM   492 C  C2    . DG  A 1 23 ? 10.606  5.214   3.311   1.00 36.19  ? 23  DG  A C2    1 
ATOM   493 N  N2    . DG  A 1 23 ? 11.397  4.130   3.199   1.00 35.80  ? 23  DG  A N2    1 
ATOM   494 N  N3    . DG  A 1 23 ? 10.683  6.199   2.405   1.00 30.49  ? 23  DG  A N3    1 
ATOM   495 C  C4    . DG  A 1 23 ? 9.814   7.199   2.687   1.00 31.67  ? 23  DG  A C4    1 
ATOM   496 P  P     . DC  A 1 24 ? 7.135   8.581   -2.826  1.00 44.66  ? 24  DC  A P     1 
ATOM   497 O  OP1   . DC  A 1 24 ? 7.189   8.715   -4.305  1.00 36.36  ? 24  DC  A OP1   1 
ATOM   498 O  OP2   . DC  A 1 24 ? 5.960   9.099   -2.083  1.00 35.29  ? 24  DC  A OP2   1 
ATOM   499 O  "O5'" . DC  A 1 24 ? 7.371   7.053   -2.402  1.00 36.18  ? 24  DC  A "O5'" 1 
ATOM   500 C  "C5'" . DC  A 1 24 ? 8.322   6.275   -3.104  1.00 33.84  ? 24  DC  A "C5'" 1 
ATOM   501 C  "C4'" . DC  A 1 24 ? 8.484   4.910   -2.471  1.00 34.76  ? 24  DC  A "C4'" 1 
ATOM   502 O  "O4'" . DC  A 1 24 ? 8.917   5.051   -1.104  1.00 38.15  ? 24  DC  A "O4'" 1 
ATOM   503 C  "C3'" . DC  A 1 24 ? 7.222   4.089   -2.362  1.00 32.10  ? 24  DC  A "C3'" 1 
ATOM   504 O  "O3'" . DC  A 1 24 ? 6.961   3.475   -3.581  1.00 33.12  ? 24  DC  A "O3'" 1 
ATOM   505 C  "C2'" . DC  A 1 24 ? 7.634   3.070   -1.308  1.00 30.70  ? 24  DC  A "C2'" 1 
ATOM   506 C  "C1'" . DC  A 1 24 ? 8.463   3.935   -0.354  1.00 32.62  ? 24  DC  A "C1'" 1 
ATOM   507 N  N1    . DC  A 1 24 ? 7.695   4.422   0.782   1.00 29.36  ? 24  DC  A N1    1 
ATOM   508 C  C2    . DC  A 1 24 ? 7.499   3.585   1.879   1.00 36.29  ? 24  DC  A C2    1 
ATOM   509 O  O2    . DC  A 1 24 ? 8.004   2.453   1.870   1.00 34.60  ? 24  DC  A O2    1 
ATOM   510 N  N3    . DC  A 1 24 ? 6.765   4.039   2.926   1.00 32.06  ? 24  DC  A N3    1 
ATOM   511 C  C4    . DC  A 1 24 ? 6.251   5.264   2.888   1.00 27.45  ? 24  DC  A C4    1 
ATOM   512 N  N4    . DC  A 1 24 ? 5.550   5.669   3.932   1.00 31.74  ? 24  DC  A N4    1 
ATOM   513 C  C5    . DC  A 1 24 ? 6.432   6.124   1.773   1.00 27.58  ? 24  DC  A C5    1 
ATOM   514 C  C6    . DC  A 1 24 ? 7.149   5.666   0.748   1.00 27.63  ? 24  DC  A C6    1 
ATOM   515 P  P     . DT  A 1 25 ? 5.471   3.005   -3.958  1.00 33.09  ? 25  DT  A P     1 
ATOM   516 O  OP1   . DT  A 1 25 ? 5.551   2.519   -5.362  1.00 25.74  ? 25  DT  A OP1   1 
ATOM   517 O  OP2   . DT  A 1 25 ? 4.536   4.101   -3.616  1.00 27.77  ? 25  DT  A OP2   1 
ATOM   518 O  "O5'" . DT  A 1 25 ? 5.199   1.763   -2.978  1.00 23.44  ? 25  DT  A "O5'" 1 
ATOM   519 C  "C5'" . DT  A 1 25 ? 5.990   0.612   -3.077  1.00 17.68  ? 25  DT  A "C5'" 1 
ATOM   520 C  "C4'" . DT  A 1 25 ? 5.669   -0.368  -1.963  1.00 25.45  ? 25  DT  A "C4'" 1 
ATOM   521 O  "O4'" . DT  A 1 25 ? 6.062   0.153   -0.673  1.00 30.00  ? 25  DT  A "O4'" 1 
ATOM   522 C  "C3'" . DT  A 1 25 ? 4.214   -0.702  -1.811  1.00 23.57  ? 25  DT  A "C3'" 1 
ATOM   523 O  "O3'" . DT  A 1 25 ? 3.876   -1.691  -2.767  1.00 33.57  ? 25  DT  A "O3'" 1 
ATOM   524 C  "C2'" . DT  A 1 25 ? 4.172   -1.241  -0.386  1.00 28.72  ? 25  DT  A "C2'" 1 
ATOM   525 C  "C1'" . DT  A 1 25 ? 5.186   -0.348  0.327   1.00 28.68  ? 25  DT  A "C1'" 1 
ATOM   526 N  N1    . DT  A 1 25 ? 4.547   0.819   1.058   1.00 35.44  ? 25  DT  A N1    1 
ATOM   527 C  C2    . DT  A 1 25 ? 4.156   0.664   2.370   1.00 31.19  ? 25  DT  A C2    1 
ATOM   528 O  O2    . DT  A 1 25 ? 4.297   -0.367  2.991   1.00 36.82  ? 25  DT  A O2    1 
ATOM   529 N  N3    . DT  A 1 25 ? 3.584   1.765   2.932   1.00 29.67  ? 25  DT  A N3    1 
ATOM   530 C  C4    . DT  A 1 25 ? 3.352   2.984   2.329   1.00 37.14  ? 25  DT  A C4    1 
ATOM   531 O  O4    . DT  A 1 25 ? 2.818   3.921   2.923   1.00 38.09  ? 25  DT  A O4    1 
ATOM   532 C  C5    . DT  A 1 25 ? 3.781   3.085   0.953   1.00 31.63  ? 25  DT  A C5    1 
ATOM   533 C  C7    . DT  A 1 25 ? 3.597   4.366   0.204   1.00 31.82  ? 25  DT  A C7    1 
ATOM   534 C  C6    . DT  A 1 25 ? 4.348   2.014   0.389   1.00 29.48  ? 25  DT  A C6    1 
ATOM   535 P  P     . DA  A 1 26 ? 2.341   -2.017  -3.084  1.00 40.29  ? 26  DA  A P     1 
ATOM   536 O  OP1   . DA  A 1 26 ? 2.341   -3.037  -4.153  1.00 27.52  ? 26  DA  A OP1   1 
ATOM   537 O  OP2   . DA  A 1 26 ? 1.573   -0.747  -3.283  1.00 27.63  ? 26  DA  A OP2   1 
ATOM   538 O  "O5'" . DA  A 1 26 ? 1.892   -2.677  -1.727  1.00 28.03  ? 26  DA  A "O5'" 1 
ATOM   539 C  "C5'" . DA  A 1 26 ? 0.585   -2.855  -1.473  1.00 39.45  ? 26  DA  A "C5'" 1 
ATOM   540 C  "C4'" . DA  A 1 26 ? 0.431   -3.889  -0.414  1.00 34.66  ? 26  DA  A "C4'" 1 
ATOM   541 O  "O4'" . DA  A 1 26 ? 0.010   -3.235  0.803   1.00 37.81  ? 26  DA  A "O4'" 1 
ATOM   542 C  "C3'" . DA  A 1 26 ? -0.656  -4.887  -0.699  1.00 45.90  ? 26  DA  A "C3'" 1 
ATOM   543 O  "O3'" . DA  A 1 26 ? -0.489  -5.980  0.183   1.00 60.32  ? 26  DA  A "O3'" 1 
ATOM   544 C  "C2'" . DA  A 1 26 ? -1.882  -4.047  -0.334  1.00 43.72  ? 26  DA  A "C2'" 1 
ATOM   545 C  "C1'" . DA  A 1 26 ? -1.388  -3.422  0.968   1.00 42.42  ? 26  DA  A "C1'" 1 
ATOM   546 N  N9    . DA  A 1 26 ? -1.997  -2.142  1.319   1.00 35.18  ? 26  DA  A N9    1 
ATOM   547 C  C8    . DA  A 1 26 ? -2.080  -1.014  0.551   1.00 38.75  ? 26  DA  A C8    1 
ATOM   548 N  N7    . DA  A 1 26 ? -2.662  -0.003  1.159   1.00 35.79  ? 26  DA  A N7    1 
ATOM   549 C  C5    . DA  A 1 26 ? -2.970  -0.503  2.411   1.00 35.97  ? 26  DA  A C5    1 
ATOM   550 C  C6    . DA  A 1 26 ? -3.595  0.070   3.540   1.00 38.38  ? 26  DA  A C6    1 
ATOM   551 N  N6    . DA  A 1 26 ? -4.038  1.328   3.585   1.00 28.90  ? 26  DA  A N6    1 
ATOM   552 N  N1    . DA  A 1 26 ? -3.740  -0.707  4.632   1.00 41.39  ? 26  DA  A N1    1 
ATOM   553 C  C2    . DA  A 1 26 ? -3.290  -1.969  4.591   1.00 43.10  ? 26  DA  A C2    1 
ATOM   554 N  N3    . DA  A 1 26 ? -2.692  -2.614  3.594   1.00 41.62  ? 26  DA  A N3    1 
ATOM   555 C  C4    . DA  A 1 26 ? -2.558  -1.816  2.525   1.00 36.33  ? 26  DA  A C4    1 
ATOM   556 P  P     . DT  A 1 27 ? -0.976  -7.450  -0.220  0.81 73.32  ? 27  DT  A P     1 
ATOM   557 O  OP1   . DT  A 1 27 ? -0.134  -8.376  0.581   0.81 54.22  ? 27  DT  A OP1   1 
ATOM   558 O  OP2   . DT  A 1 27 ? -1.033  -7.479  -1.715  0.81 29.50  ? 27  DT  A OP2   1 
ATOM   559 O  "O5'" . DT  A 1 27 ? -2.442  -7.554  0.437   0.81 72.11  ? 27  DT  A "O5'" 1 
ATOM   560 C  "C5'" . DT  A 1 27 ? -2.938  -8.811  0.903   0.81 68.11  ? 27  DT  A "C5'" 1 
ATOM   561 C  "C4'" . DT  A 1 27 ? -3.211  -8.784  2.404   0.81 65.71  ? 27  DT  A "C4'" 1 
ATOM   562 O  "O4'" . DT  A 1 27 ? -2.012  -8.425  3.112   0.81 56.80  ? 27  DT  A "O4'" 1 
ATOM   563 C  "C3'" . DT  A 1 27 ? -4.259  -7.779  2.874   0.81 75.22  ? 27  DT  A "C3'" 1 
ATOM   564 O  "O3'" . DT  A 1 27 ? -5.581  -8.354  2.778   0.81 81.62  ? 27  DT  A "O3'" 1 
ATOM   565 C  "C2'" . DT  A 1 27 ? -3.869  -7.556  4.340   0.81 68.88  ? 27  DT  A "C2'" 1 
ATOM   566 C  "C1'" . DT  A 1 27 ? -2.358  -7.864  4.373   0.81 69.87  ? 27  DT  A "C1'" 1 
ATOM   567 N  N1    . DT  A 1 27 ? -1.491  -6.647  4.599   0.81 77.74  ? 27  DT  A N1    1 
ATOM   568 C  C2    . DT  A 1 27 ? -1.734  -5.794  5.671   0.81 67.68  ? 27  DT  A C2    1 
ATOM   569 O  O2    . DT  A 1 27 ? -2.622  -5.967  6.486   0.81 73.74  ? 27  DT  A O2    1 
ATOM   570 N  N3    . DT  A 1 27 ? -0.880  -4.718  5.754   0.81 54.70  ? 27  DT  A N3    1 
ATOM   571 C  C4    . DT  A 1 27 ? 0.163   -4.412  4.893   0.81 57.49  ? 27  DT  A C4    1 
ATOM   572 O  O4    . DT  A 1 27 ? 0.868   -3.414  5.040   0.81 49.71  ? 27  DT  A O4    1 
ATOM   573 C  C5    . DT  A 1 27 ? 0.358   -5.347  3.800   0.81 61.46  ? 27  DT  A C5    1 
ATOM   574 C  C7    . DT  A 1 27 ? 1.453   -5.129  2.800   0.81 55.91  ? 27  DT  A C7    1 
ATOM   575 C  C6    . DT  A 1 27 ? -0.466  -6.399  3.712   0.81 71.48  ? 27  DT  A C6    1 
ATOM   576 P  P     . DG  A 1 28 ? -6.716  -7.712  1.829   1.00 92.08  ? 28  DG  A P     1 
ATOM   577 O  OP1   . DG  A 1 28 ? -7.978  -8.398  2.182   1.00 92.82  ? 28  DG  A OP1   1 
ATOM   578 O  OP2   . DG  A 1 28 ? -6.280  -7.815  0.411   1.00 59.83  ? 28  DG  A OP2   1 
ATOM   579 O  "O5'" . DG  A 1 28 ? -6.852  -6.194  2.357   1.00 65.99  ? 28  DG  A "O5'" 1 
ATOM   580 C  "C5'" . DG  A 1 28 ? -7.436  -5.950  3.646   1.00 55.84  ? 28  DG  A "C5'" 1 
ATOM   581 C  "C4'" . DG  A 1 28 ? -8.069  -4.556  3.760   1.00 57.23  ? 28  DG  A "C4'" 1 
ATOM   582 O  "O4'" . DG  A 1 28 ? -7.033  -3.531  3.870   1.00 56.10  ? 28  DG  A "O4'" 1 
ATOM   583 C  "C3'" . DG  A 1 28 ? -8.971  -4.106  2.607   1.00 52.32  ? 28  DG  A "C3'" 1 
ATOM   584 O  "O3'" . DG  A 1 28 ? -10.317 -4.549  2.827   1.00 48.42  ? 28  DG  A "O3'" 1 
ATOM   585 C  "C2'" . DG  A 1 28 ? -8.874  -2.581  2.733   1.00 52.28  ? 28  DG  A "C2'" 1 
ATOM   586 C  "C1'" . DG  A 1 28 ? -7.399  -2.386  3.109   1.00 51.69  ? 28  DG  A "C1'" 1 
ATOM   587 N  N9    . DG  A 1 28 ? -6.527  -2.315  1.939   1.00 48.99  ? 28  DG  A N9    1 
ATOM   588 C  C8    . DG  A 1 28 ? -5.583  -3.236  1.560   1.00 48.77  ? 28  DG  A C8    1 
ATOM   589 N  N7    . DG  A 1 28 ? -4.980  -2.938  0.446   1.00 47.46  ? 28  DG  A N7    1 
ATOM   590 C  C5    . DG  A 1 28 ? -5.569  -1.746  0.049   1.00 41.71  ? 28  DG  A C5    1 
ATOM   591 C  C6    . DG  A 1 28 ? -5.322  -0.948  -1.091  1.00 35.37  ? 28  DG  A C6    1 
ATOM   592 O  O6    . DG  A 1 28 ? -4.504  -1.143  -1.996  1.00 37.90  ? 28  DG  A O6    1 
ATOM   593 N  N1    . DG  A 1 28 ? -6.147  0.170   -1.125  1.00 31.23  ? 28  DG  A N1    1 
ATOM   594 C  C2    . DG  A 1 28 ? -7.091  0.474   -0.177  1.00 35.42  ? 28  DG  A C2    1 
ATOM   595 N  N2    . DG  A 1 28 ? -7.787  1.591   -0.378  1.00 34.30  ? 28  DG  A N2    1 
ATOM   596 N  N3    . DG  A 1 28 ? -7.329  -0.259  0.903   1.00 37.92  ? 28  DG  A N3    1 
ATOM   597 C  C4    . DG  A 1 28 ? -6.531  -1.352  0.952   1.00 43.76  ? 28  DG  A C4    1 
ATOM   598 P  P     . DC  A 1 29 ? -11.212 -5.156  1.632   1.00 52.75  ? 29  DC  A P     1 
ATOM   599 O  OP1   . DC  A 1 29 ? -12.408 -5.720  2.285   1.00 59.00  ? 29  DC  A OP1   1 
ATOM   600 O  OP2   . DC  A 1 29 ? -10.383 -6.004  0.744   1.00 56.86  ? 29  DC  A OP2   1 
ATOM   601 O  "O5'" . DC  A 1 29 ? -11.682 -3.891  0.788   1.00 48.25  ? 29  DC  A "O5'" 1 
ATOM   602 C  "C5'" . DC  A 1 29 ? -12.509 -2.926  1.385   1.00 38.85  ? 29  DC  A "C5'" 1 
ATOM   603 C  "C4'" . DC  A 1 29 ? -12.617 -1.710  0.498   1.00 42.41  ? 29  DC  A "C4'" 1 
ATOM   604 O  "O4'" . DC  A 1 29 ? -11.334 -1.053  0.419   1.00 41.27  ? 29  DC  A "O4'" 1 
ATOM   605 C  "C3'" . DC  A 1 29 ? -12.969 -1.993  -0.947  1.00 44.19  ? 29  DC  A "C3'" 1 
ATOM   606 O  "O3'" . DC  A 1 29 ? -14.361 -2.154  -1.077  1.00 47.80  ? 29  DC  A "O3'" 1 
ATOM   607 C  "C2'" . DC  A 1 29 ? -12.504 -0.705  -1.608  1.00 42.12  ? 29  DC  A "C2'" 1 
ATOM   608 C  "C1'" . DC  A 1 29 ? -11.203 -0.434  -0.848  1.00 43.12  ? 29  DC  A "C1'" 1 
ATOM   609 N  N1    . DC  A 1 29 ? -10.026 -0.999  -1.525  1.00 41.38  ? 29  DC  A N1    1 
ATOM   610 C  C2    . DC  A 1 29 ? -9.568  -0.409  -2.709  1.00 40.89  ? 29  DC  A C2    1 
ATOM   611 O  O2    . DC  A 1 29 ? -10.149 0.597   -3.147  1.00 36.09  ? 29  DC  A O2    1 
ATOM   612 N  N3    . DC  A 1 29 ? -8.495  -0.951  -3.335  1.00 35.76  ? 29  DC  A N3    1 
ATOM   613 C  C4    . DC  A 1 29 ? -7.907  -2.030  -2.824  1.00 34.87  ? 29  DC  A C4    1 
ATOM   614 N  N4    . DC  A 1 29 ? -6.854  -2.526  -3.468  1.00 37.46  ? 29  DC  A N4    1 
ATOM   615 C  C5    . DC  A 1 29 ? -8.361  -2.640  -1.620  1.00 35.91  ? 29  DC  A C5    1 
ATOM   616 C  C6    . DC  A 1 29 ? -9.417  -2.102  -1.012  1.00 34.41  ? 29  DC  A C6    1 
ATOM   617 P  P     . DC  A 1 30 ? -14.964 -3.049  -2.259  1.00 45.73  ? 30  DC  A P     1 
ATOM   618 O  OP1   . DC  A 1 30 ? -16.421 -3.048  -2.035  1.00 50.38  ? 30  DC  A OP1   1 
ATOM   619 O  OP2   . DC  A 1 30 ? -14.283 -4.361  -2.273  1.00 52.32  ? 30  DC  A OP2   1 
ATOM   620 O  "O5'" . DC  A 1 30 ? -14.563 -2.240  -3.592  1.00 37.51  ? 30  DC  A "O5'" 1 
ATOM   621 C  "C5'" . DC  A 1 30 ? -15.450 -1.259  -4.119  1.00 39.69  ? 30  DC  A "C5'" 1 
ATOM   622 C  "C4'" . DC  A 1 30 ? -14.886 -0.623  -5.378  1.00 38.14  ? 30  DC  A "C4'" 1 
ATOM   623 O  "O4'" . DC  A 1 30 ? -13.479 -0.381  -5.200  1.00 50.01  ? 30  DC  A "O4'" 1 
ATOM   624 C  "C3'" . DC  A 1 30 ? -14.953 -1.466  -6.630  1.00 40.58  ? 30  DC  A "C3'" 1 
ATOM   625 O  "O3'" . DC  A 1 30 ? -16.218 -1.342  -7.232  1.00 43.27  ? 30  DC  A "O3'" 1 
ATOM   626 C  "C2'" . DC  A 1 30 ? -13.873 -0.818  -7.493  1.00 39.19  ? 30  DC  A "C2'" 1 
ATOM   627 C  "C1'" . DC  A 1 30 ? -12.822 -0.422  -6.455  1.00 37.07  ? 30  DC  A "C1'" 1 
ATOM   628 N  N1    . DC  A 1 30 ? -11.688 -1.377  -6.344  1.00 35.55  ? 30  DC  A N1    1 
ATOM   629 C  C2    . DC  A 1 30 ? -10.727 -1.439  -7.354  1.00 33.14  ? 30  DC  A C2    1 
ATOM   630 O  O2    . DC  A 1 30 ? -10.836 -0.698  -8.338  1.00 39.11  ? 30  DC  A O2    1 
ATOM   631 N  N3    . DC  A 1 30 ? -9.709  -2.316  -7.234  1.00 27.87  ? 30  DC  A N3    1 
ATOM   632 C  C4    . DC  A 1 30 ? -9.623  -3.092  -6.155  1.00 36.80  ? 30  DC  A C4    1 
ATOM   633 N  N4    . DC  A 1 30 ? -8.588  -3.938  -6.070  1.00 34.95  ? 30  DC  A N4    1 
ATOM   634 C  C5    . DC  A 1 30 ? -10.589 -3.036  -5.111  1.00 37.93  ? 30  DC  A C5    1 
ATOM   635 C  C6    . DC  A 1 30 ? -11.596 -2.177  -5.249  1.00 37.05  ? 30  DC  A C6    1 
ATOM   636 P  P     . DT  A 1 31 ? -16.802 -2.529  -8.149  1.00 59.69  ? 31  DT  A P     1 
ATOM   637 O  OP1   . DT  A 1 31 ? -18.201 -2.148  -8.478  1.00 46.99  ? 31  DT  A OP1   1 
ATOM   638 O  OP2   . DT  A 1 31 ? -16.485 -3.810  -7.461  1.00 36.33  ? 31  DT  A OP2   1 
ATOM   639 O  "O5'" . DT  A 1 31 ? -15.916 -2.491  -9.487  1.00 46.83  ? 31  DT  A "O5'" 1 
ATOM   640 C  "C5'" . DT  A 1 31 ? -16.162 -1.521  -10.499 1.00 43.44  ? 31  DT  A "C5'" 1 
ATOM   641 C  "C4'" . DT  A 1 31 ? -15.119 -1.619  -11.605 1.00 53.04  ? 31  DT  A "C4'" 1 
ATOM   642 O  "O4'" . DT  A 1 31 ? -13.792 -1.468  -11.032 1.00 45.17  ? 31  DT  A "O4'" 1 
ATOM   643 C  "C3'" . DT  A 1 31 ? -15.064 -2.959  -12.326 1.00 62.64  ? 31  DT  A "C3'" 1 
ATOM   644 O  "O3'" . DT  A 1 31 ? -16.018 -3.007  -13.386 1.00 62.60  ? 31  DT  A "O3'" 1 
ATOM   645 C  "C2'" . DT  A 1 31 ? -13.635 -2.968  -12.868 1.00 57.58  ? 31  DT  A "C2'" 1 
ATOM   646 C  "C1'" . DT  A 1 31 ? -12.864 -2.275  -11.753 1.00 43.93  ? 31  DT  A "C1'" 1 
ATOM   647 N  N1    . DT  A 1 31 ? -12.211 -3.222  -10.810 1.00 41.71  ? 31  DT  A N1    1 
ATOM   648 C  C2    . DT  A 1 31 ? -10.990 -3.770  -11.144 1.00 42.18  ? 31  DT  A C2    1 
ATOM   649 O  O2    . DT  A 1 31 ? -10.418 -3.537  -12.189 1.00 47.23  ? 31  DT  A O2    1 
ATOM   650 N  N3    . DT  A 1 31 ? -10.463 -4.613  -10.206 1.00 33.22  ? 31  DT  A N3    1 
ATOM   651 C  C4    . DT  A 1 31 ? -11.024 -4.960  -8.994  1.00 36.66  ? 31  DT  A C4    1 
ATOM   652 O  O4    . DT  A 1 31 ? -10.474 -5.737  -8.213  1.00 37.11  ? 31  DT  A O4    1 
ATOM   653 C  C5    . DT  A 1 31 ? -12.305 -4.348  -8.709  1.00 32.67  ? 31  DT  A C5    1 
ATOM   654 C  C7    . DT  A 1 31 ? -13.007 -4.636  -7.424  1.00 33.94  ? 31  DT  A C7    1 
ATOM   655 C  C6    . DT  A 1 31 ? -12.828 -3.521  -9.619  1.00 35.40  ? 31  DT  A C6    1 
ATOM   656 P  P     . DG  A 1 32 ? -16.616 -4.423  -13.868 1.00 80.76  ? 32  DG  A P     1 
ATOM   657 O  OP1   . DG  A 1 32 ? -17.705 -4.084  -14.812 1.00 57.07  ? 32  DG  A OP1   1 
ATOM   658 O  OP2   . DG  A 1 32 ? -16.908 -5.258  -12.672 1.00 55.32  ? 32  DG  A OP2   1 
ATOM   659 O  "O5'" . DG  A 1 32 ? -15.395 -5.140  -14.640 1.00 51.82  ? 32  DG  A "O5'" 1 
ATOM   660 C  "C5'" . DG  A 1 32 ? -14.858 -4.575  -15.815 1.00 42.98  ? 32  DG  A "C5'" 1 
ATOM   661 C  "C4'" . DG  A 1 32 ? -13.549 -5.251  -16.199 1.00 51.72  ? 32  DG  A "C4'" 1 
ATOM   662 O  "O4'" . DG  A 1 32 ? -12.557 -5.015  -15.176 1.00 62.09  ? 32  DG  A "O4'" 1 
ATOM   663 C  "C3'" . DG  A 1 32 ? -13.591 -6.765  -16.323 1.00 59.10  ? 32  DG  A "C3'" 1 
ATOM   664 O  "O3'" . DG  A 1 32 ? -14.084 -7.151  -17.600 1.00 64.59  ? 32  DG  A "O3'" 1 
ATOM   665 C  "C2'" . DG  A 1 32 ? -12.116 -7.119  -16.179 1.00 53.41  ? 32  DG  A "C2'" 1 
ATOM   666 C  "C1'" . DG  A 1 32 ? -11.637 -6.097  -15.152 1.00 54.77  ? 32  DG  A "C1'" 1 
ATOM   667 N  N9    . DG  A 1 32 ? -11.564 -6.626  -13.792 1.00 47.72  ? 32  DG  A N9    1 
ATOM   668 C  C8    . DG  A 1 32 ? -12.497 -6.499  -12.797 1.00 42.79  ? 32  DG  A C8    1 
ATOM   669 N  N7    . DG  A 1 32 ? -12.141 -7.074  -11.678 1.00 41.21  ? 32  DG  A N7    1 
ATOM   670 C  C5    . DG  A 1 32 ? -10.899 -7.619  -11.956 1.00 34.16  ? 32  DG  A C5    1 
ATOM   671 C  C6    . DG  A 1 32 ? -10.024 -8.359  -11.129 1.00 38.18  ? 32  DG  A C6    1 
ATOM   672 O  O6    . DG  A 1 32 ? -10.184 -8.692  -9.944  1.00 38.08  ? 32  DG  A O6    1 
ATOM   673 N  N1    . DG  A 1 32 ? -8.860  -8.716  -11.805 1.00 39.42  ? 32  DG  A N1    1 
ATOM   674 C  C2    . DG  A 1 32 ? -8.584  -8.394  -13.114 1.00 39.65  ? 32  DG  A C2    1 
ATOM   675 N  N2    . DG  A 1 32 ? -7.419  -8.831  -13.602 1.00 38.45  ? 32  DG  A N2    1 
ATOM   676 N  N3    . DG  A 1 32 ? -9.392  -7.697  -13.891 1.00 40.71  ? 32  DG  A N3    1 
ATOM   677 C  C4    . DG  A 1 32 ? -10.528 -7.347  -13.250 1.00 40.98  ? 32  DG  A C4    1 
ATOM   678 P  P     . DC  A 1 33 ? -14.641 -8.642  -17.824 1.00 76.00  ? 33  DC  A P     1 
ATOM   679 O  OP1   . DC  A 1 33 ? -15.028 -8.751  -19.251 1.00 64.24  ? 33  DC  A OP1   1 
ATOM   680 O  OP2   . DC  A 1 33 ? -15.639 -8.906  -16.760 1.00 63.00  ? 33  DC  A OP2   1 
ATOM   681 O  "O5'" . DC  A 1 33 ? -13.376 -9.591  -17.530 1.00 52.57  ? 33  DC  A "O5'" 1 
ATOM   682 C  "C5'" . DC  A 1 33 ? -12.591 -10.086 -18.600 1.00 44.88  ? 33  DC  A "C5'" 1 
ATOM   683 C  "C4'" . DC  A 1 33 ? -11.260 -10.623 -18.099 1.00 49.81  ? 33  DC  A "C4'" 1 
ATOM   684 O  "O4'" . DC  A 1 33 ? -10.868 -9.924  -16.897 1.00 55.73  ? 33  DC  A "O4'" 1 
ATOM   685 C  "C3'" . DC  A 1 33 ? -11.259 -12.084 -17.708 1.00 48.08  ? 33  DC  A "C3'" 1 
ATOM   686 O  "O3'" . DC  A 1 33 ? -11.030 -12.879 -18.857 1.00 47.18  ? 33  DC  A "O3'" 1 
ATOM   687 C  "C2'" . DC  A 1 33 ? -10.075 -12.157 -16.740 1.00 46.75  ? 33  DC  A "C2'" 1 
ATOM   688 C  "C1'" . DC  A 1 33 ? -10.119 -10.792 -16.055 1.00 46.27  ? 33  DC  A "C1'" 1 
ATOM   689 N  N1    . DC  A 1 33 ? -10.764 -10.814 -14.704 1.00 40.22  ? 33  DC  A N1    1 
ATOM   690 C  C2    . DC  A 1 33 ? -10.111 -11.429 -13.629 1.00 40.55  ? 33  DC  A C2    1 
ATOM   691 O  O2    . DC  A 1 33 ? -9.003  -11.953 -13.817 1.00 43.23  ? 33  DC  A O2    1 
ATOM   692 N  N3    . DC  A 1 33 ? -10.714 -11.431 -12.409 1.00 33.22  ? 33  DC  A N3    1 
ATOM   693 C  C4    . DC  A 1 33 ? -11.906 -10.845 -12.254 1.00 34.32  ? 33  DC  A C4    1 
ATOM   694 N  N4    . DC  A 1 33 ? -12.470 -10.868 -11.041 1.00 27.24  ? 33  DC  A N4    1 
ATOM   695 C  C5    . DC  A 1 33 ? -12.575 -10.208 -13.338 1.00 39.64  ? 33  DC  A C5    1 
ATOM   696 C  C6    . DC  A 1 33 ? -11.976 -10.218 -14.529 1.00 42.23  ? 33  DC  A C6    1 
ATOM   697 P  P     . DT  A 1 34 ? -11.379 -14.446 -18.841 1.00 65.61  ? 34  DT  A P     1 
ATOM   698 O  OP1   . DT  A 1 34 ? -11.067 -14.910 -20.216 1.00 50.18  ? 34  DT  A OP1   1 
ATOM   699 O  OP2   . DT  A 1 34 ? -12.763 -14.599 -18.309 1.00 39.34  ? 34  DT  A OP2   1 
ATOM   700 O  "O5'" . DT  A 1 34 ? -10.295 -15.090 -17.820 1.00 45.40  ? 34  DT  A "O5'" 1 
ATOM   701 C  "C5'" . DT  A 1 34 ? -8.908  -15.114 -18.195 1.00 40.98  ? 34  DT  A "C5'" 1 
ATOM   702 C  "C4'" . DT  A 1 34 ? -8.041  -15.880 -17.198 1.00 48.49  ? 34  DT  A "C4'" 1 
ATOM   703 O  "O4'" . DT  A 1 34 ? -8.195  -15.333 -15.857 1.00 57.17  ? 34  DT  A "O4'" 1 
ATOM   704 C  "C3'" . DT  A 1 34 ? -8.329  -17.367 -17.074 1.00 47.47  ? 34  DT  A "C3'" 1 
ATOM   705 O  "O3'" . DT  A 1 34 ? -7.112  -18.065 -16.819 1.00 50.29  ? 34  DT  A "O3'" 1 
ATOM   706 C  "C2'" . DT  A 1 34 ? -9.252  -17.412 -15.865 1.00 50.16  ? 34  DT  A "C2'" 1 
ATOM   707 C  "C1'" . DT  A 1 34 ? -8.624  -16.349 -14.978 1.00 49.52  ? 34  DT  A "C1'" 1 
ATOM   708 N  N1    . DT  A 1 34 ? -9.587  -15.760 -13.987 1.00 42.64  ? 34  DT  A N1    1 
ATOM   709 C  C2    . DT  A 1 34 ? -9.364  -15.944 -12.641 1.00 39.63  ? 34  DT  A C2    1 
ATOM   710 O  O2    . DT  A 1 34 ? -8.411  -16.571 -12.196 1.00 42.32  ? 34  DT  A O2    1 
ATOM   711 N  N3    . DT  A 1 34 ? -10.301 -15.373 -11.827 1.00 31.42  ? 34  DT  A N3    1 
ATOM   712 C  C4    . DT  A 1 34 ? -11.406 -14.652 -12.212 1.00 30.03  ? 34  DT  A C4    1 
ATOM   713 O  O4    . DT  A 1 34 ? -12.197 -14.188 -11.410 1.00 31.51  ? 34  DT  A O4    1 
ATOM   714 C  C5    . DT  A 1 34 ? -11.583 -14.491 -13.621 1.00 31.22  ? 34  DT  A C5    1 
ATOM   715 C  C7    . DT  A 1 34 ? -12.761 -13.725 -14.131 1.00 31.03  ? 34  DT  A C7    1 
ATOM   716 C  C6    . DT  A 1 34 ? -10.682 -15.052 -14.441 1.00 35.09  ? 34  DT  A C6    1 
ATOM   717 P  P     . DG  A 1 35 ? -7.086  -19.673 -16.826 1.00 57.47  ? 35  DG  A P     1 
ATOM   718 O  OP1   . DG  A 1 35 ? -5.828  -20.095 -17.474 1.00 50.67  ? 35  DG  A OP1   1 
ATOM   719 O  OP2   . DG  A 1 35 ? -8.385  -20.115 -17.398 1.00 58.87  ? 35  DG  A OP2   1 
ATOM   720 O  "O5'" . DG  A 1 35 ? -7.000  -20.080 -15.273 1.00 54.00  ? 35  DG  A "O5'" 1 
ATOM   721 C  "C5'" . DG  A 1 35 ? -5.763  -19.880 -14.553 1.00 60.12  ? 35  DG  A "C5'" 1 
ATOM   722 C  "C4'" . DG  A 1 35 ? -5.855  -20.364 -13.106 1.00 52.33  ? 35  DG  A "C4'" 1 
ATOM   723 O  "O4'" . DG  A 1 35 ? -6.851  -19.590 -12.387 1.00 58.42  ? 35  DG  A "O4'" 1 
ATOM   724 C  "C3'" . DG  A 1 35 ? -6.256  -21.831 -12.923 1.00 49.69  ? 35  DG  A "C3'" 1 
ATOM   725 O  "O3'" . DG  A 1 35 ? -5.502  -22.407 -11.868 1.00 50.27  ? 35  DG  A "O3'" 1 
ATOM   726 C  "C2'" . DG  A 1 35 ? -7.729  -21.727 -12.546 1.00 50.18  ? 35  DG  A "C2'" 1 
ATOM   727 C  "C1'" . DG  A 1 35 ? -7.700  -20.474 -11.699 1.00 41.93  ? 35  DG  A "C1'" 1 
ATOM   728 N  N9    . DG  A 1 35 ? -8.989  -19.829 -11.538 1.00 34.04  ? 35  DG  A N9    1 
ATOM   729 C  C8    . DG  A 1 35 ? -9.794  -19.306 -12.519 1.00 39.48  ? 35  DG  A C8    1 
ATOM   730 N  N7    . DG  A 1 35 ? -10.903 -18.782 -12.055 1.00 37.49  ? 35  DG  A N7    1 
ATOM   731 C  C5    . DG  A 1 35 ? -10.808 -18.970 -10.681 1.00 35.20  ? 35  DG  A C5    1 
ATOM   732 C  C6    . DG  A 1 35 ? -11.695 -18.605 -9.645  1.00 34.69  ? 35  DG  A C6    1 
ATOM   733 O  O6    . DG  A 1 35 ? -12.787 -18.030 -9.739  1.00 43.72  ? 35  DG  A O6    1 
ATOM   734 N  N1    . DG  A 1 35 ? -11.209 -18.977 -8.395  1.00 30.73  ? 35  DG  A N1    1 
ATOM   735 C  C2    . DG  A 1 35 ? -10.026 -19.635 -8.182  1.00 31.86  ? 35  DG  A C2    1 
ATOM   736 N  N2    . DG  A 1 35 ? -9.725  -19.933 -6.912  1.00 34.30  ? 35  DG  A N2    1 
ATOM   737 N  N3    . DG  A 1 35 ? -9.190  -19.981 -9.145  1.00 31.44  ? 35  DG  A N3    1 
ATOM   738 C  C4    . DG  A 1 35 ? -9.635  -19.610 -10.356 1.00 34.29  ? 35  DG  A C4    1 
HETATM 739 IR IR    . IR3 B 2 .  ? -3.758  -5.678  -6.438  1.00 126.66 3 101 IR3 A IR    1 
HETATM 740 IR IR    . IR3 C 2 .  ? -12.426 -9.919  -6.327  1.00 276.64 3 102 IR3 A IR    1 
HETATM 741 IR IR    . IR3 D 2 .  ? 16.153  6.524   13.562  1.00 273.27 3 103 IR3 A IR    1 
HETATM 742 O  O     . HOH E 3 .  ? 10.110  9.905   15.437  1.00 42.81  ? 201 HOH A O     1 
HETATM 743 O  O     . HOH E 3 .  ? 14.068  11.316  2.727   1.00 21.75  ? 202 HOH A O     1 
# 
loop_
_pdbx_poly_seq_scheme.asym_id 
_pdbx_poly_seq_scheme.entity_id 
_pdbx_poly_seq_scheme.seq_id 
_pdbx_poly_seq_scheme.mon_id 
_pdbx_poly_seq_scheme.ndb_seq_num 
_pdbx_poly_seq_scheme.pdb_seq_num 
_pdbx_poly_seq_scheme.auth_seq_num 
_pdbx_poly_seq_scheme.pdb_mon_id 
_pdbx_poly_seq_scheme.auth_mon_id 
_pdbx_poly_seq_scheme.pdb_strand_id 
_pdbx_poly_seq_scheme.pdb_ins_code 
_pdbx_poly_seq_scheme.hetero 
A 1 1  C  1  1  1  C  C  A . n 
A 1 2  A  2  2  2  A  A  A . n 
A 1 3  G  3  3  3  G  G  A . n 
A 1 4  C  4  4  4  C  C  A . n 
A 1 5  A  5  5  5  A  A  A . n 
A 1 6  G  6  6  6  G  G  A . n 
A 1 7  G  7  7  7  G  G  A . n 
A 1 8  C  8  8  8  C  C  A . n 
A 1 9  U  9  9  9  U  U  A . n 
A 1 10 A  10 10 10 A  A  A . n 
A 1 11 A  11 11 11 A  A  A . n 
A 1 12 G  12 12 12 G  G  A . n 
A 1 13 G  13 13 13 G  G  A . n 
A 1 14 C  14 14 14 C  C  A . n 
A 1 15 A  15 15 15 A  A  A . n 
A 1 16 U  16 16 16 U  U  A . n 
A 1 17 G  17 17 17 G  G  A . n 
A 1 18 A  18 18 18 A  A  A . n 
A 1 19 A  19 19 19 A  A  A . n 
A 1 20 A  20 20 20 A  A  A . n 
A 1 21 DG 21 21 21 DG DG A . n 
A 1 22 DT 22 22 22 DT DT A . n 
A 1 23 DG 23 23 23 DG DG A . n 
A 1 24 DC 24 24 24 DC DC A . n 
A 1 25 DT 25 25 25 DT DT A . n 
A 1 26 DA 26 26 26 DA DA A . n 
A 1 27 DT 27 27 27 DT DT A . n 
A 1 28 DG 28 28 28 DG DG A . n 
A 1 29 DC 29 29 29 DC DC A . n 
A 1 30 DC 30 30 30 DC DC A . n 
A 1 31 DT 31 31 31 DT DT A . n 
A 1 32 DG 32 32 32 DG DG A . n 
A 1 33 DC 33 33 33 DC DC A . n 
A 1 34 DT 34 34 34 DT DT A . n 
A 1 35 DG 35 35 35 DG DG A . n 
# 
loop_
_pdbx_nonpoly_scheme.asym_id 
_pdbx_nonpoly_scheme.entity_id 
_pdbx_nonpoly_scheme.mon_id 
_pdbx_nonpoly_scheme.ndb_seq_num 
_pdbx_nonpoly_scheme.pdb_seq_num 
_pdbx_nonpoly_scheme.auth_seq_num 
_pdbx_nonpoly_scheme.pdb_mon_id 
_pdbx_nonpoly_scheme.auth_mon_id 
_pdbx_nonpoly_scheme.pdb_strand_id 
_pdbx_nonpoly_scheme.pdb_ins_code 
B 2 IR3 1 101 1 IR3 IR3 A . 
C 2 IR3 1 102 2 IR3 IR3 A . 
D 2 IR3 1 103 4 IR3 IR3 A . 
E 3 HOH 1 201 1 HOH HOH A . 
E 3 HOH 2 202 4 HOH HOH A . 
# 
_pdbx_struct_assembly.id                   1 
_pdbx_struct_assembly.details              author_and_software_defined_assembly 
_pdbx_struct_assembly.method_details       PISA 
_pdbx_struct_assembly.oligomeric_details   monomeric 
_pdbx_struct_assembly.oligomeric_count     1 
# 
_pdbx_struct_assembly_gen.assembly_id       1 
_pdbx_struct_assembly_gen.oper_expression   1 
_pdbx_struct_assembly_gen.asym_id_list      A,B,C,D,E 
# 
loop_
_pdbx_struct_assembly_prop.biol_id 
_pdbx_struct_assembly_prop.type 
_pdbx_struct_assembly_prop.value 
_pdbx_struct_assembly_prop.details 
1 'ABSA (A^2)' 120  ? 
1 MORE         -4   ? 
1 'SSA (A^2)'  6240 ? 
# 
_pdbx_struct_oper_list.id                   1 
_pdbx_struct_oper_list.type                 'identity operation' 
_pdbx_struct_oper_list.name                 1_555 
_pdbx_struct_oper_list.symmetry_operation   x,y,z 
_pdbx_struct_oper_list.matrix[1][1]         1.0000000000 
_pdbx_struct_oper_list.matrix[1][2]         0.0000000000 
_pdbx_struct_oper_list.matrix[1][3]         0.0000000000 
_pdbx_struct_oper_list.vector[1]            0.0000000000 
_pdbx_struct_oper_list.matrix[2][1]         0.0000000000 
_pdbx_struct_oper_list.matrix[2][2]         1.0000000000 
_pdbx_struct_oper_list.matrix[2][3]         0.0000000000 
_pdbx_struct_oper_list.vector[2]            0.0000000000 
_pdbx_struct_oper_list.matrix[3][1]         0.0000000000 
_pdbx_struct_oper_list.matrix[3][2]         0.0000000000 
_pdbx_struct_oper_list.matrix[3][3]         1.0000000000 
_pdbx_struct_oper_list.vector[3]            0.0000000000 
# 
loop_
_pdbx_audit_revision_history.ordinal 
_pdbx_audit_revision_history.data_content_type 
_pdbx_audit_revision_history.major_revision 
_pdbx_audit_revision_history.minor_revision 
_pdbx_audit_revision_history.revision_date 
1 'Structure model' 1 0 2022-03-30 
2 'Structure model' 1 1 2023-11-29 
# 
_pdbx_audit_revision_details.ordinal             1 
_pdbx_audit_revision_details.revision_ordinal    1 
_pdbx_audit_revision_details.data_content_type   'Structure model' 
_pdbx_audit_revision_details.provider            repository 
_pdbx_audit_revision_details.type                'Initial release' 
_pdbx_audit_revision_details.description         ? 
_pdbx_audit_revision_details.details             ? 
# 
loop_
_pdbx_audit_revision_group.ordinal 
_pdbx_audit_revision_group.revision_ordinal 
_pdbx_audit_revision_group.data_content_type 
_pdbx_audit_revision_group.group 
1 2 'Structure model' 'Data collection'        
2 2 'Structure model' 'Refinement description' 
# 
loop_
_pdbx_audit_revision_category.ordinal 
_pdbx_audit_revision_category.revision_ordinal 
_pdbx_audit_revision_category.data_content_type 
_pdbx_audit_revision_category.category 
1 2 'Structure model' chem_comp_atom                
2 2 'Structure model' chem_comp_bond                
3 2 'Structure model' pdbx_initial_refinement_model 
# 
loop_
_software.citation_id 
_software.classification 
_software.compiler_name 
_software.compiler_version 
_software.contact_author 
_software.contact_author_email 
_software.date 
_software.description 
_software.dependencies 
_software.hardware 
_software.language 
_software.location 
_software.mods 
_software.name 
_software.os 
_software.os_version 
_software.type 
_software.version 
_software.pdbx_ordinal 
? 'data scaling'   ? ? ? ? ? ? ? ? ? ? ? XSCALE ? ? ? .      1 
? refinement       ? ? ? ? ? ? ? ? ? ? ? PHENIX ? ? ? 1.17.1 2 
? 'data reduction' ? ? ? ? ? ? ? ? ? ? ? XDS    ? ? ? .      3 
? phasing          ? ? ? ? ? ? ? ? ? ? ? PHASER ? ? ? .      4 
# 
_pdbx_entry_details.entry_id                 7EI6 
_pdbx_entry_details.has_ligand_of_interest   N 
_pdbx_entry_details.compound_details         ? 
_pdbx_entry_details.source_details           ? 
_pdbx_entry_details.nonpolymer_details       ? 
_pdbx_entry_details.sequence_details         ? 
# 
loop_
_chem_comp_atom.comp_id 
_chem_comp_atom.atom_id 
_chem_comp_atom.type_symbol 
_chem_comp_atom.pdbx_aromatic_flag 
_chem_comp_atom.pdbx_stereo_config 
_chem_comp_atom.pdbx_ordinal 
A   OP3    O  N N 1   
A   P      P  N N 2   
A   OP1    O  N N 3   
A   OP2    O  N N 4   
A   "O5'"  O  N N 5   
A   "C5'"  C  N N 6   
A   "C4'"  C  N R 7   
A   "O4'"  O  N N 8   
A   "C3'"  C  N S 9   
A   "O3'"  O  N N 10  
A   "C2'"  C  N R 11  
A   "O2'"  O  N N 12  
A   "C1'"  C  N R 13  
A   N9     N  Y N 14  
A   C8     C  Y N 15  
A   N7     N  Y N 16  
A   C5     C  Y N 17  
A   C6     C  Y N 18  
A   N6     N  N N 19  
A   N1     N  Y N 20  
A   C2     C  Y N 21  
A   N3     N  Y N 22  
A   C4     C  Y N 23  
A   HOP3   H  N N 24  
A   HOP2   H  N N 25  
A   "H5'"  H  N N 26  
A   "H5''" H  N N 27  
A   "H4'"  H  N N 28  
A   "H3'"  H  N N 29  
A   "HO3'" H  N N 30  
A   "H2'"  H  N N 31  
A   "HO2'" H  N N 32  
A   "H1'"  H  N N 33  
A   H8     H  N N 34  
A   H61    H  N N 35  
A   H62    H  N N 36  
A   H2     H  N N 37  
C   OP3    O  N N 38  
C   P      P  N N 39  
C   OP1    O  N N 40  
C   OP2    O  N N 41  
C   "O5'"  O  N N 42  
C   "C5'"  C  N N 43  
C   "C4'"  C  N R 44  
C   "O4'"  O  N N 45  
C   "C3'"  C  N S 46  
C   "O3'"  O  N N 47  
C   "C2'"  C  N R 48  
C   "O2'"  O  N N 49  
C   "C1'"  C  N R 50  
C   N1     N  N N 51  
C   C2     C  N N 52  
C   O2     O  N N 53  
C   N3     N  N N 54  
C   C4     C  N N 55  
C   N4     N  N N 56  
C   C5     C  N N 57  
C   C6     C  N N 58  
C   HOP3   H  N N 59  
C   HOP2   H  N N 60  
C   "H5'"  H  N N 61  
C   "H5''" H  N N 62  
C   "H4'"  H  N N 63  
C   "H3'"  H  N N 64  
C   "HO3'" H  N N 65  
C   "H2'"  H  N N 66  
C   "HO2'" H  N N 67  
C   "H1'"  H  N N 68  
C   H41    H  N N 69  
C   H42    H  N N 70  
C   H5     H  N N 71  
C   H6     H  N N 72  
DA  OP3    O  N N 73  
DA  P      P  N N 74  
DA  OP1    O  N N 75  
DA  OP2    O  N N 76  
DA  "O5'"  O  N N 77  
DA  "C5'"  C  N N 78  
DA  "C4'"  C  N R 79  
DA  "O4'"  O  N N 80  
DA  "C3'"  C  N S 81  
DA  "O3'"  O  N N 82  
DA  "C2'"  C  N N 83  
DA  "C1'"  C  N R 84  
DA  N9     N  Y N 85  
DA  C8     C  Y N 86  
DA  N7     N  Y N 87  
DA  C5     C  Y N 88  
DA  C6     C  Y N 89  
DA  N6     N  N N 90  
DA  N1     N  Y N 91  
DA  C2     C  Y N 92  
DA  N3     N  Y N 93  
DA  C4     C  Y N 94  
DA  HOP3   H  N N 95  
DA  HOP2   H  N N 96  
DA  "H5'"  H  N N 97  
DA  "H5''" H  N N 98  
DA  "H4'"  H  N N 99  
DA  "H3'"  H  N N 100 
DA  "HO3'" H  N N 101 
DA  "H2'"  H  N N 102 
DA  "H2''" H  N N 103 
DA  "H1'"  H  N N 104 
DA  H8     H  N N 105 
DA  H61    H  N N 106 
DA  H62    H  N N 107 
DA  H2     H  N N 108 
DC  OP3    O  N N 109 
DC  P      P  N N 110 
DC  OP1    O  N N 111 
DC  OP2    O  N N 112 
DC  "O5'"  O  N N 113 
DC  "C5'"  C  N N 114 
DC  "C4'"  C  N R 115 
DC  "O4'"  O  N N 116 
DC  "C3'"  C  N S 117 
DC  "O3'"  O  N N 118 
DC  "C2'"  C  N N 119 
DC  "C1'"  C  N R 120 
DC  N1     N  N N 121 
DC  C2     C  N N 122 
DC  O2     O  N N 123 
DC  N3     N  N N 124 
DC  C4     C  N N 125 
DC  N4     N  N N 126 
DC  C5     C  N N 127 
DC  C6     C  N N 128 
DC  HOP3   H  N N 129 
DC  HOP2   H  N N 130 
DC  "H5'"  H  N N 131 
DC  "H5''" H  N N 132 
DC  "H4'"  H  N N 133 
DC  "H3'"  H  N N 134 
DC  "HO3'" H  N N 135 
DC  "H2'"  H  N N 136 
DC  "H2''" H  N N 137 
DC  "H1'"  H  N N 138 
DC  H41    H  N N 139 
DC  H42    H  N N 140 
DC  H5     H  N N 141 
DC  H6     H  N N 142 
DG  OP3    O  N N 143 
DG  P      P  N N 144 
DG  OP1    O  N N 145 
DG  OP2    O  N N 146 
DG  "O5'"  O  N N 147 
DG  "C5'"  C  N N 148 
DG  "C4'"  C  N R 149 
DG  "O4'"  O  N N 150 
DG  "C3'"  C  N S 151 
DG  "O3'"  O  N N 152 
DG  "C2'"  C  N N 153 
DG  "C1'"  C  N R 154 
DG  N9     N  Y N 155 
DG  C8     C  Y N 156 
DG  N7     N  Y N 157 
DG  C5     C  Y N 158 
DG  C6     C  N N 159 
DG  O6     O  N N 160 
DG  N1     N  N N 161 
DG  C2     C  N N 162 
DG  N2     N  N N 163 
DG  N3     N  N N 164 
DG  C4     C  Y N 165 
DG  HOP3   H  N N 166 
DG  HOP2   H  N N 167 
DG  "H5'"  H  N N 168 
DG  "H5''" H  N N 169 
DG  "H4'"  H  N N 170 
DG  "H3'"  H  N N 171 
DG  "HO3'" H  N N 172 
DG  "H2'"  H  N N 173 
DG  "H2''" H  N N 174 
DG  "H1'"  H  N N 175 
DG  H8     H  N N 176 
DG  H1     H  N N 177 
DG  H21    H  N N 178 
DG  H22    H  N N 179 
DT  OP3    O  N N 180 
DT  P      P  N N 181 
DT  OP1    O  N N 182 
DT  OP2    O  N N 183 
DT  "O5'"  O  N N 184 
DT  "C5'"  C  N N 185 
DT  "C4'"  C  N R 186 
DT  "O4'"  O  N N 187 
DT  "C3'"  C  N S 188 
DT  "O3'"  O  N N 189 
DT  "C2'"  C  N N 190 
DT  "C1'"  C  N R 191 
DT  N1     N  N N 192 
DT  C2     C  N N 193 
DT  O2     O  N N 194 
DT  N3     N  N N 195 
DT  C4     C  N N 196 
DT  O4     O  N N 197 
DT  C5     C  N N 198 
DT  C7     C  N N 199 
DT  C6     C  N N 200 
DT  HOP3   H  N N 201 
DT  HOP2   H  N N 202 
DT  "H5'"  H  N N 203 
DT  "H5''" H  N N 204 
DT  "H4'"  H  N N 205 
DT  "H3'"  H  N N 206 
DT  "HO3'" H  N N 207 
DT  "H2'"  H  N N 208 
DT  "H2''" H  N N 209 
DT  "H1'"  H  N N 210 
DT  H3     H  N N 211 
DT  H71    H  N N 212 
DT  H72    H  N N 213 
DT  H73    H  N N 214 
DT  H6     H  N N 215 
G   OP3    O  N N 216 
G   P      P  N N 217 
G   OP1    O  N N 218 
G   OP2    O  N N 219 
G   "O5'"  O  N N 220 
G   "C5'"  C  N N 221 
G   "C4'"  C  N R 222 
G   "O4'"  O  N N 223 
G   "C3'"  C  N S 224 
G   "O3'"  O  N N 225 
G   "C2'"  C  N R 226 
G   "O2'"  O  N N 227 
G   "C1'"  C  N R 228 
G   N9     N  Y N 229 
G   C8     C  Y N 230 
G   N7     N  Y N 231 
G   C5     C  Y N 232 
G   C6     C  N N 233 
G   O6     O  N N 234 
G   N1     N  N N 235 
G   C2     C  N N 236 
G   N2     N  N N 237 
G   N3     N  N N 238 
G   C4     C  Y N 239 
G   HOP3   H  N N 240 
G   HOP2   H  N N 241 
G   "H5'"  H  N N 242 
G   "H5''" H  N N 243 
G   "H4'"  H  N N 244 
G   "H3'"  H  N N 245 
G   "HO3'" H  N N 246 
G   "H2'"  H  N N 247 
G   "HO2'" H  N N 248 
G   "H1'"  H  N N 249 
G   H8     H  N N 250 
G   H1     H  N N 251 
G   H21    H  N N 252 
G   H22    H  N N 253 
HOH O      O  N N 254 
HOH H1     H  N N 255 
HOH H2     H  N N 256 
IR3 IR     IR N N 257 
U   OP3    O  N N 258 
U   P      P  N N 259 
U   OP1    O  N N 260 
U   OP2    O  N N 261 
U   "O5'"  O  N N 262 
U   "C5'"  C  N N 263 
U   "C4'"  C  N R 264 
U   "O4'"  O  N N 265 
U   "C3'"  C  N S 266 
U   "O3'"  O  N N 267 
U   "C2'"  C  N R 268 
U   "O2'"  O  N N 269 
U   "C1'"  C  N R 270 
U   N1     N  N N 271 
U   C2     C  N N 272 
U   O2     O  N N 273 
U   N3     N  N N 274 
U   C4     C  N N 275 
U   O4     O  N N 276 
U   C5     C  N N 277 
U   C6     C  N N 278 
U   HOP3   H  N N 279 
U   HOP2   H  N N 280 
U   "H5'"  H  N N 281 
U   "H5''" H  N N 282 
U   "H4'"  H  N N 283 
U   "H3'"  H  N N 284 
U   "HO3'" H  N N 285 
U   "H2'"  H  N N 286 
U   "HO2'" H  N N 287 
U   "H1'"  H  N N 288 
U   H3     H  N N 289 
U   H5     H  N N 290 
U   H6     H  N N 291 
# 
loop_
_chem_comp_bond.comp_id 
_chem_comp_bond.atom_id_1 
_chem_comp_bond.atom_id_2 
_chem_comp_bond.value_order 
_chem_comp_bond.pdbx_aromatic_flag 
_chem_comp_bond.pdbx_stereo_config 
_chem_comp_bond.pdbx_ordinal 
A   OP3   P      sing N N 1   
A   OP3   HOP3   sing N N 2   
A   P     OP1    doub N N 3   
A   P     OP2    sing N N 4   
A   P     "O5'"  sing N N 5   
A   OP2   HOP2   sing N N 6   
A   "O5'" "C5'"  sing N N 7   
A   "C5'" "C4'"  sing N N 8   
A   "C5'" "H5'"  sing N N 9   
A   "C5'" "H5''" sing N N 10  
A   "C4'" "O4'"  sing N N 11  
A   "C4'" "C3'"  sing N N 12  
A   "C4'" "H4'"  sing N N 13  
A   "O4'" "C1'"  sing N N 14  
A   "C3'" "O3'"  sing N N 15  
A   "C3'" "C2'"  sing N N 16  
A   "C3'" "H3'"  sing N N 17  
A   "O3'" "HO3'" sing N N 18  
A   "C2'" "O2'"  sing N N 19  
A   "C2'" "C1'"  sing N N 20  
A   "C2'" "H2'"  sing N N 21  
A   "O2'" "HO2'" sing N N 22  
A   "C1'" N9     sing N N 23  
A   "C1'" "H1'"  sing N N 24  
A   N9    C8     sing Y N 25  
A   N9    C4     sing Y N 26  
A   C8    N7     doub Y N 27  
A   C8    H8     sing N N 28  
A   N7    C5     sing Y N 29  
A   C5    C6     sing Y N 30  
A   C5    C4     doub Y N 31  
A   C6    N6     sing N N 32  
A   C6    N1     doub Y N 33  
A   N6    H61    sing N N 34  
A   N6    H62    sing N N 35  
A   N1    C2     sing Y N 36  
A   C2    N3     doub Y N 37  
A   C2    H2     sing N N 38  
A   N3    C4     sing Y N 39  
C   OP3   P      sing N N 40  
C   OP3   HOP3   sing N N 41  
C   P     OP1    doub N N 42  
C   P     OP2    sing N N 43  
C   P     "O5'"  sing N N 44  
C   OP2   HOP2   sing N N 45  
C   "O5'" "C5'"  sing N N 46  
C   "C5'" "C4'"  sing N N 47  
C   "C5'" "H5'"  sing N N 48  
C   "C5'" "H5''" sing N N 49  
C   "C4'" "O4'"  sing N N 50  
C   "C4'" "C3'"  sing N N 51  
C   "C4'" "H4'"  sing N N 52  
C   "O4'" "C1'"  sing N N 53  
C   "C3'" "O3'"  sing N N 54  
C   "C3'" "C2'"  sing N N 55  
C   "C3'" "H3'"  sing N N 56  
C   "O3'" "HO3'" sing N N 57  
C   "C2'" "O2'"  sing N N 58  
C   "C2'" "C1'"  sing N N 59  
C   "C2'" "H2'"  sing N N 60  
C   "O2'" "HO2'" sing N N 61  
C   "C1'" N1     sing N N 62  
C   "C1'" "H1'"  sing N N 63  
C   N1    C2     sing N N 64  
C   N1    C6     sing N N 65  
C   C2    O2     doub N N 66  
C   C2    N3     sing N N 67  
C   N3    C4     doub N N 68  
C   C4    N4     sing N N 69  
C   C4    C5     sing N N 70  
C   N4    H41    sing N N 71  
C   N4    H42    sing N N 72  
C   C5    C6     doub N N 73  
C   C5    H5     sing N N 74  
C   C6    H6     sing N N 75  
DA  OP3   P      sing N N 76  
DA  OP3   HOP3   sing N N 77  
DA  P     OP1    doub N N 78  
DA  P     OP2    sing N N 79  
DA  P     "O5'"  sing N N 80  
DA  OP2   HOP2   sing N N 81  
DA  "O5'" "C5'"  sing N N 82  
DA  "C5'" "C4'"  sing N N 83  
DA  "C5'" "H5'"  sing N N 84  
DA  "C5'" "H5''" sing N N 85  
DA  "C4'" "O4'"  sing N N 86  
DA  "C4'" "C3'"  sing N N 87  
DA  "C4'" "H4'"  sing N N 88  
DA  "O4'" "C1'"  sing N N 89  
DA  "C3'" "O3'"  sing N N 90  
DA  "C3'" "C2'"  sing N N 91  
DA  "C3'" "H3'"  sing N N 92  
DA  "O3'" "HO3'" sing N N 93  
DA  "C2'" "C1'"  sing N N 94  
DA  "C2'" "H2'"  sing N N 95  
DA  "C2'" "H2''" sing N N 96  
DA  "C1'" N9     sing N N 97  
DA  "C1'" "H1'"  sing N N 98  
DA  N9    C8     sing Y N 99  
DA  N9    C4     sing Y N 100 
DA  C8    N7     doub Y N 101 
DA  C8    H8     sing N N 102 
DA  N7    C5     sing Y N 103 
DA  C5    C6     sing Y N 104 
DA  C5    C4     doub Y N 105 
DA  C6    N6     sing N N 106 
DA  C6    N1     doub Y N 107 
DA  N6    H61    sing N N 108 
DA  N6    H62    sing N N 109 
DA  N1    C2     sing Y N 110 
DA  C2    N3     doub Y N 111 
DA  C2    H2     sing N N 112 
DA  N3    C4     sing Y N 113 
DC  OP3   P      sing N N 114 
DC  OP3   HOP3   sing N N 115 
DC  P     OP1    doub N N 116 
DC  P     OP2    sing N N 117 
DC  P     "O5'"  sing N N 118 
DC  OP2   HOP2   sing N N 119 
DC  "O5'" "C5'"  sing N N 120 
DC  "C5'" "C4'"  sing N N 121 
DC  "C5'" "H5'"  sing N N 122 
DC  "C5'" "H5''" sing N N 123 
DC  "C4'" "O4'"  sing N N 124 
DC  "C4'" "C3'"  sing N N 125 
DC  "C4'" "H4'"  sing N N 126 
DC  "O4'" "C1'"  sing N N 127 
DC  "C3'" "O3'"  sing N N 128 
DC  "C3'" "C2'"  sing N N 129 
DC  "C3'" "H3'"  sing N N 130 
DC  "O3'" "HO3'" sing N N 131 
DC  "C2'" "C1'"  sing N N 132 
DC  "C2'" "H2'"  sing N N 133 
DC  "C2'" "H2''" sing N N 134 
DC  "C1'" N1     sing N N 135 
DC  "C1'" "H1'"  sing N N 136 
DC  N1    C2     sing N N 137 
DC  N1    C6     sing N N 138 
DC  C2    O2     doub N N 139 
DC  C2    N3     sing N N 140 
DC  N3    C4     doub N N 141 
DC  C4    N4     sing N N 142 
DC  C4    C5     sing N N 143 
DC  N4    H41    sing N N 144 
DC  N4    H42    sing N N 145 
DC  C5    C6     doub N N 146 
DC  C5    H5     sing N N 147 
DC  C6    H6     sing N N 148 
DG  OP3   P      sing N N 149 
DG  OP3   HOP3   sing N N 150 
DG  P     OP1    doub N N 151 
DG  P     OP2    sing N N 152 
DG  P     "O5'"  sing N N 153 
DG  OP2   HOP2   sing N N 154 
DG  "O5'" "C5'"  sing N N 155 
DG  "C5'" "C4'"  sing N N 156 
DG  "C5'" "H5'"  sing N N 157 
DG  "C5'" "H5''" sing N N 158 
DG  "C4'" "O4'"  sing N N 159 
DG  "C4'" "C3'"  sing N N 160 
DG  "C4'" "H4'"  sing N N 161 
DG  "O4'" "C1'"  sing N N 162 
DG  "C3'" "O3'"  sing N N 163 
DG  "C3'" "C2'"  sing N N 164 
DG  "C3'" "H3'"  sing N N 165 
DG  "O3'" "HO3'" sing N N 166 
DG  "C2'" "C1'"  sing N N 167 
DG  "C2'" "H2'"  sing N N 168 
DG  "C2'" "H2''" sing N N 169 
DG  "C1'" N9     sing N N 170 
DG  "C1'" "H1'"  sing N N 171 
DG  N9    C8     sing Y N 172 
DG  N9    C4     sing Y N 173 
DG  C8    N7     doub Y N 174 
DG  C8    H8     sing N N 175 
DG  N7    C5     sing Y N 176 
DG  C5    C6     sing N N 177 
DG  C5    C4     doub Y N 178 
DG  C6    O6     doub N N 179 
DG  C6    N1     sing N N 180 
DG  N1    C2     sing N N 181 
DG  N1    H1     sing N N 182 
DG  C2    N2     sing N N 183 
DG  C2    N3     doub N N 184 
DG  N2    H21    sing N N 185 
DG  N2    H22    sing N N 186 
DG  N3    C4     sing N N 187 
DT  OP3   P      sing N N 188 
DT  OP3   HOP3   sing N N 189 
DT  P     OP1    doub N N 190 
DT  P     OP2    sing N N 191 
DT  P     "O5'"  sing N N 192 
DT  OP2   HOP2   sing N N 193 
DT  "O5'" "C5'"  sing N N 194 
DT  "C5'" "C4'"  sing N N 195 
DT  "C5'" "H5'"  sing N N 196 
DT  "C5'" "H5''" sing N N 197 
DT  "C4'" "O4'"  sing N N 198 
DT  "C4'" "C3'"  sing N N 199 
DT  "C4'" "H4'"  sing N N 200 
DT  "O4'" "C1'"  sing N N 201 
DT  "C3'" "O3'"  sing N N 202 
DT  "C3'" "C2'"  sing N N 203 
DT  "C3'" "H3'"  sing N N 204 
DT  "O3'" "HO3'" sing N N 205 
DT  "C2'" "C1'"  sing N N 206 
DT  "C2'" "H2'"  sing N N 207 
DT  "C2'" "H2''" sing N N 208 
DT  "C1'" N1     sing N N 209 
DT  "C1'" "H1'"  sing N N 210 
DT  N1    C2     sing N N 211 
DT  N1    C6     sing N N 212 
DT  C2    O2     doub N N 213 
DT  C2    N3     sing N N 214 
DT  N3    C4     sing N N 215 
DT  N3    H3     sing N N 216 
DT  C4    O4     doub N N 217 
DT  C4    C5     sing N N 218 
DT  C5    C7     sing N N 219 
DT  C5    C6     doub N N 220 
DT  C7    H71    sing N N 221 
DT  C7    H72    sing N N 222 
DT  C7    H73    sing N N 223 
DT  C6    H6     sing N N 224 
G   OP3   P      sing N N 225 
G   OP3   HOP3   sing N N 226 
G   P     OP1    doub N N 227 
G   P     OP2    sing N N 228 
G   P     "O5'"  sing N N 229 
G   OP2   HOP2   sing N N 230 
G   "O5'" "C5'"  sing N N 231 
G   "C5'" "C4'"  sing N N 232 
G   "C5'" "H5'"  sing N N 233 
G   "C5'" "H5''" sing N N 234 
G   "C4'" "O4'"  sing N N 235 
G   "C4'" "C3'"  sing N N 236 
G   "C4'" "H4'"  sing N N 237 
G   "O4'" "C1'"  sing N N 238 
G   "C3'" "O3'"  sing N N 239 
G   "C3'" "C2'"  sing N N 240 
G   "C3'" "H3'"  sing N N 241 
G   "O3'" "HO3'" sing N N 242 
G   "C2'" "O2'"  sing N N 243 
G   "C2'" "C1'"  sing N N 244 
G   "C2'" "H2'"  sing N N 245 
G   "O2'" "HO2'" sing N N 246 
G   "C1'" N9     sing N N 247 
G   "C1'" "H1'"  sing N N 248 
G   N9    C8     sing Y N 249 
G   N9    C4     sing Y N 250 
G   C8    N7     doub Y N 251 
G   C8    H8     sing N N 252 
G   N7    C5     sing Y N 253 
G   C5    C6     sing N N 254 
G   C5    C4     doub Y N 255 
G   C6    O6     doub N N 256 
G   C6    N1     sing N N 257 
G   N1    C2     sing N N 258 
G   N1    H1     sing N N 259 
G   C2    N2     sing N N 260 
G   C2    N3     doub N N 261 
G   N2    H21    sing N N 262 
G   N2    H22    sing N N 263 
G   N3    C4     sing N N 264 
HOH O     H1     sing N N 265 
HOH O     H2     sing N N 266 
U   OP3   P      sing N N 267 
U   OP3   HOP3   sing N N 268 
U   P     OP1    doub N N 269 
U   P     OP2    sing N N 270 
U   P     "O5'"  sing N N 271 
U   OP2   HOP2   sing N N 272 
U   "O5'" "C5'"  sing N N 273 
U   "C5'" "C4'"  sing N N 274 
U   "C5'" "H5'"  sing N N 275 
U   "C5'" "H5''" sing N N 276 
U   "C4'" "O4'"  sing N N 277 
U   "C4'" "C3'"  sing N N 278 
U   "C4'" "H4'"  sing N N 279 
U   "O4'" "C1'"  sing N N 280 
U   "C3'" "O3'"  sing N N 281 
U   "C3'" "C2'"  sing N N 282 
U   "C3'" "H3'"  sing N N 283 
U   "O3'" "HO3'" sing N N 284 
U   "C2'" "O2'"  sing N N 285 
U   "C2'" "C1'"  sing N N 286 
U   "C2'" "H2'"  sing N N 287 
U   "O2'" "HO2'" sing N N 288 
U   "C1'" N1     sing N N 289 
U   "C1'" "H1'"  sing N N 290 
U   N1    C2     sing N N 291 
U   N1    C6     sing N N 292 
U   C2    O2     doub N N 293 
U   C2    N3     sing N N 294 
U   N3    C4     sing N N 295 
U   N3    H3     sing N N 296 
U   C4    O4     doub N N 297 
U   C4    C5     sing N N 298 
U   C5    C6     doub N N 299 
U   C5    H5     sing N N 300 
U   C6    H6     sing N N 301 
# 
loop_
_ndb_struct_conf_na.entry_id 
_ndb_struct_conf_na.feature 
7EI6 'double helix'         
7EI6 'a-form double helix'  
7EI6 tetraloop              
7EI6 'mismatched base pair' 
7EI6 'internal loop'        
# 
loop_
_ndb_struct_na_base_pair.model_number 
_ndb_struct_na_base_pair.i_label_asym_id 
_ndb_struct_na_base_pair.i_label_comp_id 
_ndb_struct_na_base_pair.i_label_seq_id 
_ndb_struct_na_base_pair.i_symmetry 
_ndb_struct_na_base_pair.j_label_asym_id 
_ndb_struct_na_base_pair.j_label_comp_id 
_ndb_struct_na_base_pair.j_label_seq_id 
_ndb_struct_na_base_pair.j_symmetry 
_ndb_struct_na_base_pair.shear 
_ndb_struct_na_base_pair.stretch 
_ndb_struct_na_base_pair.stagger 
_ndb_struct_na_base_pair.buckle 
_ndb_struct_na_base_pair.propeller 
_ndb_struct_na_base_pair.opening 
_ndb_struct_na_base_pair.pair_number 
_ndb_struct_na_base_pair.pair_name 
_ndb_struct_na_base_pair.i_auth_asym_id 
_ndb_struct_na_base_pair.i_auth_seq_id 
_ndb_struct_na_base_pair.i_PDB_ins_code 
_ndb_struct_na_base_pair.j_auth_asym_id 
_ndb_struct_na_base_pair.j_auth_seq_id 
_ndb_struct_na_base_pair.j_PDB_ins_code 
_ndb_struct_na_base_pair.hbond_type_28 
_ndb_struct_na_base_pair.hbond_type_12 
1 A C  1  1_555 A DG 35 1_555 -0.067 0.100  0.501  -7.441  -12.639 0.372   1  A_C1:DG35_A  A 1  ? A 35 ? 19 1 
1 A A  2  1_555 A DT 34 1_555 0.315  -0.162 0.057  -7.234  2.881   -5.519  2  A_A2:DT34_A  A 2  ? A 34 ? 20 1 
1 A G  3  1_555 A DC 33 1_555 -0.683 -0.258 0.409  6.908   -8.677  3.175   3  A_G3:DC33_A  A 3  ? A 33 ? 19 1 
1 A C  4  1_555 A DG 32 1_555 0.013  -0.300 0.295  4.688   -14.300 1.985   4  A_C4:DG32_A  A 4  ? A 32 ? 19 1 
1 A A  5  1_555 A DT 31 1_555 -0.583 -0.227 0.281  3.700   -10.233 2.201   5  A_A5:DT31_A  A 5  ? A 31 ? 20 1 
1 A G  6  1_555 A DC 30 1_555 -0.468 -0.331 0.249  3.278   -6.908  -3.876  6  A_G6:DC30_A  A 6  ? A 30 ? 19 1 
1 A G  7  1_555 A DC 29 1_555 0.064  -0.185 -0.232 -1.306  -6.971  -1.699  7  A_G7:DC29_A  A 7  ? A 29 ? 19 1 
1 A C  8  1_555 A DG 28 1_555 0.397  -0.240 0.076  -5.394  -2.916  -1.219  8  A_C8:DG28_A  A 8  ? A 28 ? 19 1 
1 A DA 26 1_555 A U  9  1_555 -4.464 -2.649 -0.500 16.234  -2.475  -86.169 9  A_DA26:U9_A  A 26 ? A 9  ? 24 4 
1 A A  11 1_555 A DT 27 1_555 1.431  0.409  -0.632 -28.281 31.954  -17.536 10 A_A11:DT27_A A 11 ? A 27 ? 20 1 
1 A G  12 1_555 A DT 25 1_555 -1.819 -0.501 0.090  -5.392  -7.439  -12.178 11 A_G12:DT25_A A 12 ? A 25 ? 28 1 
1 A G  13 1_555 A DC 24 1_555 -0.289 -0.289 -0.059 1.797   -2.809  -0.876  12 A_G13:DC24_A A 13 ? A 24 ? 19 1 
1 A C  14 1_555 A DG 23 1_555 -0.300 -0.406 -0.371 4.447   -13.209 -6.381  13 A_C14:DG23_A A 14 ? A 23 ? 19 1 
1 A A  15 1_555 A DT 22 1_555 0.398  -0.191 -0.193 -2.267  -11.867 -3.819  14 A_A15:DT22_A A 15 ? A 22 ? 20 1 
1 A U  16 1_555 A DG 21 1_555 2.452  -0.572 -0.185 3.522   2.352   0.843   15 A_U16:DG21_A A 16 ? A 21 ? 28 1 
1 A G  17 1_555 A A  20 1_555 7.019  -5.332 0.919  16.173  2.185   -13.307 16 A_G17:A20_A  A 17 ? A 20 ? ?  ? 
# 
loop_
_ndb_struct_na_base_pair_step.model_number 
_ndb_struct_na_base_pair_step.i_label_asym_id_1 
_ndb_struct_na_base_pair_step.i_label_comp_id_1 
_ndb_struct_na_base_pair_step.i_label_seq_id_1 
_ndb_struct_na_base_pair_step.i_symmetry_1 
_ndb_struct_na_base_pair_step.j_label_asym_id_1 
_ndb_struct_na_base_pair_step.j_label_comp_id_1 
_ndb_struct_na_base_pair_step.j_label_seq_id_1 
_ndb_struct_na_base_pair_step.j_symmetry_1 
_ndb_struct_na_base_pair_step.i_label_asym_id_2 
_ndb_struct_na_base_pair_step.i_label_comp_id_2 
_ndb_struct_na_base_pair_step.i_label_seq_id_2 
_ndb_struct_na_base_pair_step.i_symmetry_2 
_ndb_struct_na_base_pair_step.j_label_asym_id_2 
_ndb_struct_na_base_pair_step.j_label_comp_id_2 
_ndb_struct_na_base_pair_step.j_label_seq_id_2 
_ndb_struct_na_base_pair_step.j_symmetry_2 
_ndb_struct_na_base_pair_step.shift 
_ndb_struct_na_base_pair_step.slide 
_ndb_struct_na_base_pair_step.rise 
_ndb_struct_na_base_pair_step.tilt 
_ndb_struct_na_base_pair_step.roll 
_ndb_struct_na_base_pair_step.twist 
_ndb_struct_na_base_pair_step.x_displacement 
_ndb_struct_na_base_pair_step.y_displacement 
_ndb_struct_na_base_pair_step.helical_rise 
_ndb_struct_na_base_pair_step.inclination 
_ndb_struct_na_base_pair_step.tip 
_ndb_struct_na_base_pair_step.helical_twist 
_ndb_struct_na_base_pair_step.step_number 
_ndb_struct_na_base_pair_step.step_name 
_ndb_struct_na_base_pair_step.i_auth_asym_id_1 
_ndb_struct_na_base_pair_step.i_auth_seq_id_1 
_ndb_struct_na_base_pair_step.i_PDB_ins_code_1 
_ndb_struct_na_base_pair_step.j_auth_asym_id_1 
_ndb_struct_na_base_pair_step.j_auth_seq_id_1 
_ndb_struct_na_base_pair_step.j_PDB_ins_code_1 
_ndb_struct_na_base_pair_step.i_auth_asym_id_2 
_ndb_struct_na_base_pair_step.i_auth_seq_id_2 
_ndb_struct_na_base_pair_step.i_PDB_ins_code_2 
_ndb_struct_na_base_pair_step.j_auth_asym_id_2 
_ndb_struct_na_base_pair_step.j_auth_seq_id_2 
_ndb_struct_na_base_pair_step.j_PDB_ins_code_2 
1 A C  1  1_555 A DG 35 1_555 A A  2  1_555 A DT 34 1_555 0.858  -1.745 3.142  6.036    1.697    29.421 -3.701 -0.451 3.148 3.295 
-11.718 30.068  1  AA_C1A2:DT34DG35_AA   A 1  ? A 35 ? A 2  ? A 34 ? 
1 A A  2  1_555 A DT 34 1_555 A G  3  1_555 A DC 33 1_555 0.581  -1.597 2.863  -1.934   2.317    30.238 -3.444 -1.440 2.695 4.428 
3.697   30.385  2  AA_A2G3:DC33DT34_AA   A 2  ? A 34 ? A 3  ? A 33 ? 
1 A G  3  1_555 A DC 33 1_555 A C  4  1_555 A DG 32 1_555 -0.394 -1.071 3.293  -0.039   3.087    36.246 -2.143 0.626  3.195 4.950 
0.063   36.373  3  AA_G3C4:DG32DC33_AA   A 3  ? A 33 ? A 4  ? A 32 ? 
1 A C  4  1_555 A DG 32 1_555 A A  5  1_555 A DT 31 1_555 -0.172 -1.278 3.129  -1.835   10.788   30.108 -4.063 0.015  2.538 19.957 
3.395   31.992  4  AA_C4A5:DT31DG32_AA   A 4  ? A 32 ? A 5  ? A 31 ? 
1 A A  5  1_555 A DT 31 1_555 A G  6  1_555 A DC 30 1_555 0.129  -1.295 3.279  -2.092   7.026    32.993 -3.323 -0.547 2.935 12.184 
3.628   33.776  5  AA_A5G6:DC30DT31_AA   A 5  ? A 31 ? A 6  ? A 30 ? 
1 A G  6  1_555 A DC 30 1_555 A G  7  1_555 A DC 29 1_555 0.178  -2.006 3.323  0.883    8.753    35.895 -4.287 -0.168 2.778 13.946 
-1.407  36.923  6  AA_G6G7:DC29DC30_AA   A 6  ? A 30 ? A 7  ? A 29 ? 
1 A G  7  1_555 A DC 29 1_555 A C  8  1_555 A DG 28 1_555 0.276  -2.096 3.289  -0.424   7.073    35.492 -4.317 -0.500 2.830 11.461 
0.687   36.170  7  AA_G7C8:DG28DC29_AA   A 7  ? A 29 ? A 8  ? A 28 ? 
1 A C  8  1_555 A DG 28 1_555 A DA 26 1_555 A U  9  1_555 -0.333 -4.887 -0.065 -131.950 -102.018 74.256 -2.076 -0.321 2.547 
-52.603 68.038  169.475 8  AA_C8DA26:U9DG28_AA   A 8  ? A 28 ? A 26 ? A 9  ? 
1 A DA 26 1_555 A U  9  1_555 A A  11 1_555 A DT 27 1_555 -2.087 4.040  3.356  -142.910 -8.159   90.764 2.153  -0.360 3.717 -4.369 
76.533  154.343 9  AA_DA26A11:DT27U9_AA  A 26 ? A 9  ? A 11 ? A 27 ? 
1 A A  11 1_555 A DT 27 1_555 A G  12 1_555 A DT 25 1_555 4.666  -0.957 2.570  -3.856   29.957   54.550 -1.891 -4.667 1.597 30.243 
3.893   61.788  10 AA_A11G12:DT25DT27_AA A 11 ? A 27 ? A 12 ? A 25 ? 
1 A G  12 1_555 A DT 25 1_555 A G  13 1_555 A DC 24 1_555 0.666  -1.687 3.201  -2.024   6.301    35.392 -3.564 -1.345 2.828 10.254 
3.293   35.986  11 AA_G12G13:DC24DT25_AA A 12 ? A 25 ? A 13 ? A 24 ? 
1 A G  13 1_555 A DC 24 1_555 A C  14 1_555 A DG 23 1_555 -0.725 -1.355 3.257  0.928    7.104    31.477 -3.635 1.461  2.869 12.886 
-1.684  32.262  12 AA_G13C14:DG23DC24_AA A 13 ? A 24 ? A 14 ? A 23 ? 
1 A C  14 1_555 A DG 23 1_555 A A  15 1_555 A DT 22 1_555 1.070  -1.743 3.593  0.504    10.702   35.884 -4.166 -1.601 2.984 16.911 
-0.797  37.398  13 AA_C14A15:DT22DG23_AA A 14 ? A 23 ? A 15 ? A 22 ? 
1 A A  15 1_555 A DT 22 1_555 A U  16 1_555 A DG 21 1_555 0.508  -1.483 3.199  2.523    5.609    37.546 -2.955 -0.475 2.982 8.643 
-3.887  38.029  14 AA_A15U16:DG21DT22_AA A 15 ? A 22 ? A 16 ? A 21 ? 
1 A U  16 1_555 A DG 21 1_555 A G  17 1_555 A A  20 1_555 -1.941 -1.107 2.995  1.432    12.418   44.921 -2.305 2.561  2.560 15.890 
-1.832  46.541  15 AA_U16G17:A20DG21_AA  A 16 ? A 21 ? A 17 ? A 20 ? 
# 
loop_
_pdbx_entity_nonpoly.entity_id 
_pdbx_entity_nonpoly.name 
_pdbx_entity_nonpoly.comp_id 
2 'IRIDIUM (III) ION' IR3 
3 water               HOH 
# 
_pdbx_initial_refinement_model.id               1 
_pdbx_initial_refinement_model.entity_id_list   ? 
_pdbx_initial_refinement_model.type             'experimental model' 
_pdbx_initial_refinement_model.source_name      PDB 
_pdbx_initial_refinement_model.accession_code   4FNJ 
_pdbx_initial_refinement_model.details          ? 
# 
_pdbx_struct_assembly_auth_evidence.id                     1 
_pdbx_struct_assembly_auth_evidence.assembly_id            1 
_pdbx_struct_assembly_auth_evidence.experimental_support   none 
_pdbx_struct_assembly_auth_evidence.details                ? 
# 
